data_6NAJ
#
_entry.id   6NAJ
#
_cell.length_a   129.713
_cell.length_b   129.713
_cell.length_c   308.198
_cell.angle_alpha   90.00
_cell.angle_beta   90.00
_cell.angle_gamma   120.00
#
_symmetry.space_group_name_H-M   'P 32 2 1'
#
loop_
_entity.id
_entity.type
_entity.pdbx_description
1 polymer 'Integrin alpha-V'
2 polymer 'Integrin beta-3'
3 polymer 'Fibronectin, HR10 variant'
4 branched 2-acetamido-2-deoxy-beta-D-glucopyranose-(1-4)-2-acetamido-2-deoxy-beta-D-glucopyranose
5 branched alpha-D-mannopyranose-(1-4)-beta-D-mannopyranose-(1-6)-[alpha-D-mannopyranose-(1-3)]beta-D-mannopyranose-(1-4)-2-acetamido-2-deoxy-beta-D-glucopyranose-(1-4)-2-acetamido-2-deoxy-beta-D-glucopyranose
6 branched beta-D-mannopyranose-(1-4)-2-acetamido-2-deoxy-beta-D-glucopyranose-(1-4)-2-acetamido-2-deoxy-beta-D-glucopyranose
7 non-polymer 2-acetamido-2-deoxy-beta-D-glucopyranose
8 non-polymer 'MANGANESE (II) ION'
9 water water
#
loop_
_entity_poly.entity_id
_entity_poly.type
_entity_poly.pdbx_seq_one_letter_code
_entity_poly.pdbx_strand_id
1 'polypeptide(L)'
;FNLDVDSPAEYSGPEGSYFGFAVDFFVPSASSRMFLLVGAPKANTTQPGIVEGGQVLKCDWSSTRRCQPIEFDATGNRDY
AKDDPLEFKSHQWFGASVRSKQDKILACAPLYHWRTEMKQEREPVGTCFLQDGTKTVEYAPCRSQDIDADGQGFCQGGFS
IDFTKADRVLLGGPGSFYWQGQLISDQVAEIVSKYDPNVYSIKYNNQLATRTAQAIFDDSYLGYSVAVGDFNGDGIDDFV
SGVPRAARTLGMVYIYDGKNMSSLYNFTGEQMAAYFGFSVAATDINGDDYADVFIGAPLFMDRGSDGKLQEVGQVSVSLQ
RASGDFQTTKLNGFEVFARFGSAIAPLGDLDQDGFNDIAIAAPYGGEDKKGIVYIFNGRSTGLNAVPSQILEGQWAARSM
PPSFGYSMKGATDIDKNGYPDLIVGAFGVDRAILYRARPVITVNAGLEVYPSILNQDNKTCSLPGTALKVSCFNVRFCLK
ADGKGVLPRKLNFQVELLLDKLKQKGAIRRALFLYSRSPSHSKNMTISRGGLMQCEELIAYLRDESEFRDKLTPITIFME
YRLDYRTAADTTGLQPILNQFTPANISRQAHILLDCGEDNVCKPKLEVSVDSDQKKIYIGDDNPLTLIVKAQNQGEGAYE
AELIVSIPLQADFIGVVRNNEALARLSCAFKTENQTRQVVCDLGNPMKAGTQLLAGLRFSVHQQSEMDTSVKFDLQIQSS
NLFDKVSPVVSHKVDLAVLAAVEIRGVSSPDHVFLPIPNWEHKENPETEEDVGPVVQHIYELRNNGPSSFSKAMLHLQWP
YKYNNNTLLYILHYDIDGPMNCTSDMEINPLRIKISSLQTTEKNDTVAGQGERDHLITKRDLALSEGDIHTLGCGVAQCL
KIVCQVGRLDRGKSAILYVKSLLWTETFMNKENQNHSYSLKSSASFNVIEFPYKNLPIEDITNSTLVTTNVTWG
;
A
2 'polypeptide(L)'
;GPNICTTRGVSSCQQCLAVSPMCAWCSDEALPLGSPRCDLKENLLKDNCAPESIEFPVSEARVLEDRPLSDKGSGDSSQV
TQVSPQRIALRLRPDDSKNFSIQVRQVEDYPVDIYYLMDLSYSMKDDLWSIQNLGTKLATQMRKLTSNLRIGFGAFVDKP
VSPYMYISPPEALENPCYDMKTTCLPMFGYKHVLTLTDQVTRFNEEVKKQSVSRNRDAPEGGFDAIMQATVCDEKIGWRN
DASHLLVFTTDAKTHIALDGRLAGIVQPNDGQCHVGSDNHYSASTTMDYPSLGLMTEKLSQKNINLIFAVTENVVNLYQN
YSELIPGTTVGVLSMDSSNVLQLIVDAYGKIRSKVELEVRDLPEELSLSFNATCLNNEVIPGLKSCMGLKIGDTVSFSIE
AKVRGCPQEKEKSFTIKPVGFKDSLIVQVTFDCDCACQAQAEPNSHRCNNGNGTFECGVCRCGPGWLGSQCECSEEDYRP
SQQDECSPREGQPVCSQRGECLCGQCVCHSSDFGKITGKYCECDDFSCVRYKGEMCSGHGQCSCGDCLCDSDWTGYYCNC
TTRTDTCMSSNGLLCSGRGKCECGSCVCIQPGSYGDTCEKCPTCPDACTFKKECVECKKFDRGALHDENTCNRYCRDEIE
SVKELKDTGKDAVNCTYKNEDDCVVRFQYYEDSSGKSILYVVEEPECPKG
;
B
3 'polypeptide(L)'
;SDVPRDLEVVAATPTSLLISWDAPAVTVRYYRITYGETGGNSPVQEFTVPGSKSTATISGLKPGVDYTITVYAVTP
(HRG)GDWNEGGPISINY
;
C
#
# COMPACT_ATOMS: atom_id res chain seq x y z
N PHE A 1 -6.29 -13.68 21.26
CA PHE A 1 -7.09 -14.81 20.80
C PHE A 1 -7.97 -15.35 21.93
N ASN A 2 -7.81 -14.77 23.13
CA ASN A 2 -8.46 -15.27 24.33
C ASN A 2 -9.62 -14.40 24.78
N LEU A 3 -10.13 -13.53 23.91
CA LEU A 3 -11.28 -12.71 24.26
C LEU A 3 -12.58 -13.48 24.04
N ASP A 4 -13.50 -13.35 24.98
CA ASP A 4 -14.78 -14.05 24.92
C ASP A 4 -15.80 -13.18 24.20
N VAL A 5 -16.25 -13.65 23.03
CA VAL A 5 -17.28 -12.96 22.26
C VAL A 5 -18.66 -13.56 22.50
N ASP A 6 -18.75 -14.66 23.25
CA ASP A 6 -20.04 -15.31 23.48
C ASP A 6 -20.92 -14.48 24.41
N SER A 7 -20.42 -14.15 25.60
CA SER A 7 -21.19 -13.43 26.61
C SER A 7 -20.40 -12.20 27.05
N PRO A 8 -20.39 -11.14 26.24
CA PRO A 8 -19.75 -9.90 26.64
C PRO A 8 -20.71 -9.06 27.47
N ALA A 9 -20.22 -7.92 27.95
CA ALA A 9 -21.01 -6.99 28.75
C ALA A 9 -21.50 -5.87 27.84
N GLU A 10 -22.81 -5.81 27.63
CA GLU A 10 -23.42 -4.80 26.77
C GLU A 10 -23.90 -3.63 27.60
N TYR A 11 -23.57 -2.42 27.16
CA TYR A 11 -23.99 -1.20 27.81
C TYR A 11 -24.63 -0.28 26.77
N SER A 12 -25.64 0.46 27.19
CA SER A 12 -26.37 1.32 26.27
C SER A 12 -26.83 2.58 26.99
N GLY A 13 -26.53 3.74 26.41
CA GLY A 13 -27.02 5.00 26.88
C GLY A 13 -28.17 5.50 26.04
N PRO A 14 -28.62 6.73 26.30
CA PRO A 14 -29.70 7.30 25.48
C PRO A 14 -29.27 7.44 24.02
N GLU A 15 -30.23 7.21 23.11
CA GLU A 15 -29.91 7.27 21.69
C GLU A 15 -29.68 8.72 21.25
N GLY A 16 -28.81 8.88 20.26
CA GLY A 16 -28.43 10.20 19.79
C GLY A 16 -27.40 10.90 20.64
N SER A 17 -26.93 10.27 21.71
CA SER A 17 -25.97 10.87 22.64
C SER A 17 -24.56 10.31 22.46
N TYR A 18 -24.28 9.68 21.32
CA TYR A 18 -22.94 9.18 20.98
C TYR A 18 -22.31 8.41 22.13
N PHE A 19 -23.14 7.67 22.88
CA PHE A 19 -22.67 6.88 24.00
C PHE A 19 -21.63 5.87 23.54
N GLY A 20 -20.39 6.04 23.99
CA GLY A 20 -19.29 5.23 23.54
C GLY A 20 -18.26 5.95 22.69
N PHE A 21 -18.36 7.28 22.55
CA PHE A 21 -17.39 8.01 21.75
C PHE A 21 -16.00 7.96 22.37
N ALA A 22 -15.93 7.76 23.69
CA ALA A 22 -14.66 7.64 24.39
C ALA A 22 -14.88 6.79 25.63
N VAL A 23 -14.01 5.82 25.85
CA VAL A 23 -14.15 4.88 26.96
C VAL A 23 -12.83 4.75 27.69
N ASP A 24 -12.92 4.41 28.97
CA ASP A 24 -11.75 4.17 29.81
C ASP A 24 -12.20 3.42 31.05
N PHE A 25 -11.23 2.86 31.76
CA PHE A 25 -11.48 2.17 33.02
C PHE A 25 -11.41 3.16 34.19
N PHE A 26 -12.00 2.75 35.31
CA PHE A 26 -11.95 3.52 36.55
C PHE A 26 -11.62 2.56 37.69
N VAL A 27 -10.47 2.75 38.31
CA VAL A 27 -9.98 1.83 39.33
C VAL A 27 -9.63 2.62 40.59
N PRO A 28 -10.61 3.11 41.34
CA PRO A 28 -10.31 3.96 42.49
C PRO A 28 -9.61 3.18 43.60
N SER A 29 -8.75 3.89 44.33
CA SER A 29 -8.08 3.28 45.49
C SER A 29 -9.02 3.13 46.67
N ALA A 30 -10.11 3.88 46.71
CA ALA A 30 -11.01 3.87 47.85
C ALA A 30 -11.86 2.61 47.96
N SER A 31 -11.88 1.76 46.93
CA SER A 31 -12.69 0.56 46.96
C SER A 31 -12.06 -0.50 46.06
N SER A 32 -12.62 -1.70 46.11
CA SER A 32 -12.16 -2.80 45.28
C SER A 32 -12.92 -2.92 43.97
N ARG A 33 -14.11 -2.34 43.88
CA ARG A 33 -14.89 -2.43 42.65
C ARG A 33 -14.29 -1.53 41.57
N MET A 34 -14.26 -2.05 40.35
CA MET A 34 -13.76 -1.32 39.20
C MET A 34 -14.93 -1.02 38.25
N PHE A 35 -14.88 0.16 37.63
CA PHE A 35 -16.01 0.68 36.88
C PHE A 35 -15.61 0.99 35.44
N LEU A 36 -16.61 1.34 34.64
CA LEU A 36 -16.42 1.76 33.26
C LEU A 36 -16.76 3.23 33.14
N LEU A 37 -15.90 3.97 32.45
CA LEU A 37 -16.15 5.38 32.12
C LEU A 37 -16.45 5.47 30.64
N VAL A 38 -17.66 5.90 30.30
CA VAL A 38 -18.10 6.00 28.91
C VAL A 38 -18.57 7.43 28.68
N GLY A 39 -17.82 8.18 27.87
CA GLY A 39 -18.24 9.51 27.51
C GLY A 39 -19.44 9.48 26.58
N ALA A 40 -20.23 10.56 26.62
CA ALA A 40 -21.44 10.67 25.82
C ALA A 40 -21.69 12.13 25.47
N PRO A 41 -21.05 12.63 24.42
CA PRO A 41 -21.36 13.98 23.94
C PRO A 41 -22.75 14.02 23.33
N LYS A 42 -23.20 15.24 23.02
CA LYS A 42 -24.52 15.45 22.43
C LYS A 42 -25.64 14.90 23.32
N ALA A 43 -25.38 14.82 24.62
CA ALA A 43 -26.34 14.25 25.57
C ALA A 43 -27.01 15.38 26.35
N ASN A 44 -28.34 15.39 26.35
CA ASN A 44 -29.09 16.40 27.08
C ASN A 44 -28.96 16.16 28.57
N THR A 45 -28.67 17.23 29.31
CA THR A 45 -28.41 17.18 30.75
C THR A 45 -29.40 18.07 31.50
N THR A 46 -29.27 18.07 32.82
CA THR A 46 -30.08 18.92 33.68
C THR A 46 -29.50 20.31 33.86
N GLN A 47 -28.52 20.67 33.04
CA GLN A 47 -27.94 22.00 33.12
C GLN A 47 -28.93 23.03 32.56
N PRO A 48 -29.23 24.09 33.30
CA PRO A 48 -30.26 25.04 32.85
C PRO A 48 -29.88 25.71 31.54
N GLY A 49 -30.79 25.63 30.57
CA GLY A 49 -30.61 26.27 29.29
C GLY A 49 -29.51 25.69 28.42
N ILE A 50 -28.96 24.54 28.79
CA ILE A 50 -27.86 23.92 28.07
C ILE A 50 -28.41 22.72 27.31
N VAL A 51 -28.33 22.77 25.98
CA VAL A 51 -28.85 21.72 25.12
C VAL A 51 -27.69 20.84 24.69
N GLU A 52 -27.81 19.53 24.96
CA GLU A 52 -26.79 18.55 24.59
C GLU A 52 -25.42 18.91 25.17
N GLY A 53 -25.38 19.13 26.47
CA GLY A 53 -24.12 19.45 27.12
C GLY A 53 -23.15 18.29 27.18
N GLY A 54 -23.64 17.07 27.12
CA GLY A 54 -22.77 15.91 27.19
C GLY A 54 -22.58 15.41 28.60
N GLN A 55 -22.36 14.10 28.72
CA GLN A 55 -22.19 13.44 30.00
C GLN A 55 -21.00 12.49 29.95
N VAL A 56 -20.59 12.03 31.13
CA VAL A 56 -19.60 10.97 31.29
C VAL A 56 -20.19 10.02 32.31
N LEU A 57 -20.76 8.91 31.85
CA LEU A 57 -21.49 7.99 32.70
C LEU A 57 -20.56 6.94 33.30
N LYS A 58 -20.83 6.58 34.55
CA LYS A 58 -20.06 5.56 35.26
C LYS A 58 -20.85 4.26 35.26
N CYS A 59 -20.41 3.31 34.42
CA CYS A 59 -21.02 2.00 34.36
C CYS A 59 -20.22 1.02 35.21
N ASP A 60 -20.92 0.09 35.85
CA ASP A 60 -20.31 -0.84 36.78
C ASP A 60 -20.32 -2.26 36.22
N TRP A 61 -19.45 -3.10 36.80
CA TRP A 61 -19.39 -4.51 36.47
C TRP A 61 -20.15 -5.36 37.48
N SER A 62 -20.99 -4.75 38.30
CA SER A 62 -21.80 -5.41 39.33
C SER A 62 -22.91 -6.27 38.75
N SER A 63 -22.93 -6.48 37.44
CA SER A 63 -23.89 -7.29 36.69
C SER A 63 -25.27 -6.64 36.61
N THR A 64 -25.49 -5.48 37.27
CA THR A 64 -26.73 -4.76 37.08
C THR A 64 -26.74 -3.95 35.79
N ARG A 65 -25.57 -3.75 35.18
CA ARG A 65 -25.45 -3.14 33.86
C ARG A 65 -26.06 -1.74 33.79
N ARG A 66 -25.96 -1.00 34.90
CA ARG A 66 -26.55 0.32 35.01
C ARG A 66 -25.46 1.39 35.00
N CYS A 67 -25.66 2.42 34.20
CA CYS A 67 -24.71 3.54 34.10
C CYS A 67 -25.31 4.76 34.76
N GLN A 68 -24.53 5.40 35.62
CA GLN A 68 -24.95 6.61 36.33
C GLN A 68 -24.09 7.79 35.88
N PRO A 69 -24.68 8.88 35.40
CA PRO A 69 -23.88 10.05 35.00
C PRO A 69 -23.12 10.63 36.19
N ILE A 70 -21.94 11.15 35.89
CA ILE A 70 -21.08 11.77 36.89
C ILE A 70 -21.31 13.28 36.88
N GLU A 71 -21.57 13.85 38.05
CA GLU A 71 -21.78 15.28 38.18
C GLU A 71 -20.43 15.99 38.08
N PHE A 72 -20.25 16.76 37.01
CA PHE A 72 -19.04 17.54 36.81
C PHE A 72 -19.28 19.03 36.92
N ASP A 73 -20.23 19.57 36.16
CA ASP A 73 -20.53 21.00 36.16
C ASP A 73 -21.88 21.30 36.79
N ALA A 74 -22.95 20.72 36.27
CA ALA A 74 -24.31 20.84 36.79
C ALA A 74 -24.83 22.27 36.79
N THR A 75 -24.11 23.21 36.18
CA THR A 75 -24.51 24.60 36.15
C THR A 75 -24.61 25.09 34.71
N GLY A 76 -25.41 26.14 34.52
CA GLY A 76 -25.58 26.75 33.22
C GLY A 76 -24.47 27.71 32.88
N ASN A 77 -24.79 28.70 32.05
CA ASN A 77 -23.80 29.63 31.55
C ASN A 77 -23.55 30.75 32.55
N ARG A 78 -22.28 30.97 32.88
CA ARG A 78 -21.89 32.14 33.66
C ARG A 78 -21.98 33.38 32.77
N ASP A 79 -22.21 34.53 33.40
CA ASP A 79 -22.52 35.76 32.69
C ASP A 79 -21.38 36.75 32.79
N TYR A 80 -20.99 37.31 31.65
CA TYR A 80 -20.06 38.44 31.63
C TYR A 80 -20.73 39.71 32.12
N ALA A 81 -22.03 39.85 31.87
CA ALA A 81 -22.83 40.97 32.36
C ALA A 81 -24.29 40.52 32.37
N LYS A 82 -25.20 41.47 32.53
CA LYS A 82 -26.62 41.15 32.47
C LYS A 82 -27.02 40.89 31.03
N ASP A 83 -27.58 39.70 30.76
CA ASP A 83 -27.94 39.25 29.42
C ASP A 83 -26.73 39.26 28.48
N ASP A 84 -25.56 38.92 29.00
CA ASP A 84 -24.35 38.82 28.19
C ASP A 84 -23.54 37.65 28.73
N PRO A 85 -23.78 36.45 28.21
CA PRO A 85 -23.12 35.25 28.77
C PRO A 85 -21.62 35.27 28.56
N LEU A 86 -20.90 34.69 29.52
CA LEU A 86 -19.46 34.50 29.42
C LEU A 86 -19.10 33.21 28.71
N GLU A 87 -19.90 32.16 28.89
CA GLU A 87 -19.70 30.89 28.24
C GLU A 87 -21.04 30.43 27.65
N PHE A 88 -20.97 29.47 26.75
CA PHE A 88 -22.18 29.04 26.05
C PHE A 88 -22.54 27.59 26.29
N LYS A 89 -21.56 26.69 26.36
CA LYS A 89 -21.68 25.35 26.94
C LYS A 89 -22.68 24.45 26.20
N SER A 90 -23.37 24.95 25.19
CA SER A 90 -24.35 24.13 24.48
C SER A 90 -23.69 23.47 23.27
N HIS A 91 -23.92 22.17 23.11
CA HIS A 91 -23.25 21.38 22.08
C HIS A 91 -21.74 21.47 22.23
N GLN A 92 -21.28 21.47 23.48
CA GLN A 92 -19.86 21.60 23.79
C GLN A 92 -19.11 20.27 23.67
N TRP A 93 -19.83 19.16 23.45
CA TRP A 93 -19.21 17.84 23.33
C TRP A 93 -18.41 17.47 24.58
N PHE A 94 -18.95 17.79 25.75
CA PHE A 94 -18.33 17.37 27.00
C PHE A 94 -18.45 15.86 27.14
N GLY A 95 -17.32 15.18 27.29
CA GLY A 95 -17.28 13.74 27.31
C GLY A 95 -16.57 13.13 26.12
N ALA A 96 -16.25 13.93 25.10
CA ALA A 96 -15.51 13.42 23.95
C ALA A 96 -14.12 12.94 24.33
N SER A 97 -13.59 13.39 25.47
CA SER A 97 -12.30 12.94 25.97
C SER A 97 -12.47 12.51 27.42
N VAL A 98 -12.15 11.26 27.71
CA VAL A 98 -12.24 10.73 29.07
C VAL A 98 -11.00 9.87 29.33
N ARG A 99 -10.22 10.24 30.34
CA ARG A 99 -9.08 9.43 30.75
C ARG A 99 -8.94 9.53 32.26
N SER A 100 -8.58 8.43 32.89
CA SER A 100 -8.57 8.33 34.34
C SER A 100 -7.29 7.70 34.85
N LYS A 101 -6.64 8.34 35.80
CA LYS A 101 -5.58 7.72 36.59
C LYS A 101 -6.23 7.02 37.79
N GLN A 102 -5.44 6.66 38.79
CA GLN A 102 -5.89 5.84 39.92
C GLN A 102 -7.25 6.24 40.45
N ASP A 103 -7.37 7.46 40.97
CA ASP A 103 -8.60 7.90 41.62
C ASP A 103 -9.18 9.17 41.01
N LYS A 104 -8.56 9.72 39.97
CA LYS A 104 -8.96 10.98 39.38
C LYS A 104 -9.53 10.76 37.99
N ILE A 105 -10.57 11.52 37.65
CA ILE A 105 -11.25 11.42 36.36
C ILE A 105 -11.12 12.76 35.66
N LEU A 106 -10.68 12.72 34.41
CA LEU A 106 -10.50 13.92 33.59
C LEU A 106 -11.39 13.82 32.36
N ALA A 107 -12.34 14.75 32.25
CA ALA A 107 -13.22 14.84 31.10
C ALA A 107 -13.16 16.23 30.53
N CYS A 108 -13.38 16.35 29.22
CA CYS A 108 -13.18 17.61 28.52
C CYS A 108 -14.34 17.88 27.56
N ALA A 109 -14.45 19.15 27.17
CA ALA A 109 -15.48 19.62 26.24
C ALA A 109 -14.81 20.38 25.11
N PRO A 110 -14.34 19.69 24.07
CA PRO A 110 -13.58 20.36 23.01
C PRO A 110 -14.37 21.40 22.24
N LEU A 111 -15.70 21.36 22.26
CA LEU A 111 -16.51 22.36 21.56
C LEU A 111 -17.09 23.41 22.50
N TYR A 112 -16.54 23.53 23.70
CA TYR A 112 -16.93 24.60 24.61
C TYR A 112 -16.49 25.95 24.06
N HIS A 113 -17.40 26.91 24.05
CA HIS A 113 -17.14 28.25 23.52
C HIS A 113 -17.00 29.26 24.65
N TRP A 114 -16.42 30.41 24.31
CA TRP A 114 -16.08 31.44 25.28
C TRP A 114 -16.40 32.81 24.72
N ARG A 115 -16.68 33.76 25.62
CA ARG A 115 -16.97 35.14 25.25
C ARG A 115 -15.73 36.01 25.19
N THR A 116 -14.59 35.53 25.72
CA THR A 116 -13.27 36.17 25.64
C THR A 116 -13.14 37.39 26.55
N GLU A 117 -14.23 37.81 27.18
CA GLU A 117 -14.20 38.85 28.21
C GLU A 117 -13.65 40.19 27.75
N MET A 118 -13.32 40.33 26.47
CA MET A 118 -12.85 41.59 25.93
C MET A 118 -13.82 42.17 24.90
N LYS A 119 -14.14 41.40 23.86
CA LYS A 119 -15.16 41.73 22.89
C LYS A 119 -16.20 40.62 22.88
N GLN A 120 -17.29 40.84 22.14
CA GLN A 120 -18.35 39.85 22.05
C GLN A 120 -18.00 38.83 20.97
N GLU A 121 -17.63 37.63 21.40
CA GLU A 121 -17.23 36.57 20.48
C GLU A 121 -17.65 35.22 21.05
N ARG A 122 -17.63 34.21 20.17
CA ARG A 122 -17.91 32.82 20.55
C ARG A 122 -16.75 31.99 20.00
N GLU A 123 -15.72 31.80 20.82
CA GLU A 123 -14.51 31.13 20.38
C GLU A 123 -14.41 29.76 21.02
N PRO A 124 -14.30 28.68 20.22
CA PRO A 124 -14.23 27.33 20.80
C PRO A 124 -12.92 27.06 21.51
N VAL A 125 -12.80 27.57 22.73
CA VAL A 125 -11.59 27.35 23.52
C VAL A 125 -11.54 25.93 24.06
N GLY A 126 -12.67 25.43 24.56
CA GLY A 126 -12.68 24.12 25.17
C GLY A 126 -12.32 24.17 26.64
N THR A 127 -12.93 23.26 27.40
CA THR A 127 -12.70 23.19 28.84
C THR A 127 -12.66 21.74 29.28
N CYS A 128 -12.10 21.53 30.47
CA CYS A 128 -12.04 20.22 31.09
C CYS A 128 -12.43 20.33 32.56
N PHE A 129 -12.86 19.21 33.13
CA PHE A 129 -13.22 19.13 34.54
C PHE A 129 -12.49 17.94 35.16
N LEU A 130 -11.62 18.22 36.11
CA LEU A 130 -10.88 17.19 36.83
C LEU A 130 -11.54 16.95 38.18
N GLN A 131 -11.98 15.70 38.42
CA GLN A 131 -12.67 15.33 39.64
C GLN A 131 -11.86 14.29 40.39
N ASP A 132 -11.62 14.55 41.67
CA ASP A 132 -10.93 13.62 42.55
C ASP A 132 -11.77 13.49 43.82
N GLY A 133 -12.53 12.41 43.93
CA GLY A 133 -13.45 12.26 45.04
C GLY A 133 -14.59 13.25 44.92
N THR A 134 -14.81 14.03 45.97
CA THR A 134 -15.90 15.01 45.96
C THR A 134 -15.50 16.30 45.26
N LYS A 135 -14.24 16.71 45.35
CA LYS A 135 -13.82 17.97 44.77
C LYS A 135 -13.78 17.89 43.25
N THR A 136 -14.22 18.96 42.59
CA THR A 136 -14.22 19.05 41.13
C THR A 136 -13.70 20.42 40.73
N VAL A 137 -12.63 20.44 39.94
CA VAL A 137 -12.04 21.68 39.45
C VAL A 137 -12.27 21.77 37.95
N GLU A 138 -11.98 22.94 37.38
CA GLU A 138 -12.09 23.18 35.96
C GLU A 138 -10.71 23.49 35.40
N TYR A 139 -10.26 22.69 34.44
CA TYR A 139 -8.95 22.87 33.80
C TYR A 139 -9.18 23.31 32.36
N ALA A 140 -8.94 24.59 32.09
CA ALA A 140 -9.11 25.17 30.75
C ALA A 140 -7.85 25.93 30.39
N PRO A 141 -6.75 25.22 30.14
CA PRO A 141 -5.48 25.91 29.86
C PRO A 141 -5.52 26.78 28.61
N CYS A 142 -6.40 26.49 27.65
CA CYS A 142 -6.49 27.30 26.45
C CYS A 142 -7.39 28.53 26.62
N ARG A 143 -8.04 28.68 27.77
CA ARG A 143 -8.84 29.87 28.05
C ARG A 143 -7.93 30.86 28.77
N SER A 144 -7.33 31.76 27.98
CA SER A 144 -6.32 32.68 28.48
C SER A 144 -6.55 34.04 27.85
N GLN A 145 -5.57 34.93 28.03
CA GLN A 145 -5.64 36.27 27.46
C GLN A 145 -5.22 36.32 25.99
N ASP A 146 -4.70 35.22 25.46
CA ASP A 146 -4.46 35.10 24.02
C ASP A 146 -5.78 34.73 23.37
N ILE A 147 -6.40 35.67 22.67
CA ILE A 147 -7.81 35.56 22.33
C ILE A 147 -8.06 35.03 20.92
N ASP A 148 -7.65 35.77 19.91
CA ASP A 148 -8.14 35.52 18.56
C ASP A 148 -7.49 34.27 17.96
N ALA A 149 -7.73 34.04 16.67
CA ALA A 149 -7.24 32.83 16.02
C ALA A 149 -5.72 32.73 16.05
N ASP A 150 -5.03 33.87 16.06
CA ASP A 150 -3.59 33.86 16.26
C ASP A 150 -3.20 33.41 17.65
N GLY A 151 -4.14 33.41 18.59
CA GLY A 151 -3.88 32.96 19.95
C GLY A 151 -4.41 31.56 20.21
N GLN A 152 -5.21 31.40 21.27
CA GLN A 152 -5.72 30.10 21.68
C GLN A 152 -7.25 30.06 21.68
N GLY A 153 -7.91 31.00 21.02
CA GLY A 153 -9.36 31.06 21.09
C GLY A 153 -10.05 29.88 20.44
N PHE A 154 -9.49 29.38 19.35
CA PHE A 154 -10.06 28.24 18.63
C PHE A 154 -9.33 26.95 18.95
N CYS A 155 -8.57 26.94 20.05
CA CYS A 155 -7.68 25.82 20.36
C CYS A 155 -8.44 24.52 20.53
N GLN A 156 -9.64 24.58 21.12
CA GLN A 156 -10.43 23.40 21.46
C GLN A 156 -9.61 22.45 22.34
N GLY A 157 -9.12 22.99 23.44
CA GLY A 157 -8.32 22.19 24.36
C GLY A 157 -9.12 21.05 24.95
N GLY A 158 -8.44 19.93 25.18
CA GLY A 158 -9.10 18.71 25.59
C GLY A 158 -9.58 17.84 24.46
N PHE A 159 -9.21 18.17 23.21
CA PHE A 159 -9.53 17.31 22.08
C PHE A 159 -8.96 15.92 22.29
N SER A 160 -7.77 15.82 22.86
CA SER A 160 -7.17 14.57 23.28
C SER A 160 -6.40 14.79 24.57
N ILE A 161 -6.55 13.88 25.52
CA ILE A 161 -5.96 14.01 26.84
C ILE A 161 -5.30 12.71 27.25
N ASP A 162 -4.42 12.79 28.24
CA ASP A 162 -3.72 11.63 28.75
C ASP A 162 -3.05 12.00 30.06
N PHE A 163 -2.66 10.98 30.83
CA PHE A 163 -1.90 11.13 32.06
C PHE A 163 -0.51 10.54 31.88
N THR A 164 0.46 11.09 32.60
CA THR A 164 1.80 10.51 32.63
C THR A 164 1.91 9.56 33.82
N LYS A 165 3.10 9.00 34.02
CA LYS A 165 3.30 8.01 35.07
C LYS A 165 3.17 8.61 36.46
N ALA A 166 3.54 9.89 36.62
CA ALA A 166 3.52 10.54 37.94
C ALA A 166 2.74 11.85 37.83
N ASP A 167 1.40 11.75 37.92
CA ASP A 167 0.51 12.90 38.11
C ASP A 167 0.84 14.11 37.25
N ARG A 168 0.74 13.96 35.94
CA ARG A 168 0.88 15.09 35.02
C ARG A 168 0.04 14.81 33.79
N VAL A 169 -0.79 15.77 33.40
CA VAL A 169 -1.71 15.58 32.29
C VAL A 169 -1.06 16.07 31.00
N LEU A 170 -1.46 15.48 29.88
CA LEU A 170 -1.03 15.91 28.56
C LEU A 170 -2.27 16.28 27.77
N LEU A 171 -2.45 17.56 27.49
CA LEU A 171 -3.62 18.07 26.80
C LEU A 171 -3.24 18.56 25.41
N GLY A 172 -4.07 18.23 24.43
CA GLY A 172 -3.87 18.67 23.07
C GLY A 172 -5.00 19.55 22.60
N GLY A 173 -4.66 20.51 21.74
CA GLY A 173 -5.65 21.35 21.10
C GLY A 173 -5.24 21.68 19.69
N PRO A 174 -6.08 21.34 18.72
CA PRO A 174 -5.68 21.49 17.31
C PRO A 174 -5.84 22.89 16.74
N GLY A 175 -6.54 23.78 17.42
CA GLY A 175 -6.85 25.08 16.87
C GLY A 175 -5.99 26.25 17.33
N SER A 176 -4.96 26.00 18.13
CA SER A 176 -4.10 27.08 18.59
C SER A 176 -3.29 27.65 17.44
N PHE A 177 -3.16 28.98 17.42
CA PHE A 177 -2.26 29.69 16.51
C PHE A 177 -2.58 29.36 15.04
N TYR A 178 -3.79 29.74 14.65
CA TYR A 178 -4.31 29.46 13.30
C TYR A 178 -4.20 27.96 12.98
N TRP A 179 -4.68 27.15 13.92
CA TRP A 179 -4.79 25.70 13.75
C TRP A 179 -3.43 25.03 13.54
N GLN A 180 -2.37 25.65 14.07
CA GLN A 180 -1.09 24.95 14.15
C GLN A 180 -1.18 23.79 15.12
N GLY A 181 -1.89 23.97 16.23
CA GLY A 181 -1.98 22.97 17.27
C GLY A 181 -1.08 23.28 18.45
N GLN A 182 -1.39 22.66 19.58
CA GLN A 182 -0.65 22.93 20.80
C GLN A 182 -0.76 21.74 21.75
N LEU A 183 0.30 21.53 22.52
CA LEU A 183 0.31 20.57 23.61
C LEU A 183 0.58 21.31 24.90
N ILE A 184 -0.28 21.11 25.90
CA ILE A 184 -0.16 21.76 27.19
C ILE A 184 -0.10 20.68 28.26
N SER A 185 0.93 20.75 29.11
CA SER A 185 1.13 19.78 30.18
C SER A 185 1.19 20.50 31.53
N ASP A 186 0.49 19.95 32.51
CA ASP A 186 0.40 20.57 33.83
C ASP A 186 0.44 19.49 34.91
N GLN A 187 0.96 19.88 36.07
CA GLN A 187 0.94 18.99 37.22
C GLN A 187 -0.48 18.88 37.79
N VAL A 188 -0.87 17.66 38.15
CA VAL A 188 -2.21 17.44 38.67
C VAL A 188 -2.45 18.25 39.94
N ALA A 189 -1.44 18.29 40.83
CA ALA A 189 -1.56 19.10 42.03
C ALA A 189 -1.71 20.57 41.70
N GLU A 190 -0.95 21.06 40.72
CA GLU A 190 -1.06 22.46 40.30
C GLU A 190 -2.46 22.75 39.77
N ILE A 191 -3.07 21.81 39.07
CA ILE A 191 -4.42 22.00 38.55
C ILE A 191 -5.42 22.16 39.68
N VAL A 192 -5.22 21.42 40.77
CA VAL A 192 -6.16 21.47 41.89
C VAL A 192 -5.81 22.58 42.87
N SER A 193 -4.52 22.77 43.17
CA SER A 193 -4.13 23.75 44.18
C SER A 193 -4.35 25.18 43.69
N LYS A 194 -4.11 25.43 42.40
CA LYS A 194 -4.18 26.78 41.85
C LYS A 194 -5.56 27.14 41.30
N TYR A 195 -6.54 26.25 41.42
CA TYR A 195 -7.86 26.53 40.86
C TYR A 195 -8.56 27.61 41.66
N ASP A 196 -9.18 28.56 40.95
CA ASP A 196 -9.91 29.65 41.56
C ASP A 196 -11.21 29.86 40.80
N PRO A 197 -12.37 29.61 41.43
CA PRO A 197 -13.64 29.74 40.70
C PRO A 197 -13.95 31.15 40.25
N ASN A 198 -13.27 32.16 40.79
CA ASN A 198 -13.48 33.55 40.41
C ASN A 198 -12.40 34.07 39.47
N VAL A 199 -11.61 33.17 38.88
CA VAL A 199 -10.60 33.53 37.89
C VAL A 199 -10.79 32.61 36.69
N TYR A 200 -11.07 33.20 35.53
CA TYR A 200 -11.32 32.42 34.32
C TYR A 200 -10.05 32.04 33.58
N SER A 201 -8.99 32.84 33.70
CA SER A 201 -7.70 32.57 33.06
C SER A 201 -6.68 32.33 34.17
N ILE A 202 -6.33 31.07 34.39
CA ILE A 202 -5.46 30.67 35.49
C ILE A 202 -4.08 30.31 34.93
N LYS A 203 -3.04 30.89 35.53
CA LYS A 203 -1.66 30.56 35.19
C LYS A 203 -1.14 29.54 36.18
N TYR A 204 -0.57 28.45 35.67
CA TYR A 204 -0.06 27.37 36.49
C TYR A 204 1.46 27.37 36.48
N ASN A 205 2.06 27.07 37.62
CA ASN A 205 3.49 26.88 37.70
C ASN A 205 3.87 25.54 37.09
N ASN A 206 5.06 25.51 36.47
CA ASN A 206 5.60 24.31 35.82
C ASN A 206 4.65 23.81 34.72
N GLN A 207 4.19 24.73 33.87
CA GLN A 207 3.36 24.40 32.73
C GLN A 207 4.24 24.27 31.50
N LEU A 208 4.29 23.06 30.95
CA LEU A 208 4.99 22.81 29.70
C LEU A 208 4.01 22.98 28.55
N ALA A 209 4.38 23.80 27.56
CA ALA A 209 3.49 24.10 26.46
C ALA A 209 4.30 24.44 25.22
N THR A 210 3.83 23.96 24.07
CA THR A 210 4.43 24.33 22.80
C THR A 210 4.00 25.74 22.40
N ARG A 211 4.88 26.44 21.70
CA ARG A 211 4.67 27.83 21.33
C ARG A 211 4.31 27.94 19.85
N THR A 212 3.85 29.13 19.47
CA THR A 212 3.49 29.39 18.08
C THR A 212 4.71 29.35 17.18
N ALA A 213 4.48 29.01 15.91
CA ALA A 213 5.57 28.86 14.94
C ALA A 213 5.29 29.67 13.68
N GLN A 214 6.07 29.43 12.63
CA GLN A 214 5.90 30.16 11.38
C GLN A 214 4.53 29.86 10.76
N ALA A 215 4.06 30.79 9.94
CA ALA A 215 2.74 30.66 9.34
C ALA A 215 2.64 29.47 8.40
N ILE A 216 3.77 28.97 7.90
CA ILE A 216 3.74 27.80 7.04
C ILE A 216 3.25 26.57 7.78
N PHE A 217 3.33 26.58 9.12
CA PHE A 217 2.86 25.47 9.94
C PHE A 217 1.37 25.54 10.26
N ASP A 218 0.67 26.56 9.76
CA ASP A 218 -0.75 26.70 10.05
C ASP A 218 -1.54 25.52 9.48
N ASP A 219 -2.69 25.27 10.09
CA ASP A 219 -3.61 24.21 9.65
C ASP A 219 -2.92 22.85 9.67
N SER A 220 -2.24 22.56 10.78
CA SER A 220 -1.56 21.28 10.97
C SER A 220 -2.30 20.37 11.94
N TYR A 221 -3.08 20.93 12.87
CA TYR A 221 -3.90 20.16 13.81
C TYR A 221 -3.03 19.34 14.76
N LEU A 222 -1.99 19.96 15.30
CA LEU A 222 -1.21 19.33 16.36
C LEU A 222 -2.07 19.17 17.60
N GLY A 223 -1.88 18.05 18.30
CA GLY A 223 -2.75 17.72 19.41
C GLY A 223 -4.02 17.01 19.04
N TYR A 224 -4.11 16.50 17.80
CA TYR A 224 -5.28 15.73 17.39
C TYR A 224 -5.41 14.46 18.23
N SER A 225 -4.29 13.84 18.57
CA SER A 225 -4.26 12.68 19.45
C SER A 225 -3.00 12.78 20.32
N VAL A 226 -3.03 12.08 21.46
CA VAL A 226 -1.91 12.13 22.41
C VAL A 226 -1.63 10.73 22.94
N ALA A 227 -0.35 10.47 23.19
CA ALA A 227 0.09 9.25 23.84
C ALA A 227 1.31 9.57 24.69
N VAL A 228 1.53 8.76 25.72
CA VAL A 228 2.62 9.00 26.66
C VAL A 228 3.52 7.77 26.68
N GLY A 229 4.76 8.00 27.08
CA GLY A 229 5.77 6.96 27.12
C GLY A 229 7.16 7.55 27.14
N ASP A 230 8.11 6.74 27.59
CA ASP A 230 9.48 7.20 27.74
C ASP A 230 10.29 6.85 26.50
N PHE A 231 10.91 7.87 25.89
CA PHE A 231 11.71 7.68 24.69
C PHE A 231 13.14 8.18 24.85
N ASN A 232 13.54 8.55 26.07
CA ASN A 232 14.93 8.77 26.40
C ASN A 232 15.23 8.06 27.72
N GLY A 233 16.40 8.31 28.30
CA GLY A 233 16.77 7.62 29.52
C GLY A 233 16.39 8.36 30.79
N ASP A 234 15.50 9.35 30.69
CA ASP A 234 15.15 10.14 31.86
C ASP A 234 14.24 9.39 32.83
N GLY A 235 13.45 8.44 32.33
CA GLY A 235 12.49 7.72 33.14
C GLY A 235 11.13 8.37 33.25
N ILE A 236 10.98 9.59 32.74
CA ILE A 236 9.71 10.32 32.77
C ILE A 236 9.01 10.12 31.43
N ASP A 237 7.69 9.93 31.48
CA ASP A 237 6.92 9.76 30.26
C ASP A 237 7.02 11.01 29.39
N ASP A 238 7.35 10.81 28.12
CA ASP A 238 7.44 11.92 27.17
C ASP A 238 6.13 12.03 26.40
N PHE A 239 6.02 13.10 25.62
CA PHE A 239 4.78 13.45 24.94
C PHE A 239 4.83 12.99 23.49
N VAL A 240 3.77 12.33 23.04
CA VAL A 240 3.62 11.91 21.65
C VAL A 240 2.27 12.43 21.15
N SER A 241 2.29 13.17 20.05
CA SER A 241 1.08 13.74 19.49
C SER A 241 1.10 13.62 17.97
N GLY A 242 -0.04 13.34 17.39
CA GLY A 242 -0.16 13.25 15.94
C GLY A 242 -0.54 14.59 15.33
N VAL A 243 0.07 14.87 14.18
CA VAL A 243 -0.20 16.10 13.44
C VAL A 243 -0.68 15.69 12.05
N PRO A 244 -1.98 15.41 11.89
CA PRO A 244 -2.43 14.78 10.64
C PRO A 244 -2.33 15.65 9.41
N ARG A 245 -2.38 16.97 9.55
CA ARG A 245 -2.34 17.88 8.41
C ARG A 245 -0.97 18.49 8.19
N ALA A 246 0.05 18.06 8.93
CA ALA A 246 1.36 18.65 8.80
C ALA A 246 2.04 18.20 7.51
N ALA A 247 3.03 18.99 7.09
CA ALA A 247 3.87 18.70 5.93
C ALA A 247 3.02 18.45 4.68
N ARG A 248 2.26 19.49 4.30
CA ARG A 248 1.39 19.43 3.12
C ARG A 248 0.41 18.25 3.21
N THR A 249 -0.15 18.07 4.41
CA THR A 249 -1.10 16.99 4.71
C THR A 249 -0.48 15.61 4.49
N LEU A 250 0.85 15.49 4.61
CA LEU A 250 1.47 14.18 4.68
C LEU A 250 1.17 13.51 6.01
N GLY A 251 0.99 14.29 7.06
CA GLY A 251 0.82 13.76 8.39
C GLY A 251 2.14 13.63 9.12
N MET A 252 2.18 14.07 10.38
CA MET A 252 3.37 13.96 11.19
C MET A 252 2.99 13.56 12.60
N VAL A 253 3.98 13.03 13.32
CA VAL A 253 3.84 12.73 14.74
C VAL A 253 5.04 13.32 15.46
N TYR A 254 4.79 14.21 16.41
CA TYR A 254 5.84 14.87 17.17
C TYR A 254 6.04 14.16 18.50
N ILE A 255 7.29 14.10 18.96
CA ILE A 255 7.64 13.56 20.26
C ILE A 255 8.40 14.64 21.01
N TYR A 256 7.76 15.22 22.02
CA TYR A 256 8.38 16.25 22.84
C TYR A 256 8.90 15.64 24.14
N ASP A 257 9.95 16.27 24.68
CA ASP A 257 10.48 15.86 25.97
C ASP A 257 9.47 16.17 27.07
N GLY A 258 9.20 15.19 27.92
CA GLY A 258 8.21 15.36 28.97
C GLY A 258 8.76 16.14 30.15
N LYS A 259 9.94 16.72 29.95
CA LYS A 259 10.62 17.48 31.00
C LYS A 259 10.75 18.96 30.66
N ASN A 260 11.32 19.30 29.50
CA ASN A 260 11.48 20.69 29.11
C ASN A 260 10.78 21.03 27.80
N MET A 261 9.94 20.12 27.29
CA MET A 261 9.12 20.36 26.10
C MET A 261 9.97 20.72 24.89
N SER A 262 11.00 19.91 24.64
CA SER A 262 11.86 20.05 23.48
C SER A 262 11.68 18.86 22.54
N SER A 263 11.83 19.11 21.25
CA SER A 263 11.63 18.07 20.25
C SER A 263 12.63 16.92 20.45
N LEU A 264 12.13 15.70 20.35
CA LEU A 264 12.96 14.51 20.47
C LEU A 264 13.02 13.71 19.17
N TYR A 265 11.86 13.30 18.63
CA TYR A 265 11.82 12.49 17.43
C TYR A 265 10.68 12.94 16.55
N ASN A 266 10.60 12.34 15.35
CA ASN A 266 9.59 12.72 14.37
C ASN A 266 9.20 11.51 13.54
N PHE A 267 8.02 11.61 12.93
CA PHE A 267 7.55 10.64 11.96
C PHE A 267 6.77 11.39 10.88
N THR A 268 6.80 10.86 9.66
CA THR A 268 6.10 11.49 8.55
C THR A 268 5.49 10.40 7.66
N GLY A 269 4.21 10.56 7.33
CA GLY A 269 3.56 9.62 6.45
C GLY A 269 4.03 9.76 5.02
N GLU A 270 3.98 8.65 4.29
CA GLU A 270 4.44 8.60 2.91
C GLU A 270 3.39 9.02 1.90
N GLN A 271 2.13 9.17 2.31
CA GLN A 271 1.04 9.46 1.40
C GLN A 271 0.24 10.64 1.90
N MET A 272 -0.15 11.53 0.97
CA MET A 272 -0.94 12.69 1.31
C MET A 272 -2.38 12.31 1.64
N ALA A 273 -2.99 13.09 2.54
CA ALA A 273 -4.38 12.98 2.94
C ALA A 273 -4.72 11.64 3.58
N ALA A 274 -3.72 10.79 3.83
CA ALA A 274 -3.95 9.53 4.51
C ALA A 274 -4.28 9.73 5.99
N TYR A 275 -4.13 10.95 6.49
CA TYR A 275 -4.34 11.28 7.90
C TYR A 275 -3.42 10.46 8.79
N PHE A 276 -2.13 10.49 8.45
CA PHE A 276 -1.08 9.93 9.30
C PHE A 276 -1.04 10.71 10.61
N GLY A 277 -1.39 10.05 11.72
CA GLY A 277 -1.48 10.71 13.01
C GLY A 277 -2.89 10.85 13.56
N PHE A 278 -3.89 10.26 12.91
CA PHE A 278 -5.24 10.28 13.47
C PHE A 278 -5.31 9.56 14.80
N SER A 279 -4.52 8.49 14.96
CA SER A 279 -4.47 7.72 16.19
C SER A 279 -3.02 7.41 16.53
N VAL A 280 -2.67 7.54 17.81
CA VAL A 280 -1.34 7.22 18.30
C VAL A 280 -1.45 6.39 19.56
N ALA A 281 -0.41 5.61 19.82
CA ALA A 281 -0.33 4.77 21.01
C ALA A 281 1.13 4.37 21.23
N ALA A 282 1.48 4.12 22.48
CA ALA A 282 2.83 3.76 22.86
C ALA A 282 2.79 2.57 23.81
N THR A 283 3.53 1.51 23.48
CA THR A 283 3.58 0.30 24.30
C THR A 283 4.86 -0.46 23.99
N ASP A 284 5.37 -1.14 25.00
CA ASP A 284 6.43 -2.13 24.80
C ASP A 284 5.79 -3.37 24.17
N ILE A 285 6.01 -3.56 22.87
CA ILE A 285 5.40 -4.69 22.19
C ILE A 285 6.33 -5.90 22.09
N ASN A 286 7.61 -5.74 22.42
CA ASN A 286 8.60 -6.81 22.28
C ASN A 286 9.26 -7.20 23.60
N GLY A 287 8.75 -6.73 24.73
CA GLY A 287 9.30 -7.10 26.01
C GLY A 287 10.69 -6.54 26.29
N ASP A 288 11.09 -5.49 25.59
CA ASP A 288 12.43 -4.93 25.73
C ASP A 288 12.53 -3.87 26.81
N ASP A 289 11.45 -3.59 27.54
CA ASP A 289 11.38 -2.47 28.49
C ASP A 289 11.67 -1.13 27.81
N TYR A 290 11.38 -1.05 26.51
CA TYR A 290 11.48 0.18 25.73
C TYR A 290 10.17 0.39 24.99
N ALA A 291 9.56 1.56 25.19
CA ALA A 291 8.27 1.85 24.58
C ALA A 291 8.39 1.94 23.07
N ASP A 292 7.38 1.41 22.36
CA ASP A 292 7.35 1.42 20.91
C ASP A 292 6.15 2.21 20.42
N VAL A 293 6.33 2.91 19.31
CA VAL A 293 5.33 3.85 18.81
C VAL A 293 4.39 3.14 17.84
N PHE A 294 3.11 3.55 17.88
CA PHE A 294 2.10 3.08 16.95
C PHE A 294 1.34 4.29 16.42
N ILE A 295 1.26 4.41 15.09
CA ILE A 295 0.62 5.55 14.44
C ILE A 295 -0.40 5.04 13.43
N GLY A 296 -1.57 5.66 13.41
CA GLY A 296 -2.67 5.24 12.57
C GLY A 296 -2.90 6.21 11.43
N ALA A 297 -3.04 5.65 10.23
CA ALA A 297 -3.36 6.39 9.01
C ALA A 297 -4.59 5.74 8.38
N PRO A 298 -5.79 6.04 8.90
CA PRO A 298 -6.98 5.31 8.45
C PRO A 298 -7.28 5.44 6.98
N LEU A 299 -6.87 6.54 6.34
CA LEU A 299 -7.20 6.79 4.95
C LEU A 299 -6.05 6.49 4.01
N PHE A 300 -5.07 5.70 4.46
CA PHE A 300 -3.95 5.32 3.61
C PHE A 300 -4.45 4.44 2.46
N MET A 301 -3.99 4.74 1.26
CA MET A 301 -4.35 3.97 0.07
C MET A 301 -3.14 3.14 -0.36
N ASP A 302 -3.29 1.82 -0.37
CA ASP A 302 -2.25 0.92 -0.81
C ASP A 302 -2.57 0.43 -2.21
N ARG A 303 -1.77 -0.52 -2.69
CA ARG A 303 -1.97 -1.13 -4.01
C ARG A 303 -2.45 -2.55 -3.84
N GLY A 304 -3.53 -2.89 -4.55
CA GLY A 304 -4.02 -4.25 -4.57
C GLY A 304 -3.25 -5.11 -5.54
N SER A 305 -3.81 -6.29 -5.83
CA SER A 305 -3.21 -7.17 -6.82
C SER A 305 -3.21 -6.52 -8.20
N ASP A 306 -4.29 -5.80 -8.53
CA ASP A 306 -4.37 -5.13 -9.81
C ASP A 306 -3.32 -4.03 -9.93
N GLY A 307 -3.07 -3.30 -8.84
CA GLY A 307 -2.16 -2.17 -8.86
C GLY A 307 -2.84 -0.83 -8.75
N LYS A 308 -4.17 -0.78 -8.79
CA LYS A 308 -4.90 0.46 -8.56
C LYS A 308 -4.93 0.80 -7.08
N LEU A 309 -5.16 2.07 -6.79
CA LEU A 309 -5.22 2.53 -5.41
C LEU A 309 -6.54 2.11 -4.77
N GLN A 310 -6.44 1.63 -3.52
CA GLN A 310 -7.61 1.31 -2.72
C GLN A 310 -7.35 1.78 -1.30
N GLU A 311 -8.34 2.43 -0.69
CA GLU A 311 -8.21 2.98 0.65
C GLU A 311 -8.46 1.88 1.66
N VAL A 312 -7.39 1.34 2.23
CA VAL A 312 -7.51 0.35 3.29
C VAL A 312 -6.92 0.84 4.62
N GLY A 313 -6.11 1.89 4.62
CA GLY A 313 -5.49 2.37 5.83
C GLY A 313 -4.31 1.52 6.26
N GLN A 314 -3.31 2.14 6.88
CA GLN A 314 -2.15 1.42 7.40
C GLN A 314 -1.77 1.99 8.76
N VAL A 315 -1.09 1.15 9.54
CA VAL A 315 -0.64 1.51 10.88
C VAL A 315 0.87 1.42 10.92
N SER A 316 1.52 2.48 11.40
CA SER A 316 2.97 2.55 11.47
C SER A 316 3.45 2.01 12.81
N VAL A 317 4.24 0.95 12.78
CA VAL A 317 4.78 0.31 13.97
C VAL A 317 6.26 0.61 14.04
N SER A 318 6.69 1.34 15.07
CA SER A 318 8.08 1.76 15.24
C SER A 318 8.61 1.18 16.55
N LEU A 319 9.59 0.29 16.43
CA LEU A 319 10.24 -0.30 17.61
C LEU A 319 11.42 0.58 18.02
N GLN A 320 11.47 0.93 19.30
CA GLN A 320 12.52 1.80 19.81
C GLN A 320 13.70 0.95 20.25
N ARG A 321 14.87 1.22 19.66
CA ARG A 321 16.11 0.60 20.09
C ARG A 321 16.79 1.49 21.12
N ALA A 322 17.60 0.88 21.98
CA ALA A 322 18.31 1.63 23.00
C ALA A 322 19.35 2.58 22.41
N SER A 323 19.68 2.42 21.12
CA SER A 323 20.72 3.24 20.52
C SER A 323 20.19 4.58 20.01
N GLY A 324 19.02 4.57 19.37
CA GLY A 324 18.55 5.77 18.69
C GLY A 324 17.32 5.55 17.84
N ASP A 325 17.43 5.95 16.57
CA ASP A 325 16.30 5.92 15.64
C ASP A 325 15.62 4.55 15.64
N PHE A 326 14.33 4.56 15.34
CA PHE A 326 13.47 3.40 15.49
C PHE A 326 13.59 2.47 14.29
N GLN A 327 13.07 1.26 14.47
CA GLN A 327 12.88 0.30 13.39
C GLN A 327 11.40 0.28 13.05
N THR A 328 11.03 0.86 11.90
CA THR A 328 9.64 1.09 11.55
C THR A 328 9.19 0.09 10.49
N THR A 329 8.08 -0.59 10.78
CA THR A 329 7.41 -1.47 9.83
C THR A 329 6.01 -0.93 9.56
N LYS A 330 5.37 -1.47 8.52
CA LYS A 330 4.04 -1.07 8.12
C LYS A 330 3.07 -2.23 8.25
N LEU A 331 1.80 -1.90 8.46
CA LEU A 331 0.74 -2.89 8.61
C LEU A 331 -0.50 -2.37 7.88
N ASN A 332 -0.77 -2.91 6.70
CA ASN A 332 -1.88 -2.44 5.88
C ASN A 332 -3.21 -3.02 6.38
N GLY A 333 -4.29 -2.38 5.98
CA GLY A 333 -5.62 -2.84 6.30
C GLY A 333 -6.05 -4.00 5.42
N PHE A 334 -7.32 -4.37 5.56
CA PHE A 334 -7.87 -5.52 4.85
C PHE A 334 -8.99 -5.14 3.90
N GLU A 335 -9.98 -4.39 4.37
CA GLU A 335 -11.14 -4.03 3.56
C GLU A 335 -11.08 -2.56 3.17
N VAL A 336 -11.64 -2.25 2.00
CA VAL A 336 -11.68 -0.88 1.52
C VAL A 336 -12.69 -0.08 2.33
N PHE A 337 -12.39 1.20 2.53
CA PHE A 337 -13.22 2.13 3.30
C PHE A 337 -13.46 1.64 4.73
N ALA A 338 -12.58 0.76 5.23
CA ALA A 338 -12.73 0.26 6.58
C ALA A 338 -12.07 1.16 7.62
N ARG A 339 -11.10 1.99 7.21
CA ARG A 339 -10.38 2.88 8.11
C ARG A 339 -9.71 2.08 9.23
N PHE A 340 -8.74 1.28 8.80
CA PHE A 340 -8.15 0.25 9.67
C PHE A 340 -7.47 0.84 10.89
N GLY A 341 -6.81 1.98 10.73
CA GLY A 341 -6.03 2.55 11.83
C GLY A 341 -6.74 3.64 12.61
N SER A 342 -8.08 3.60 12.65
CA SER A 342 -8.84 4.65 13.30
C SER A 342 -8.60 4.68 14.81
N ALA A 343 -8.39 3.53 15.43
CA ALA A 343 -8.17 3.48 16.87
C ALA A 343 -7.14 2.40 17.19
N ILE A 344 -6.09 2.79 17.91
CA ILE A 344 -5.04 1.88 18.34
C ILE A 344 -5.05 1.86 19.86
N ALA A 345 -5.40 0.71 20.44
CA ALA A 345 -5.56 0.60 21.88
C ALA A 345 -4.67 -0.52 22.43
N PRO A 346 -3.74 -0.21 23.33
CA PRO A 346 -2.97 -1.27 23.99
C PRO A 346 -3.80 -1.95 25.06
N LEU A 347 -3.63 -3.28 25.17
CA LEU A 347 -4.31 -4.06 26.20
C LEU A 347 -3.29 -4.95 26.91
N GLY A 348 -2.59 -4.37 27.89
CA GLY A 348 -1.69 -5.09 28.77
C GLY A 348 -0.92 -6.23 28.14
N ASP A 349 -0.99 -7.41 28.76
CA ASP A 349 -0.50 -8.67 28.22
C ASP A 349 -1.72 -9.60 28.17
N LEU A 350 -2.38 -9.65 27.02
CA LEU A 350 -3.67 -10.32 26.93
C LEU A 350 -3.56 -11.80 27.23
N ASP A 351 -2.66 -12.50 26.55
CA ASP A 351 -2.48 -13.93 26.76
C ASP A 351 -1.48 -14.26 27.85
N GLN A 352 -0.91 -13.23 28.51
CA GLN A 352 0.05 -13.43 29.60
C GLN A 352 1.23 -14.29 29.16
N ASP A 353 1.69 -14.08 27.93
CA ASP A 353 2.82 -14.82 27.38
C ASP A 353 4.16 -14.13 27.66
N GLY A 354 4.15 -13.01 28.37
CA GLY A 354 5.36 -12.26 28.63
C GLY A 354 5.62 -11.08 27.72
N PHE A 355 4.78 -10.90 26.69
CA PHE A 355 4.90 -9.77 25.76
C PHE A 355 3.56 -9.08 25.63
N ASN A 356 3.58 -7.75 25.62
CA ASN A 356 2.34 -7.00 25.56
C ASN A 356 1.67 -7.16 24.19
N ASP A 357 0.37 -6.92 24.17
CA ASP A 357 -0.44 -7.08 22.96
C ASP A 357 -1.25 -5.81 22.72
N ILE A 358 -1.64 -5.63 21.47
CA ILE A 358 -2.31 -4.40 21.03
C ILE A 358 -3.51 -4.76 20.17
N ALA A 359 -4.43 -3.81 20.03
CA ALA A 359 -5.65 -3.99 19.25
C ALA A 359 -5.86 -2.80 18.32
N ILE A 360 -6.03 -3.09 17.03
CA ILE A 360 -6.31 -2.08 16.02
C ILE A 360 -7.69 -2.36 15.45
N ALA A 361 -8.49 -1.29 15.30
CA ALA A 361 -9.90 -1.44 14.98
C ALA A 361 -10.26 -0.71 13.68
N ALA A 362 -11.09 -1.36 12.87
CA ALA A 362 -11.64 -0.76 11.66
C ALA A 362 -13.14 -0.52 11.90
N PRO A 363 -13.53 0.69 12.31
CA PRO A 363 -14.93 0.91 12.72
C PRO A 363 -15.94 0.74 11.60
N TYR A 364 -15.52 0.81 10.34
CA TYR A 364 -16.47 0.82 9.22
C TYR A 364 -16.28 -0.37 8.28
N GLY A 365 -15.53 -1.39 8.70
CA GLY A 365 -15.35 -2.58 7.92
C GLY A 365 -16.25 -3.73 8.38
N GLY A 366 -15.99 -4.90 7.82
CA GLY A 366 -16.69 -6.10 8.22
C GLY A 366 -18.04 -6.24 7.53
N GLU A 367 -18.78 -7.25 7.99
CA GLU A 367 -20.10 -7.53 7.45
C GLU A 367 -21.06 -6.39 7.75
N ASP A 368 -21.81 -5.96 6.73
CA ASP A 368 -22.77 -4.86 6.84
C ASP A 368 -22.13 -3.57 7.30
N LYS A 369 -20.80 -3.47 7.22
CA LYS A 369 -20.04 -2.32 7.70
C LYS A 369 -20.37 -2.01 9.16
N LYS A 370 -20.46 -3.07 9.97
CA LYS A 370 -20.80 -2.93 11.38
C LYS A 370 -19.59 -2.56 12.24
N GLY A 371 -18.39 -2.99 11.86
CA GLY A 371 -17.20 -2.70 12.62
C GLY A 371 -16.40 -3.93 13.01
N ILE A 372 -15.09 -3.84 12.91
CA ILE A 372 -14.18 -4.95 13.22
C ILE A 372 -13.06 -4.44 14.11
N VAL A 373 -12.72 -5.23 15.13
CA VAL A 373 -11.56 -4.96 15.98
C VAL A 373 -10.60 -6.14 15.85
N TYR A 374 -9.37 -5.85 15.43
CA TYR A 374 -8.34 -6.87 15.27
C TYR A 374 -7.43 -6.87 16.49
N ILE A 375 -7.05 -8.06 16.93
CA ILE A 375 -6.14 -8.24 18.06
C ILE A 375 -4.80 -8.74 17.53
N PHE A 376 -3.72 -8.08 17.94
CA PHE A 376 -2.37 -8.43 17.52
C PHE A 376 -1.54 -8.78 18.75
N ASN A 377 -1.00 -9.99 18.79
CA ASN A 377 -0.16 -10.43 19.89
C ASN A 377 1.29 -10.03 19.65
N GLY A 378 1.96 -9.63 20.73
CA GLY A 378 3.37 -9.32 20.64
C GLY A 378 4.25 -10.54 20.78
N ARG A 379 5.45 -10.45 20.22
CA ARG A 379 6.42 -11.54 20.25
C ARG A 379 7.78 -10.98 20.62
N SER A 380 8.77 -11.87 20.71
CA SER A 380 10.14 -11.45 20.96
C SER A 380 10.68 -10.61 19.82
N THR A 381 10.26 -10.91 18.59
CA THR A 381 10.73 -10.21 17.40
C THR A 381 9.94 -8.95 17.10
N GLY A 382 8.98 -8.57 17.97
CA GLY A 382 8.16 -7.41 17.76
C GLY A 382 6.68 -7.76 17.73
N LEU A 383 5.95 -7.05 16.87
CA LEU A 383 4.52 -7.25 16.73
C LEU A 383 4.24 -8.27 15.62
N ASN A 384 3.49 -9.32 15.96
CA ASN A 384 3.07 -10.28 14.95
C ASN A 384 2.07 -9.63 14.02
N ALA A 385 2.38 -9.62 12.72
CA ALA A 385 1.53 -8.92 11.77
C ALA A 385 0.22 -9.66 11.49
N VAL A 386 0.17 -10.95 11.75
CA VAL A 386 -1.04 -11.74 11.50
C VAL A 386 -1.98 -11.57 12.70
N PRO A 387 -3.20 -11.08 12.49
CA PRO A 387 -4.15 -10.98 13.61
C PRO A 387 -4.49 -12.34 14.18
N SER A 388 -4.66 -12.40 15.50
CA SER A 388 -4.99 -13.64 16.17
C SER A 388 -6.46 -13.77 16.51
N GLN A 389 -7.20 -12.66 16.56
CA GLN A 389 -8.63 -12.72 16.87
C GLN A 389 -9.30 -11.50 16.26
N ILE A 390 -10.52 -11.69 15.77
CA ILE A 390 -11.33 -10.62 15.20
C ILE A 390 -12.59 -10.46 16.04
N LEU A 391 -12.95 -9.22 16.32
CA LEU A 391 -14.17 -8.88 17.04
C LEU A 391 -15.09 -8.14 16.09
N GLU A 392 -16.31 -8.64 15.92
CA GLU A 392 -17.26 -8.12 14.95
C GLU A 392 -18.37 -7.34 15.65
N GLY A 393 -18.73 -6.21 15.06
CA GLY A 393 -19.87 -5.46 15.58
C GLY A 393 -21.17 -6.23 15.44
N GLN A 394 -22.05 -6.05 16.42
CA GLN A 394 -23.28 -6.83 16.51
C GLN A 394 -24.53 -5.99 16.39
N TRP A 395 -24.42 -4.71 16.03
CA TRP A 395 -25.54 -3.79 16.08
C TRP A 395 -25.79 -3.18 14.71
N ALA A 396 -27.02 -2.68 14.53
CA ALA A 396 -27.48 -2.19 13.24
C ALA A 396 -26.90 -0.81 12.95
N ALA A 397 -27.32 -0.21 11.84
CA ALA A 397 -26.83 1.07 11.35
C ALA A 397 -27.99 2.03 11.11
N ARG A 398 -28.84 2.19 12.14
CA ARG A 398 -30.12 2.88 12.00
C ARG A 398 -30.00 4.21 11.26
N SER A 399 -29.18 5.14 11.77
CA SER A 399 -29.05 6.47 11.21
C SER A 399 -27.66 6.72 10.62
N MET A 400 -26.62 6.51 11.41
CA MET A 400 -25.24 6.66 10.95
C MET A 400 -24.53 5.33 11.14
N PRO A 401 -23.30 5.16 10.64
CA PRO A 401 -22.57 3.92 10.87
C PRO A 401 -22.43 3.63 12.36
N PRO A 402 -22.51 2.35 12.76
CA PRO A 402 -22.38 2.01 14.17
C PRO A 402 -21.04 2.43 14.77
N SER A 403 -19.99 2.49 13.93
CA SER A 403 -18.66 2.92 14.36
C SER A 403 -18.14 2.05 15.51
N PHE A 404 -18.43 0.76 15.45
CA PHE A 404 -17.91 -0.18 16.44
C PHE A 404 -16.40 -0.24 16.36
N GLY A 405 -15.72 0.20 17.42
CA GLY A 405 -14.28 0.28 17.44
C GLY A 405 -13.71 1.67 17.24
N TYR A 406 -14.56 2.70 17.16
CA TYR A 406 -14.07 4.06 17.04
C TYR A 406 -13.30 4.50 18.28
N SER A 407 -13.56 3.88 19.42
CA SER A 407 -12.84 4.16 20.65
C SER A 407 -12.68 2.86 21.43
N MET A 408 -11.50 2.64 22.00
CA MET A 408 -11.21 1.43 22.75
C MET A 408 -10.32 1.78 23.94
N LYS A 409 -10.29 0.88 24.92
CA LYS A 409 -9.41 1.01 26.07
C LYS A 409 -9.17 -0.36 26.66
N GLY A 410 -7.90 -0.66 26.98
CA GLY A 410 -7.56 -1.93 27.59
C GLY A 410 -6.57 -1.79 28.74
N ALA A 411 -5.74 -2.81 28.94
CA ALA A 411 -4.67 -2.79 29.94
C ALA A 411 -5.21 -2.66 31.36
N THR A 412 -6.43 -3.15 31.60
CA THR A 412 -7.00 -3.16 32.94
C THR A 412 -7.79 -4.45 33.11
N ASP A 413 -7.64 -5.05 34.29
CA ASP A 413 -8.28 -6.33 34.62
C ASP A 413 -9.51 -6.03 35.47
N ILE A 414 -10.68 -5.94 34.83
CA ILE A 414 -11.88 -5.52 35.54
C ILE A 414 -12.37 -6.62 36.47
N ASP A 415 -12.16 -7.88 36.12
CA ASP A 415 -12.43 -8.98 37.03
C ASP A 415 -11.11 -9.42 37.67
N LYS A 416 -11.14 -10.51 38.43
CA LYS A 416 -9.96 -11.01 39.12
C LYS A 416 -9.34 -12.20 38.40
N ASN A 417 -9.71 -12.44 37.14
CA ASN A 417 -9.22 -13.61 36.42
C ASN A 417 -7.72 -13.54 36.12
N GLY A 418 -7.06 -12.44 36.41
CA GLY A 418 -5.64 -12.32 36.16
C GLY A 418 -5.26 -12.01 34.72
N TYR A 419 -6.24 -11.64 33.88
CA TYR A 419 -5.99 -11.35 32.49
C TYR A 419 -6.64 -10.01 32.14
N PRO A 420 -5.90 -9.09 31.53
CA PRO A 420 -6.49 -7.79 31.19
C PRO A 420 -7.61 -7.91 30.18
N ASP A 421 -8.58 -7.01 30.27
CA ASP A 421 -9.79 -7.03 29.46
C ASP A 421 -9.84 -5.79 28.58
N LEU A 422 -10.86 -5.72 27.73
CA LEU A 422 -10.95 -4.68 26.71
C LEU A 422 -12.35 -4.09 26.67
N ILE A 423 -12.42 -2.76 26.54
CA ILE A 423 -13.66 -2.04 26.32
C ILE A 423 -13.69 -1.57 24.88
N VAL A 424 -14.82 -1.77 24.20
CA VAL A 424 -15.01 -1.30 22.83
C VAL A 424 -16.30 -0.48 22.79
N GLY A 425 -16.21 0.72 22.23
CA GLY A 425 -17.35 1.59 22.11
C GLY A 425 -17.84 1.72 20.69
N ALA A 426 -19.12 2.03 20.51
CA ALA A 426 -19.70 2.17 19.18
C ALA A 426 -20.07 3.61 18.87
N PHE A 427 -20.89 4.25 19.71
CA PHE A 427 -21.31 5.65 19.62
C PHE A 427 -22.18 5.90 18.39
N GLY A 428 -22.31 4.90 17.51
CA GLY A 428 -23.26 5.00 16.42
C GLY A 428 -24.61 4.48 16.87
N VAL A 429 -24.61 3.37 17.60
CA VAL A 429 -25.80 2.83 18.22
C VAL A 429 -25.89 3.23 19.69
N ASP A 430 -25.00 4.12 20.14
CA ASP A 430 -24.97 4.58 21.54
C ASP A 430 -24.81 3.40 22.50
N ARG A 431 -23.77 2.60 22.27
CA ARG A 431 -23.52 1.40 23.04
C ARG A 431 -22.02 1.21 23.25
N ALA A 432 -21.69 0.44 24.29
CA ALA A 432 -20.31 0.07 24.59
C ALA A 432 -20.29 -1.38 25.04
N ILE A 433 -19.27 -2.12 24.61
CA ILE A 433 -19.16 -3.55 24.85
C ILE A 433 -17.86 -3.82 25.60
N LEU A 434 -17.93 -4.70 26.59
CA LEU A 434 -16.78 -5.11 27.39
C LEU A 434 -16.50 -6.58 27.13
N TYR A 435 -15.30 -6.88 26.62
CA TYR A 435 -14.88 -8.24 26.35
C TYR A 435 -13.88 -8.66 27.41
N ARG A 436 -14.18 -9.76 28.11
CA ARG A 436 -13.29 -10.28 29.13
C ARG A 436 -12.38 -11.36 28.55
N ALA A 437 -11.10 -11.32 28.95
CA ALA A 437 -10.13 -12.30 28.47
C ALA A 437 -10.27 -13.61 29.22
N ARG A 438 -10.07 -14.71 28.51
CA ARG A 438 -10.18 -16.03 29.12
C ARG A 438 -8.80 -16.58 29.46
N PRO A 439 -8.67 -17.32 30.56
CA PRO A 439 -7.35 -17.84 30.94
C PRO A 439 -6.81 -18.82 29.92
N VAL A 440 -5.49 -18.80 29.74
CA VAL A 440 -4.81 -19.61 28.74
C VAL A 440 -4.18 -20.82 29.44
N ILE A 441 -4.41 -22.00 28.88
CA ILE A 441 -3.85 -23.25 29.40
C ILE A 441 -2.94 -23.85 28.34
N THR A 442 -1.66 -23.94 28.64
CA THR A 442 -0.70 -24.62 27.78
C THR A 442 -0.61 -26.08 28.21
N VAL A 443 -0.90 -26.98 27.29
CA VAL A 443 -1.00 -28.40 27.58
C VAL A 443 -0.03 -29.18 26.70
N ASN A 444 0.67 -30.13 27.31
CA ASN A 444 1.54 -31.06 26.59
C ASN A 444 1.15 -32.48 26.95
N ALA A 445 1.14 -33.36 25.96
CA ALA A 445 0.76 -34.75 26.15
C ALA A 445 1.81 -35.66 25.53
N GLY A 446 2.11 -36.76 26.22
CA GLY A 446 3.05 -37.75 25.74
C GLY A 446 2.34 -39.01 25.29
N LEU A 447 2.97 -39.74 24.37
CA LEU A 447 2.43 -40.99 23.87
C LEU A 447 3.56 -41.98 23.71
N GLU A 448 3.42 -43.16 24.32
CA GLU A 448 4.47 -44.17 24.31
C GLU A 448 3.86 -45.53 24.00
N VAL A 449 4.66 -46.39 23.36
CA VAL A 449 4.21 -47.70 22.92
C VAL A 449 5.19 -48.74 23.43
N TYR A 450 4.69 -49.75 24.15
CA TYR A 450 5.50 -50.83 24.71
C TYR A 450 5.20 -52.13 23.98
N PRO A 451 6.03 -52.58 23.04
CA PRO A 451 7.19 -51.88 22.45
C PRO A 451 6.87 -51.34 21.07
N SER A 452 7.81 -50.67 20.40
CA SER A 452 7.54 -50.10 19.09
C SER A 452 7.62 -51.11 17.97
N ILE A 453 8.17 -52.30 18.21
CA ILE A 453 8.28 -53.36 17.21
C ILE A 453 7.47 -54.56 17.70
N LEU A 454 6.61 -55.08 16.83
CA LEU A 454 5.69 -56.15 17.18
C LEU A 454 6.07 -57.45 16.50
N ASN A 455 5.93 -58.55 17.22
CA ASN A 455 6.20 -59.88 16.68
C ASN A 455 4.91 -60.68 16.70
N GLN A 456 4.47 -61.11 15.51
CA GLN A 456 3.20 -61.83 15.40
C GLN A 456 3.26 -63.22 16.02
N ASP A 457 4.41 -63.88 15.91
CA ASP A 457 4.60 -65.21 16.47
C ASP A 457 4.81 -65.19 17.98
N ASN A 458 4.93 -64.00 18.57
CA ASN A 458 5.21 -63.82 19.99
C ASN A 458 3.94 -63.55 20.79
N LYS A 459 2.85 -64.24 20.45
CA LYS A 459 1.58 -64.08 21.14
C LYS A 459 1.74 -64.41 22.62
N THR A 460 1.43 -63.44 23.48
CA THR A 460 1.51 -63.63 24.92
C THR A 460 0.17 -63.43 25.62
N CYS A 461 -0.49 -62.30 25.39
CA CYS A 461 -1.73 -62.01 26.09
C CYS A 461 -2.86 -62.90 25.60
N SER A 462 -3.84 -63.13 26.48
CA SER A 462 -4.99 -63.96 26.17
C SER A 462 -6.18 -63.08 25.82
N LEU A 463 -6.88 -63.42 24.74
CA LEU A 463 -8.06 -62.67 24.34
C LEU A 463 -9.17 -62.85 25.37
N PRO A 464 -9.90 -61.78 25.71
CA PRO A 464 -10.90 -61.91 26.79
C PRO A 464 -12.06 -62.84 26.43
N GLY A 465 -12.58 -62.76 25.20
CA GLY A 465 -13.70 -63.60 24.80
C GLY A 465 -13.39 -65.07 24.85
N THR A 466 -12.45 -65.52 24.02
CA THR A 466 -12.00 -66.90 23.99
C THR A 466 -10.51 -66.95 24.33
N ALA A 467 -10.12 -68.03 25.02
CA ALA A 467 -8.75 -68.17 25.53
C ALA A 467 -7.83 -68.54 24.36
N LEU A 468 -7.26 -67.52 23.73
CA LEU A 468 -6.25 -67.71 22.69
C LEU A 468 -5.16 -66.68 22.89
N LYS A 469 -3.91 -67.12 22.83
CA LYS A 469 -2.78 -66.21 22.96
C LYS A 469 -2.69 -65.32 21.72
N VAL A 470 -2.59 -64.02 21.93
CA VAL A 470 -2.55 -63.04 20.85
C VAL A 470 -1.36 -62.11 21.08
N SER A 471 -0.69 -61.73 19.99
CA SER A 471 0.39 -60.76 20.09
C SER A 471 -0.16 -59.41 20.51
N CYS A 472 0.45 -58.82 21.53
CA CYS A 472 -0.08 -57.60 22.14
C CYS A 472 1.06 -56.62 22.40
N PHE A 473 0.67 -55.37 22.66
CA PHE A 473 1.60 -54.34 23.08
C PHE A 473 0.83 -53.32 23.92
N ASN A 474 1.55 -52.36 24.48
CA ASN A 474 0.97 -51.39 25.40
C ASN A 474 1.09 -49.99 24.82
N VAL A 475 0.11 -49.14 25.16
CA VAL A 475 0.12 -47.74 24.78
C VAL A 475 -0.27 -46.91 26.00
N ARG A 476 0.55 -45.91 26.31
CA ARG A 476 0.35 -45.04 27.47
C ARG A 476 0.21 -43.61 26.99
N PHE A 477 -0.84 -42.92 27.46
CA PHE A 477 -1.10 -41.54 27.10
C PHE A 477 -1.12 -40.70 28.37
N CYS A 478 -0.07 -39.91 28.57
CA CYS A 478 0.04 -39.03 29.73
C CYS A 478 -0.36 -37.62 29.33
N LEU A 479 -0.97 -36.90 30.27
CA LEU A 479 -1.56 -35.59 29.99
C LEU A 479 -1.28 -34.65 31.16
N LYS A 480 -0.64 -33.52 30.86
CA LYS A 480 -0.35 -32.48 31.85
C LYS A 480 -0.70 -31.12 31.26
N ALA A 481 -1.31 -30.26 32.08
CA ALA A 481 -1.71 -28.94 31.63
C ALA A 481 -1.68 -27.98 32.81
N ASP A 482 -1.28 -26.74 32.54
CA ASP A 482 -1.23 -25.71 33.56
C ASP A 482 -1.37 -24.35 32.88
N GLY A 483 -1.52 -23.30 33.69
CA GLY A 483 -1.68 -21.97 33.16
C GLY A 483 -1.62 -20.93 34.26
N LYS A 484 -1.74 -19.68 33.86
CA LYS A 484 -1.69 -18.55 34.77
C LYS A 484 -3.09 -17.98 34.99
N GLY A 485 -3.18 -17.05 35.94
CA GLY A 485 -4.44 -16.42 36.26
C GLY A 485 -5.35 -17.33 37.07
N VAL A 486 -6.63 -17.01 37.05
CA VAL A 486 -7.65 -17.76 37.79
C VAL A 486 -8.25 -18.79 36.85
N LEU A 487 -7.96 -20.06 37.10
CA LEU A 487 -8.53 -21.20 36.39
C LEU A 487 -8.71 -22.34 37.39
N PRO A 488 -9.69 -23.22 37.14
CA PRO A 488 -10.04 -24.24 38.14
C PRO A 488 -8.88 -25.17 38.47
N ARG A 489 -9.02 -25.86 39.61
CA ARG A 489 -7.99 -26.78 40.06
C ARG A 489 -7.84 -27.95 39.08
N LYS A 490 -8.92 -28.69 38.87
CA LYS A 490 -8.92 -29.85 38.01
C LYS A 490 -9.64 -29.53 36.71
N LEU A 491 -9.10 -30.04 35.60
CA LEU A 491 -9.63 -29.78 34.28
C LEU A 491 -10.16 -31.08 33.67
N ASN A 492 -11.26 -30.97 32.93
CA ASN A 492 -11.90 -32.12 32.31
C ASN A 492 -11.46 -32.22 30.86
N PHE A 493 -10.63 -33.22 30.57
CA PHE A 493 -10.17 -33.49 29.21
C PHE A 493 -10.87 -34.74 28.66
N GLN A 494 -11.27 -34.67 27.41
CA GLN A 494 -11.82 -35.82 26.69
C GLN A 494 -10.83 -36.21 25.59
N VAL A 495 -10.27 -37.40 25.71
CA VAL A 495 -9.19 -37.86 24.82
C VAL A 495 -9.69 -39.05 24.01
N GLU A 496 -9.32 -39.08 22.74
CA GLU A 496 -9.67 -40.16 21.82
C GLU A 496 -8.41 -40.84 21.33
N LEU A 497 -8.43 -42.17 21.29
CA LEU A 497 -7.32 -42.98 20.82
C LEU A 497 -7.72 -43.71 19.54
N LEU A 498 -6.86 -43.64 18.52
CA LEU A 498 -7.12 -44.28 17.24
C LEU A 498 -5.92 -45.16 16.89
N LEU A 499 -6.18 -46.44 16.65
CA LEU A 499 -5.14 -47.39 16.29
C LEU A 499 -5.07 -47.50 14.77
N ASP A 500 -3.85 -47.47 14.22
CA ASP A 500 -3.61 -47.54 12.78
C ASP A 500 -4.34 -46.41 12.06
N LYS A 501 -3.92 -45.18 12.38
CA LYS A 501 -4.56 -44.00 11.78
C LYS A 501 -4.32 -43.92 10.28
N LEU A 502 -3.21 -44.46 9.78
CA LEU A 502 -2.90 -44.38 8.36
C LEU A 502 -3.99 -45.03 7.53
N LYS A 503 -4.27 -46.30 7.78
CA LYS A 503 -5.40 -46.95 7.13
C LYS A 503 -6.70 -46.41 7.71
N GLN A 504 -7.70 -46.25 6.84
CA GLN A 504 -8.92 -45.53 7.19
C GLN A 504 -10.08 -46.20 6.46
N LYS A 505 -11.17 -45.45 6.26
CA LYS A 505 -12.52 -45.95 6.07
C LYS A 505 -12.60 -47.24 5.25
N GLY A 506 -12.00 -47.28 4.06
CA GLY A 506 -11.86 -48.54 3.37
C GLY A 506 -10.45 -49.11 3.50
N ALA A 507 -10.26 -49.99 4.48
CA ALA A 507 -8.97 -50.62 4.74
C ALA A 507 -9.15 -51.62 5.87
N ILE A 508 -8.07 -52.35 6.16
CA ILE A 508 -7.97 -53.26 7.30
C ILE A 508 -7.54 -52.47 8.52
N ARG A 509 -7.96 -52.94 9.70
CA ARG A 509 -7.66 -52.25 10.95
C ARG A 509 -6.32 -52.68 11.54
N ARG A 510 -6.05 -53.99 11.54
CA ARG A 510 -4.74 -54.56 11.86
C ARG A 510 -4.40 -54.44 13.34
N ALA A 511 -5.21 -53.71 14.11
CA ALA A 511 -4.94 -53.53 15.53
C ALA A 511 -6.15 -53.01 16.28
N LEU A 512 -6.49 -53.64 17.41
CA LEU A 512 -7.62 -53.22 18.22
C LEU A 512 -7.22 -53.28 19.69
N PHE A 513 -8.02 -52.63 20.53
CA PHE A 513 -7.77 -52.68 21.96
C PHE A 513 -8.15 -54.03 22.53
N LEU A 514 -7.50 -54.40 23.64
CA LEU A 514 -7.64 -55.73 24.19
C LEU A 514 -9.08 -56.03 24.60
N TYR A 515 -9.61 -55.24 25.54
CA TYR A 515 -10.92 -55.55 26.11
C TYR A 515 -12.04 -55.06 25.21
N SER A 516 -11.94 -53.83 24.69
CA SER A 516 -13.01 -53.25 23.89
C SER A 516 -13.18 -53.94 22.54
N ARG A 517 -12.14 -54.62 22.06
CA ARG A 517 -12.17 -55.29 20.75
C ARG A 517 -12.50 -54.32 19.62
N SER A 518 -12.08 -53.07 19.77
CA SER A 518 -12.38 -52.03 18.80
C SER A 518 -11.12 -51.27 18.45
N PRO A 519 -11.03 -50.75 17.21
CA PRO A 519 -9.85 -49.97 16.82
C PRO A 519 -9.77 -48.60 17.48
N SER A 520 -10.84 -48.13 18.12
CA SER A 520 -10.87 -46.82 18.74
C SER A 520 -11.37 -46.94 20.17
N HIS A 521 -11.07 -45.92 20.98
CA HIS A 521 -11.49 -45.89 22.37
C HIS A 521 -11.48 -44.46 22.86
N SER A 522 -12.26 -44.20 23.91
CA SER A 522 -12.35 -42.88 24.51
C SER A 522 -12.22 -42.99 26.02
N LYS A 523 -11.59 -41.98 26.62
CA LYS A 523 -11.36 -41.95 28.07
C LYS A 523 -11.64 -40.56 28.61
N ASN A 524 -12.31 -40.50 29.76
CA ASN A 524 -12.57 -39.26 30.46
C ASN A 524 -11.51 -39.08 31.54
N MET A 525 -10.68 -38.04 31.39
CA MET A 525 -9.57 -37.80 32.30
C MET A 525 -9.79 -36.51 33.08
N THR A 526 -9.04 -36.38 34.17
CA THR A 526 -9.10 -35.20 35.02
C THR A 526 -7.77 -35.07 35.74
N ILE A 527 -7.02 -34.02 35.45
CA ILE A 527 -5.68 -33.82 36.00
C ILE A 527 -5.68 -32.57 36.86
N SER A 528 -4.55 -32.34 37.51
CA SER A 528 -4.34 -31.15 38.32
C SER A 528 -3.41 -30.19 37.60
N ARG A 529 -3.39 -28.94 38.09
CA ARG A 529 -2.65 -27.87 37.43
C ARG A 529 -1.14 -28.12 37.39
N GLY A 530 -0.51 -28.15 38.56
CA GLY A 530 0.94 -28.21 38.62
C GLY A 530 1.52 -29.60 38.52
N GLY A 531 2.15 -29.89 37.38
CA GLY A 531 2.75 -31.20 37.18
C GLY A 531 1.72 -32.31 37.23
N LEU A 532 2.11 -33.43 37.81
CA LEU A 532 1.24 -34.59 37.97
C LEU A 532 0.64 -35.02 36.63
N MET A 533 1.52 -35.44 35.72
CA MET A 533 1.12 -35.85 34.39
C MET A 533 0.43 -37.21 34.43
N GLN A 534 -0.89 -37.21 34.59
CA GLN A 534 -1.64 -38.44 34.76
C GLN A 534 -1.68 -39.24 33.46
N CYS A 535 -1.65 -40.56 33.60
CA CYS A 535 -1.66 -41.48 32.47
C CYS A 535 -2.67 -42.59 32.72
N GLU A 536 -3.01 -43.31 31.63
CA GLU A 536 -3.88 -44.48 31.71
C GLU A 536 -3.36 -45.53 30.75
N GLU A 537 -4.03 -46.68 30.71
CA GLU A 537 -3.55 -47.81 29.91
C GLU A 537 -4.69 -48.68 29.43
N LEU A 538 -4.66 -49.03 28.15
CA LEU A 538 -5.44 -50.09 27.54
C LEU A 538 -4.57 -50.69 26.45
N ILE A 539 -4.52 -52.02 26.35
CA ILE A 539 -3.40 -52.58 25.61
C ILE A 539 -3.80 -53.37 24.36
N ALA A 540 -4.03 -52.64 23.26
CA ALA A 540 -3.46 -52.88 21.94
C ALA A 540 -3.17 -54.33 21.54
N TYR A 541 -4.18 -55.20 21.48
CA TYR A 541 -3.92 -56.54 20.96
C TYR A 541 -3.85 -56.50 19.44
N LEU A 542 -2.82 -57.13 18.88
CA LEU A 542 -2.62 -57.16 17.44
C LEU A 542 -3.54 -58.19 16.80
N ARG A 543 -3.90 -57.94 15.54
CA ARG A 543 -4.81 -58.83 14.83
C ARG A 543 -4.16 -60.19 14.62
N ASP A 544 -4.99 -61.17 14.24
CA ASP A 544 -4.52 -62.54 14.02
C ASP A 544 -3.40 -62.55 12.98
N GLU A 545 -2.33 -63.29 13.29
CA GLU A 545 -1.15 -63.31 12.43
C GLU A 545 -1.49 -63.84 11.05
N SER A 546 -0.90 -63.23 10.03
CA SER A 546 -1.10 -63.62 8.64
C SER A 546 -2.59 -63.59 8.27
N GLU A 547 -3.19 -62.42 8.46
CA GLU A 547 -4.60 -62.24 8.11
C GLU A 547 -4.86 -60.93 7.38
N PHE A 548 -3.86 -60.07 7.20
CA PHE A 548 -4.03 -58.82 6.49
C PHE A 548 -3.12 -58.64 5.28
N ARG A 549 -2.02 -59.39 5.20
CA ARG A 549 -1.12 -59.38 4.05
C ARG A 549 -0.39 -58.04 3.93
N ASP A 550 -0.76 -57.07 4.77
CA ASP A 550 -0.16 -55.74 4.73
C ASP A 550 0.82 -55.62 5.90
N LYS A 551 2.10 -55.81 5.59
CA LYS A 551 3.20 -55.44 6.47
C LYS A 551 3.93 -54.25 5.86
N LEU A 552 5.04 -53.86 6.49
CA LEU A 552 5.86 -52.69 6.15
C LEU A 552 5.10 -51.37 6.23
N THR A 553 3.82 -51.39 6.61
CA THR A 553 3.06 -50.15 6.79
C THR A 553 2.94 -49.89 8.28
N PRO A 554 3.56 -48.84 8.81
CA PRO A 554 3.57 -48.66 10.28
C PRO A 554 2.16 -48.43 10.82
N ILE A 555 1.86 -49.12 11.92
CA ILE A 555 0.61 -48.91 12.63
C ILE A 555 0.76 -47.63 13.46
N THR A 556 0.14 -46.55 13.00
CA THR A 556 0.31 -45.24 13.62
C THR A 556 -0.70 -45.07 14.75
N ILE A 557 -0.20 -44.92 15.96
CA ILE A 557 -1.06 -44.66 17.12
C ILE A 557 -1.31 -43.17 17.19
N PHE A 558 -2.58 -42.78 17.19
CA PHE A 558 -2.99 -41.38 17.11
C PHE A 558 -3.85 -41.02 18.31
N MET A 559 -3.43 -40.02 19.07
CA MET A 559 -4.20 -39.51 20.20
C MET A 559 -4.58 -38.06 19.94
N GLU A 560 -5.88 -37.77 20.04
CA GLU A 560 -6.39 -36.42 19.98
C GLU A 560 -7.25 -36.15 21.22
N TYR A 561 -7.13 -34.95 21.76
CA TYR A 561 -7.79 -34.61 23.02
C TYR A 561 -8.47 -33.25 22.92
N ARG A 562 -9.62 -33.14 23.56
CA ARG A 562 -10.36 -31.89 23.67
C ARG A 562 -10.53 -31.53 25.14
N LEU A 563 -11.30 -30.46 25.40
CA LEU A 563 -11.52 -29.97 26.75
C LEU A 563 -13.02 -29.73 26.94
N ASP A 564 -13.60 -30.37 27.94
CA ASP A 564 -15.01 -30.18 28.22
C ASP A 564 -15.25 -28.82 28.87
N TYR A 565 -16.34 -28.17 28.49
CA TYR A 565 -16.71 -26.84 28.97
C TYR A 565 -17.26 -26.85 30.38
N ARG A 566 -17.13 -27.98 31.08
CA ARG A 566 -17.74 -28.14 32.41
C ARG A 566 -17.14 -27.15 33.41
N THR A 567 -15.82 -27.21 33.60
CA THR A 567 -15.16 -26.40 34.61
C THR A 567 -15.01 -24.96 34.14
N ALA A 568 -15.49 -24.03 34.96
CA ALA A 568 -15.36 -22.60 34.70
C ALA A 568 -15.24 -21.89 36.04
N ALA A 569 -15.23 -20.56 36.00
CA ALA A 569 -15.13 -19.75 37.21
C ALA A 569 -16.51 -19.23 37.61
N ASP A 570 -16.56 -18.54 38.75
CA ASP A 570 -17.79 -17.89 39.20
C ASP A 570 -18.16 -16.68 38.33
N THR A 571 -17.38 -16.40 37.29
CA THR A 571 -17.64 -15.32 36.35
C THR A 571 -18.87 -15.55 35.49
N THR A 572 -19.60 -16.65 35.71
CA THR A 572 -20.88 -16.93 35.05
C THR A 572 -20.70 -17.04 33.53
N GLY A 573 -19.91 -18.02 33.14
CA GLY A 573 -19.79 -18.39 31.74
C GLY A 573 -18.45 -18.07 31.08
N LEU A 574 -17.39 -17.86 31.84
CA LEU A 574 -16.06 -17.55 31.28
C LEU A 574 -15.19 -18.79 31.48
N GLN A 575 -15.16 -19.65 30.46
CA GLN A 575 -14.39 -20.89 30.41
C GLN A 575 -13.00 -20.64 29.84
N PRO A 576 -12.01 -21.44 30.22
CA PRO A 576 -10.64 -21.23 29.71
C PRO A 576 -10.50 -21.56 28.22
N ILE A 577 -9.30 -21.35 27.69
CA ILE A 577 -8.99 -21.62 26.29
C ILE A 577 -7.58 -22.18 26.22
N LEU A 578 -7.39 -23.21 25.38
CA LEU A 578 -6.08 -23.80 25.22
C LEU A 578 -5.14 -22.83 24.51
N ASN A 579 -3.85 -23.15 24.54
CA ASN A 579 -2.84 -22.28 23.95
C ASN A 579 -3.06 -22.13 22.45
N GLN A 580 -2.64 -20.98 21.92
CA GLN A 580 -2.92 -20.65 20.52
C GLN A 580 -2.29 -21.66 19.58
N PHE A 581 -0.97 -21.73 19.56
CA PHE A 581 -0.24 -22.62 18.66
C PHE A 581 0.33 -23.77 19.49
N THR A 582 -0.48 -24.81 19.68
CA THR A 582 -0.07 -26.03 20.34
C THR A 582 -0.75 -27.19 19.64
N PRO A 583 -0.05 -28.31 19.46
CA PRO A 583 -0.65 -29.47 18.78
C PRO A 583 -1.77 -30.06 19.62
N ALA A 584 -2.96 -30.17 19.01
CA ALA A 584 -4.10 -30.80 19.66
C ALA A 584 -4.04 -32.33 19.56
N ASN A 585 -3.02 -32.87 18.89
CA ASN A 585 -2.88 -34.31 18.77
C ASN A 585 -1.41 -34.65 18.57
N ILE A 586 -1.08 -35.92 18.82
CA ILE A 586 0.29 -36.40 18.70
C ILE A 586 0.24 -37.85 18.24
N SER A 587 1.19 -38.24 17.39
CA SER A 587 1.19 -39.56 16.77
C SER A 587 2.44 -40.35 17.14
N ARG A 588 2.26 -41.66 17.33
CA ARG A 588 3.35 -42.60 17.48
C ARG A 588 3.11 -43.75 16.50
N GLN A 589 4.20 -44.39 16.08
CA GLN A 589 4.13 -45.43 15.06
C GLN A 589 4.81 -46.70 15.55
N ALA A 590 4.14 -47.83 15.38
CA ALA A 590 4.69 -49.15 15.64
C ALA A 590 4.86 -49.89 14.32
N HIS A 591 5.80 -50.83 14.29
CA HIS A 591 6.12 -51.56 13.08
C HIS A 591 6.10 -53.05 13.35
N ILE A 592 5.64 -53.82 12.36
CA ILE A 592 5.66 -55.28 12.44
C ILE A 592 7.06 -55.77 12.10
N LEU A 593 7.56 -56.73 12.88
CA LEU A 593 8.88 -57.27 12.63
C LEU A 593 8.91 -57.99 11.29
N LEU A 594 9.86 -57.60 10.44
CA LEU A 594 9.95 -58.17 9.09
C LEU A 594 11.37 -57.98 8.59
N ASP A 595 12.02 -59.10 8.22
CA ASP A 595 13.35 -59.07 7.62
C ASP A 595 14.35 -58.32 8.48
N CYS A 596 14.32 -58.59 9.79
CA CYS A 596 15.28 -58.02 10.72
C CYS A 596 16.35 -59.03 11.13
N GLY A 597 16.56 -60.07 10.33
CA GLY A 597 17.64 -61.00 10.57
C GLY A 597 17.35 -61.97 11.70
N GLU A 598 18.34 -62.82 11.98
CA GLU A 598 18.21 -63.82 13.03
C GLU A 598 18.29 -63.22 14.42
N ASP A 599 18.78 -61.98 14.55
CA ASP A 599 18.84 -61.32 15.85
C ASP A 599 17.51 -60.69 16.25
N ASN A 600 16.51 -60.73 15.37
CA ASN A 600 15.18 -60.18 15.61
C ASN A 600 15.20 -58.68 15.88
N VAL A 601 16.29 -58.01 15.53
CA VAL A 601 16.40 -56.55 15.60
C VAL A 601 16.97 -56.05 14.30
N CYS A 602 16.41 -54.96 13.78
CA CYS A 602 16.84 -54.40 12.50
C CYS A 602 17.96 -53.40 12.74
N LYS A 603 19.18 -53.78 12.36
CA LYS A 603 20.35 -52.91 12.50
C LYS A 603 20.81 -52.45 11.12
N PRO A 604 20.53 -51.20 10.74
CA PRO A 604 20.96 -50.71 9.44
C PRO A 604 22.30 -49.97 9.52
N LYS A 605 22.85 -49.70 8.34
CA LYS A 605 24.07 -48.89 8.22
C LYS A 605 23.78 -47.79 7.20
N LEU A 606 23.46 -46.60 7.72
CA LEU A 606 23.10 -45.47 6.87
C LEU A 606 24.34 -44.69 6.45
N GLU A 607 24.30 -44.17 5.23
CA GLU A 607 25.45 -43.49 4.65
C GLU A 607 24.99 -42.27 3.85
N VAL A 608 25.74 -41.17 3.99
CA VAL A 608 25.46 -39.93 3.27
C VAL A 608 26.70 -39.57 2.46
N SER A 609 26.50 -39.26 1.17
CA SER A 609 27.58 -38.83 0.30
C SER A 609 27.12 -37.65 -0.53
N VAL A 610 27.93 -36.59 -0.56
CA VAL A 610 27.59 -35.38 -1.30
C VAL A 610 28.83 -34.89 -2.05
N ASP A 611 28.69 -34.69 -3.36
CA ASP A 611 29.73 -34.10 -4.17
C ASP A 611 29.38 -32.65 -4.48
N SER A 612 30.34 -31.92 -5.04
CA SER A 612 30.23 -30.48 -5.25
C SER A 612 30.08 -30.19 -6.74
N ASP A 613 28.85 -30.00 -7.19
CA ASP A 613 28.62 -29.48 -8.54
C ASP A 613 28.87 -27.97 -8.57
N GLN A 614 28.33 -27.25 -7.59
CA GLN A 614 28.66 -25.84 -7.41
C GLN A 614 30.01 -25.72 -6.71
N LYS A 615 30.80 -24.75 -7.14
CA LYS A 615 32.13 -24.54 -6.58
C LYS A 615 32.30 -23.20 -5.89
N LYS A 616 31.78 -22.12 -6.47
CA LYS A 616 31.98 -20.77 -5.95
C LYS A 616 30.62 -20.13 -5.65
N ILE A 617 30.58 -19.36 -4.58
CA ILE A 617 29.40 -18.59 -4.19
C ILE A 617 29.81 -17.14 -4.02
N TYR A 618 29.23 -16.26 -4.83
CA TYR A 618 29.66 -14.87 -4.91
C TYR A 618 28.94 -14.02 -3.86
N ILE A 619 29.71 -13.17 -3.19
CA ILE A 619 29.20 -12.34 -2.10
C ILE A 619 28.45 -11.15 -2.66
N GLY A 620 27.29 -10.85 -2.08
CA GLY A 620 26.53 -9.67 -2.42
C GLY A 620 25.19 -9.93 -3.05
N ASP A 621 24.92 -11.15 -3.52
CA ASP A 621 23.66 -11.43 -4.19
C ASP A 621 23.26 -12.87 -3.91
N ASP A 622 21.96 -13.13 -4.05
CA ASP A 622 21.47 -14.50 -4.03
C ASP A 622 21.87 -15.22 -5.31
N ASN A 623 22.04 -16.54 -5.21
CA ASN A 623 22.52 -17.33 -6.33
C ASN A 623 22.06 -18.77 -6.12
N PRO A 624 21.86 -19.53 -7.19
CA PRO A 624 21.45 -20.94 -7.04
C PRO A 624 22.57 -21.77 -6.44
N LEU A 625 22.25 -22.53 -5.40
CA LEU A 625 23.20 -23.43 -4.74
C LEU A 625 22.49 -24.78 -4.61
N THR A 626 22.88 -25.74 -5.45
CA THR A 626 22.27 -27.06 -5.47
C THR A 626 23.24 -28.08 -4.91
N LEU A 627 22.74 -28.91 -4.00
CA LEU A 627 23.52 -29.99 -3.40
C LEU A 627 22.91 -31.33 -3.80
N ILE A 628 23.77 -32.27 -4.19
CA ILE A 628 23.34 -33.62 -4.55
C ILE A 628 23.61 -34.53 -3.37
N VAL A 629 22.55 -35.16 -2.86
CA VAL A 629 22.62 -36.03 -1.70
C VAL A 629 22.47 -37.48 -2.16
N LYS A 630 23.30 -38.36 -1.62
CA LYS A 630 23.29 -39.79 -1.94
C LYS A 630 23.04 -40.55 -0.63
N ALA A 631 21.79 -40.89 -0.39
CA ALA A 631 21.39 -41.59 0.83
C ALA A 631 21.16 -43.06 0.50
N GLN A 632 21.88 -43.94 1.19
CA GLN A 632 21.78 -45.37 0.97
C GLN A 632 21.81 -46.10 2.31
N ASN A 633 21.01 -47.17 2.41
CA ASN A 633 20.93 -47.99 3.62
C ASN A 633 21.46 -49.37 3.29
N GLN A 634 22.68 -49.67 3.74
CA GLN A 634 23.29 -50.99 3.54
C GLN A 634 23.12 -51.78 4.83
N GLY A 635 21.97 -52.43 4.96
CA GLY A 635 21.66 -53.19 6.15
C GLY A 635 20.18 -53.49 6.21
N GLU A 636 19.76 -53.94 7.39
CA GLU A 636 18.36 -54.28 7.59
C GLU A 636 17.51 -53.00 7.62
N GLY A 637 16.19 -53.20 7.68
CA GLY A 637 15.28 -52.07 7.49
C GLY A 637 15.46 -51.00 8.55
N ALA A 638 15.32 -49.75 8.15
CA ALA A 638 15.44 -48.60 9.04
C ALA A 638 14.08 -47.93 9.15
N TYR A 639 13.51 -47.97 10.36
CA TYR A 639 12.18 -47.41 10.56
C TYR A 639 12.22 -45.88 10.57
N GLU A 640 11.29 -45.27 9.84
CA GLU A 640 11.09 -43.81 9.85
C GLU A 640 12.39 -43.08 9.52
N ALA A 641 13.06 -43.53 8.46
CA ALA A 641 14.30 -42.90 8.05
C ALA A 641 14.04 -41.49 7.54
N GLU A 642 14.89 -40.55 7.94
CA GLU A 642 14.79 -39.17 7.53
C GLU A 642 16.19 -38.61 7.26
N LEU A 643 16.26 -37.69 6.30
CA LEU A 643 17.50 -37.00 5.99
C LEU A 643 17.52 -35.66 6.72
N ILE A 644 18.52 -35.46 7.56
CA ILE A 644 18.64 -34.25 8.37
C ILE A 644 19.68 -33.34 7.74
N VAL A 645 19.24 -32.19 7.27
CA VAL A 645 20.10 -31.21 6.61
C VAL A 645 20.16 -29.99 7.51
N SER A 646 21.21 -29.89 8.32
CA SER A 646 21.42 -28.72 9.16
C SER A 646 22.06 -27.62 8.31
N ILE A 647 21.40 -26.46 8.24
CA ILE A 647 21.77 -25.40 7.32
C ILE A 647 22.32 -24.20 8.11
N PRO A 648 23.06 -23.30 7.49
CA PRO A 648 23.51 -22.09 8.18
C PRO A 648 22.40 -21.05 8.20
N LEU A 649 22.73 -19.88 8.77
CA LEU A 649 21.77 -18.79 8.84
C LEU A 649 21.45 -18.20 7.48
N GLN A 650 22.31 -18.43 6.48
CA GLN A 650 22.19 -17.80 5.18
C GLN A 650 21.54 -18.72 4.14
N ALA A 651 21.00 -19.86 4.55
CA ALA A 651 20.61 -20.89 3.59
C ALA A 651 19.38 -20.47 2.78
N ASP A 652 18.25 -20.26 3.45
CA ASP A 652 16.97 -19.94 2.79
C ASP A 652 16.59 -21.03 1.79
N PHE A 653 16.33 -22.22 2.33
CA PHE A 653 16.01 -23.39 1.51
C PHE A 653 14.73 -23.18 0.72
N ILE A 654 14.73 -23.67 -0.52
CA ILE A 654 13.58 -23.57 -1.42
C ILE A 654 13.52 -24.84 -2.28
N GLY A 655 12.38 -25.53 -2.22
CA GLY A 655 12.02 -26.63 -3.11
C GLY A 655 13.03 -27.76 -3.26
N VAL A 656 12.71 -28.63 -4.22
CA VAL A 656 13.56 -29.76 -4.60
C VAL A 656 13.58 -29.85 -6.12
N VAL A 657 14.53 -30.62 -6.63
CA VAL A 657 14.78 -30.76 -8.07
C VAL A 657 13.85 -31.83 -8.64
N ARG A 658 13.15 -31.48 -9.72
CA ARG A 658 12.22 -32.38 -10.38
C ARG A 658 12.65 -32.78 -11.79
N ASN A 659 13.43 -31.95 -12.48
CA ASN A 659 13.69 -32.10 -13.90
C ASN A 659 14.61 -33.26 -14.25
N ASN A 660 15.20 -33.94 -13.27
CA ASN A 660 16.11 -35.04 -13.54
C ASN A 660 15.47 -36.38 -13.18
N GLU A 661 15.84 -37.41 -13.94
CA GLU A 661 15.46 -38.78 -13.64
C GLU A 661 16.53 -39.52 -12.85
N ALA A 662 17.79 -39.14 -13.03
CA ALA A 662 18.88 -39.76 -12.26
C ALA A 662 18.69 -39.53 -10.76
N LEU A 663 18.11 -38.40 -10.38
CA LEU A 663 17.70 -38.15 -9.01
C LEU A 663 16.18 -38.04 -8.99
N ALA A 664 15.53 -38.85 -8.16
CA ALA A 664 14.09 -38.87 -8.10
C ALA A 664 13.58 -37.78 -7.16
N ARG A 665 12.25 -37.69 -7.04
CA ARG A 665 11.65 -36.73 -6.13
C ARG A 665 11.91 -37.14 -4.68
N LEU A 666 11.62 -36.21 -3.78
CA LEU A 666 11.68 -36.48 -2.35
C LEU A 666 10.64 -35.65 -1.63
N SER A 667 10.28 -36.09 -0.43
CA SER A 667 9.35 -35.38 0.43
C SER A 667 10.16 -34.66 1.48
N CYS A 668 10.39 -33.37 1.26
CA CYS A 668 11.17 -32.53 2.17
C CYS A 668 10.31 -31.39 2.69
N ALA A 669 10.59 -30.97 3.92
CA ALA A 669 9.87 -29.87 4.54
C ALA A 669 10.84 -29.06 5.38
N PHE A 670 10.77 -27.73 5.24
CA PHE A 670 11.57 -26.83 6.05
C PHE A 670 10.89 -26.63 7.40
N LYS A 671 11.65 -26.75 8.49
CA LYS A 671 11.08 -26.57 9.81
C LYS A 671 12.19 -26.21 10.79
N THR A 672 11.85 -25.35 11.75
CA THR A 672 12.76 -24.99 12.85
C THR A 672 11.93 -24.97 14.13
N GLU A 673 12.23 -25.88 15.04
CA GLU A 673 11.45 -26.03 16.27
C GLU A 673 12.26 -25.73 17.52
N ASN A 674 13.47 -26.31 17.64
CA ASN A 674 14.27 -26.18 18.85
C ASN A 674 15.65 -25.61 18.51
N GLN A 675 15.73 -24.28 18.48
CA GLN A 675 17.01 -23.57 18.50
C GLN A 675 17.87 -23.79 17.26
N THR A 676 17.36 -24.52 16.27
CA THR A 676 18.16 -24.83 15.09
C THR A 676 17.30 -24.81 13.84
N ARG A 677 17.85 -24.28 12.75
CA ARG A 677 17.25 -24.36 11.43
C ARG A 677 17.78 -25.58 10.70
N GLN A 678 16.89 -26.29 10.01
CA GLN A 678 17.27 -27.50 9.31
C GLN A 678 16.20 -27.86 8.29
N VAL A 679 16.54 -28.80 7.41
CA VAL A 679 15.63 -29.32 6.39
C VAL A 679 15.56 -30.83 6.55
N VAL A 680 14.35 -31.36 6.71
CA VAL A 680 14.12 -32.78 6.92
C VAL A 680 13.50 -33.38 5.66
N CYS A 681 14.10 -34.45 5.16
CA CYS A 681 13.60 -35.17 4.00
C CYS A 681 13.31 -36.62 4.37
N ASP A 682 12.17 -37.12 3.89
CA ASP A 682 11.78 -38.50 4.16
C ASP A 682 12.51 -39.44 3.22
N LEU A 683 13.14 -40.47 3.79
CA LEU A 683 13.89 -41.45 3.02
C LEU A 683 13.19 -42.81 2.98
N GLY A 684 11.90 -42.86 3.27
CA GLY A 684 11.16 -44.10 3.25
C GLY A 684 10.96 -44.69 4.63
N ASN A 685 9.74 -45.10 4.94
CA ASN A 685 9.39 -45.66 6.24
C ASN A 685 8.73 -47.02 6.04
N PRO A 686 9.46 -48.12 6.19
CA PRO A 686 10.91 -48.22 6.47
C PRO A 686 11.76 -48.09 5.22
N MET A 687 13.02 -47.65 5.38
CA MET A 687 13.98 -47.58 4.27
C MET A 687 14.64 -48.95 4.17
N LYS A 688 14.23 -49.74 3.18
CA LYS A 688 14.63 -51.14 3.09
C LYS A 688 16.10 -51.25 2.68
N ALA A 689 16.56 -52.49 2.55
CA ALA A 689 17.95 -52.76 2.23
C ALA A 689 18.29 -52.24 0.84
N GLY A 690 19.58 -51.99 0.62
CA GLY A 690 20.02 -51.33 -0.60
C GLY A 690 19.58 -49.88 -0.61
N THR A 691 18.62 -49.57 -1.47
CA THR A 691 17.93 -48.27 -1.47
C THR A 691 18.93 -47.12 -1.62
N GLN A 692 19.60 -47.09 -2.76
CA GLN A 692 20.51 -45.99 -3.10
C GLN A 692 19.69 -44.90 -3.76
N LEU A 693 19.44 -43.82 -3.02
CA LEU A 693 18.60 -42.72 -3.48
C LEU A 693 19.45 -41.52 -3.83
N LEU A 694 19.10 -40.86 -4.93
CA LEU A 694 19.73 -39.62 -5.36
C LEU A 694 18.68 -38.51 -5.39
N ALA A 695 19.05 -37.34 -4.93
CA ALA A 695 18.13 -36.21 -4.89
C ALA A 695 18.93 -34.91 -4.85
N GLY A 696 18.22 -33.80 -4.96
CA GLY A 696 18.85 -32.50 -4.92
C GLY A 696 17.97 -31.49 -4.21
N LEU A 697 18.62 -30.55 -3.53
CA LEU A 697 17.94 -29.49 -2.79
C LEU A 697 18.50 -28.15 -3.24
N ARG A 698 17.61 -27.20 -3.51
CA ARG A 698 17.99 -25.88 -3.99
C ARG A 698 18.05 -24.88 -2.86
N PHE A 699 19.03 -23.98 -2.91
CA PHE A 699 19.21 -22.96 -1.90
C PHE A 699 19.60 -21.65 -2.57
N SER A 700 19.30 -20.54 -1.90
CA SER A 700 19.71 -19.20 -2.33
C SER A 700 20.28 -18.48 -1.12
N VAL A 701 21.59 -18.26 -1.13
CA VAL A 701 22.31 -17.81 0.07
C VAL A 701 22.37 -16.29 0.11
N HIS A 702 22.15 -15.75 1.31
CA HIS A 702 22.32 -14.33 1.60
C HIS A 702 23.46 -14.23 2.61
N GLN A 703 24.67 -13.96 2.11
CA GLN A 703 25.90 -14.10 2.89
C GLN A 703 25.87 -13.24 4.16
N GLN A 704 26.79 -13.54 5.07
CA GLN A 704 26.80 -12.97 6.40
C GLN A 704 28.18 -12.42 6.74
N SER A 705 28.21 -11.18 7.25
CA SER A 705 29.35 -10.61 7.96
C SER A 705 30.53 -10.27 7.07
N GLU A 706 30.50 -10.67 5.80
CA GLU A 706 31.50 -10.31 4.80
C GLU A 706 32.90 -10.83 5.14
N MET A 707 33.05 -11.56 6.23
CA MET A 707 34.34 -12.11 6.63
C MET A 707 34.39 -13.63 6.61
N ASP A 708 33.27 -14.31 6.42
CA ASP A 708 33.25 -15.76 6.47
C ASP A 708 33.88 -16.36 5.22
N THR A 709 34.79 -17.31 5.41
CA THR A 709 35.47 -17.94 4.28
C THR A 709 34.59 -18.97 3.58
N SER A 710 33.74 -19.67 4.33
CA SER A 710 32.94 -20.75 3.78
C SER A 710 31.55 -20.71 4.40
N VAL A 711 30.71 -21.66 4.00
CA VAL A 711 29.40 -21.88 4.59
C VAL A 711 29.26 -23.36 4.92
N LYS A 712 28.61 -23.64 6.04
CA LYS A 712 28.62 -24.98 6.64
C LYS A 712 27.32 -25.71 6.35
N PHE A 713 27.44 -26.96 5.90
CA PHE A 713 26.30 -27.85 5.70
C PHE A 713 26.64 -29.22 6.27
N ASP A 714 25.90 -29.64 7.29
CA ASP A 714 26.10 -30.95 7.91
C ASP A 714 24.87 -31.82 7.64
N LEU A 715 25.09 -33.03 7.14
CA LEU A 715 24.01 -33.92 6.75
C LEU A 715 24.20 -35.29 7.41
N GLN A 716 23.09 -35.88 7.84
CA GLN A 716 23.10 -37.24 8.37
C GLN A 716 21.70 -37.82 8.28
N ILE A 717 21.62 -39.15 8.36
CA ILE A 717 20.36 -39.88 8.32
C ILE A 717 20.03 -40.36 9.72
N GLN A 718 18.76 -40.30 10.09
CA GLN A 718 18.29 -40.75 11.38
C GLN A 718 17.16 -41.75 11.19
N SER A 719 16.92 -42.55 12.22
CA SER A 719 15.89 -43.59 12.18
C SER A 719 15.46 -43.91 13.60
N SER A 720 14.40 -44.72 13.70
CA SER A 720 13.82 -45.10 14.98
C SER A 720 14.37 -46.41 15.53
N ASN A 721 15.34 -47.02 14.87
CA ASN A 721 15.88 -48.29 15.33
C ASN A 721 16.67 -48.09 16.63
N LEU A 722 16.78 -49.17 17.40
CA LEU A 722 17.48 -49.10 18.68
C LEU A 722 18.99 -49.08 18.49
N PHE A 723 19.50 -49.82 17.51
CA PHE A 723 20.94 -49.95 17.29
C PHE A 723 21.31 -49.44 15.91
N ASP A 724 22.42 -48.70 15.84
CA ASP A 724 22.92 -48.13 14.59
C ASP A 724 21.86 -47.30 13.89
N LYS A 725 21.18 -46.45 14.67
CA LYS A 725 20.02 -45.71 14.18
C LYS A 725 20.40 -44.54 13.29
N VAL A 726 21.65 -44.09 13.32
CA VAL A 726 22.03 -42.88 12.58
C VAL A 726 23.14 -43.18 11.59
N SER A 727 23.56 -42.15 10.87
CA SER A 727 24.64 -42.19 9.90
C SER A 727 25.76 -41.26 10.32
N PRO A 728 26.98 -41.48 9.84
CA PRO A 728 28.05 -40.51 10.13
C PRO A 728 27.73 -39.15 9.53
N VAL A 729 27.85 -38.12 10.36
CA VAL A 729 27.54 -36.77 9.91
C VAL A 729 28.58 -36.35 8.89
N VAL A 730 28.14 -36.08 7.66
CA VAL A 730 29.02 -35.70 6.56
C VAL A 730 28.81 -34.21 6.28
N SER A 731 29.90 -33.45 6.27
CA SER A 731 29.86 -32.01 6.06
C SER A 731 30.34 -31.67 4.66
N HIS A 732 29.69 -30.69 4.05
CA HIS A 732 30.08 -30.17 2.74
C HIS A 732 30.04 -28.66 2.78
N LYS A 733 31.10 -28.01 2.30
CA LYS A 733 31.19 -26.56 2.29
C LYS A 733 31.53 -26.07 0.89
N VAL A 734 31.04 -24.86 0.58
CA VAL A 734 31.39 -24.16 -0.65
C VAL A 734 31.92 -22.78 -0.26
N ASP A 735 32.99 -22.37 -0.92
CA ASP A 735 33.70 -21.16 -0.53
C ASP A 735 33.01 -19.91 -1.04
N LEU A 736 33.07 -18.85 -0.25
CA LEU A 736 32.64 -17.53 -0.69
C LEU A 736 33.70 -16.93 -1.60
N ALA A 737 33.28 -16.38 -2.72
CA ALA A 737 34.17 -15.77 -3.68
C ALA A 737 33.81 -14.29 -3.86
N VAL A 738 34.79 -13.51 -4.30
CA VAL A 738 34.62 -12.08 -4.52
C VAL A 738 34.57 -11.85 -6.03
N LEU A 739 33.50 -11.22 -6.49
CA LEU A 739 33.34 -10.86 -7.91
C LEU A 739 32.71 -9.49 -7.98
N ALA A 740 33.39 -8.55 -8.62
CA ALA A 740 32.89 -7.18 -8.75
C ALA A 740 33.13 -6.71 -10.17
N ALA A 741 32.04 -6.56 -10.93
CA ALA A 741 32.11 -6.05 -12.30
C ALA A 741 32.13 -4.54 -12.22
N VAL A 742 33.31 -3.95 -12.40
CA VAL A 742 33.50 -2.50 -12.34
C VAL A 742 33.78 -1.99 -13.75
N GLU A 743 33.06 -0.96 -14.16
CA GLU A 743 33.23 -0.35 -15.46
C GLU A 743 33.39 1.15 -15.32
N ILE A 744 34.11 1.75 -16.24
CA ILE A 744 34.32 3.19 -16.29
C ILE A 744 33.79 3.71 -17.62
N ARG A 745 32.92 4.71 -17.55
CA ARG A 745 32.28 5.27 -18.72
C ARG A 745 32.52 6.77 -18.78
N GLY A 746 32.55 7.30 -20.00
CA GLY A 746 32.77 8.72 -20.20
C GLY A 746 32.01 9.23 -21.40
N VAL A 747 31.74 10.53 -21.39
CA VAL A 747 30.99 11.16 -22.47
C VAL A 747 31.35 12.64 -22.47
N SER A 748 31.35 13.23 -23.67
CA SER A 748 31.64 14.65 -23.86
C SER A 748 30.34 15.38 -24.18
N SER A 749 30.09 16.47 -23.47
CA SER A 749 28.87 17.26 -23.62
C SER A 749 29.25 18.69 -23.95
N PRO A 750 29.30 19.06 -25.24
CA PRO A 750 29.02 18.23 -26.42
C PRO A 750 30.25 17.49 -26.92
N ASP A 751 30.07 16.59 -27.89
CA ASP A 751 31.17 15.87 -28.50
C ASP A 751 31.65 16.52 -29.79
N HIS A 752 31.12 17.69 -30.13
CA HIS A 752 31.52 18.42 -31.32
C HIS A 752 31.50 19.92 -31.04
N VAL A 753 32.52 20.62 -31.54
CA VAL A 753 32.56 22.08 -31.50
C VAL A 753 32.96 22.55 -32.89
N PHE A 754 31.99 23.03 -33.65
CA PHE A 754 32.25 23.53 -35.00
C PHE A 754 32.86 24.93 -34.93
N LEU A 755 33.69 25.23 -35.92
CA LEU A 755 34.36 26.53 -35.98
C LEU A 755 33.94 27.27 -37.25
N PRO A 756 33.91 28.61 -37.21
CA PRO A 756 34.25 29.51 -36.09
C PRO A 756 33.14 29.65 -35.06
N ILE A 757 33.48 30.21 -33.90
CA ILE A 757 32.48 30.45 -32.85
C ILE A 757 31.67 31.70 -33.22
N PRO A 758 30.34 31.63 -33.22
CA PRO A 758 29.54 32.81 -33.56
C PRO A 758 29.69 33.91 -32.52
N ASN A 759 29.89 35.13 -33.00
CA ASN A 759 30.02 36.32 -32.15
C ASN A 759 31.12 36.14 -31.10
N TRP A 760 32.34 35.94 -31.59
CA TRP A 760 33.50 35.75 -30.74
C TRP A 760 34.58 36.75 -31.10
N GLU A 761 35.10 37.44 -30.08
CA GLU A 761 36.23 38.33 -30.24
C GLU A 761 37.28 38.00 -29.19
N HIS A 762 38.53 38.37 -29.47
CA HIS A 762 39.67 37.95 -28.67
C HIS A 762 40.07 39.07 -27.72
N LYS A 763 39.98 38.80 -26.42
CA LYS A 763 40.54 39.64 -25.38
C LYS A 763 41.87 39.04 -24.93
N GLU A 764 42.90 39.86 -24.84
CA GLU A 764 44.22 39.32 -24.51
C GLU A 764 44.31 38.84 -23.07
N ASN A 765 43.53 39.43 -22.17
CA ASN A 765 43.48 39.00 -20.76
C ASN A 765 42.03 38.95 -20.30
N PRO A 766 41.28 37.94 -20.75
CA PRO A 766 39.86 37.88 -20.44
C PRO A 766 39.53 37.08 -19.19
N GLU A 767 38.48 37.52 -18.49
CA GLU A 767 37.83 36.73 -17.44
C GLU A 767 36.32 36.78 -17.72
N THR A 768 35.87 35.94 -18.63
CA THR A 768 34.47 36.00 -19.02
C THR A 768 33.79 34.64 -19.05
N GLU A 769 34.50 33.59 -19.46
CA GLU A 769 33.95 32.28 -19.85
C GLU A 769 33.23 32.42 -21.19
N GLU A 770 33.09 33.65 -21.66
CA GLU A 770 32.52 33.95 -22.97
C GLU A 770 33.58 34.36 -23.98
N ASP A 771 34.54 35.20 -23.55
CA ASP A 771 35.68 35.54 -24.40
C ASP A 771 36.65 34.39 -24.57
N VAL A 772 36.56 33.35 -23.74
CA VAL A 772 37.43 32.19 -23.89
C VAL A 772 36.94 31.29 -25.02
N GLY A 773 35.72 30.77 -24.88
CA GLY A 773 35.15 29.91 -25.88
C GLY A 773 33.98 29.10 -25.35
N PRO A 774 33.54 28.12 -26.13
CA PRO A 774 32.41 27.28 -25.70
C PRO A 774 32.77 26.37 -24.55
N VAL A 775 31.74 25.89 -23.86
CA VAL A 775 31.92 25.03 -22.71
C VAL A 775 31.92 23.57 -23.17
N VAL A 776 33.03 22.89 -22.93
CA VAL A 776 33.16 21.45 -23.19
C VAL A 776 33.15 20.75 -21.84
N GLN A 777 32.31 19.72 -21.71
CA GLN A 777 32.06 19.06 -20.44
C GLN A 777 32.31 17.57 -20.58
N HIS A 778 33.28 17.06 -19.83
CA HIS A 778 33.56 15.63 -19.78
C HIS A 778 33.05 15.05 -18.46
N ILE A 779 32.25 14.00 -18.56
CA ILE A 779 31.69 13.33 -17.40
C ILE A 779 32.24 11.91 -17.35
N TYR A 780 32.91 11.57 -16.25
CA TYR A 780 33.46 10.24 -16.05
C TYR A 780 32.74 9.56 -14.89
N GLU A 781 32.30 8.32 -15.12
CA GLU A 781 31.56 7.56 -14.12
C GLU A 781 32.26 6.23 -13.87
N LEU A 782 32.52 5.93 -12.60
CA LEU A 782 33.08 4.66 -12.17
C LEU A 782 31.98 3.92 -11.41
N ARG A 783 31.46 2.85 -12.01
CA ARG A 783 30.32 2.12 -11.46
C ARG A 783 30.70 0.69 -11.15
N ASN A 784 30.25 0.20 -9.99
CA ASN A 784 30.49 -1.16 -9.53
C ASN A 784 29.18 -1.94 -9.69
N ASN A 785 29.10 -2.73 -10.76
CA ASN A 785 27.89 -3.49 -11.04
C ASN A 785 27.88 -4.88 -10.40
N GLY A 786 29.04 -5.43 -10.07
CA GLY A 786 29.14 -6.77 -9.56
C GLY A 786 28.51 -6.93 -8.19
N PRO A 787 28.27 -8.18 -7.80
CA PRO A 787 27.64 -8.41 -6.49
C PRO A 787 28.50 -7.96 -5.31
N SER A 788 29.80 -8.25 -5.35
CA SER A 788 30.69 -7.85 -4.27
C SER A 788 31.06 -6.38 -4.41
N SER A 789 31.40 -5.78 -3.27
CA SER A 789 31.79 -4.38 -3.21
C SER A 789 33.29 -4.26 -2.91
N PHE A 790 33.83 -3.06 -3.13
CA PHE A 790 35.21 -2.77 -2.83
C PHE A 790 35.29 -1.51 -1.97
N SER A 791 36.34 -1.44 -1.15
CA SER A 791 36.48 -0.37 -0.17
C SER A 791 37.34 0.79 -0.63
N LYS A 792 38.35 0.54 -1.48
CA LYS A 792 39.23 1.59 -1.95
C LYS A 792 39.61 1.35 -3.40
N ALA A 793 39.71 2.42 -4.17
CA ALA A 793 40.11 2.34 -5.57
C ALA A 793 40.75 3.66 -5.97
N MET A 794 41.53 3.62 -7.05
CA MET A 794 42.24 4.78 -7.56
C MET A 794 41.77 5.08 -8.97
N LEU A 795 41.56 6.37 -9.26
CA LEU A 795 41.15 6.83 -10.59
C LEU A 795 42.14 7.87 -11.08
N HIS A 796 42.64 7.69 -12.29
CA HIS A 796 43.61 8.59 -12.90
C HIS A 796 43.01 9.20 -14.16
N LEU A 797 43.02 10.52 -14.23
CA LEU A 797 42.51 11.26 -15.38
C LEU A 797 43.67 11.92 -16.10
N GLN A 798 43.73 11.74 -17.41
CA GLN A 798 44.73 12.37 -18.26
C GLN A 798 44.03 13.40 -19.14
N TRP A 799 44.42 14.67 -19.00
CA TRP A 799 43.74 15.77 -19.68
C TRP A 799 44.74 16.52 -20.56
N PRO A 800 44.43 16.70 -21.85
CA PRO A 800 45.35 17.43 -22.74
C PRO A 800 45.30 18.94 -22.51
N TYR A 801 46.08 19.42 -21.55
CA TYR A 801 46.00 20.83 -21.16
C TYR A 801 46.47 21.75 -22.28
N LYS A 802 47.72 21.58 -22.73
CA LYS A 802 48.30 22.46 -23.73
C LYS A 802 48.91 21.67 -24.87
N TYR A 803 49.22 22.38 -25.96
CA TYR A 803 49.88 21.78 -27.11
C TYR A 803 50.73 22.88 -27.75
N ASN A 804 52.06 22.69 -27.71
CA ASN A 804 53.01 23.69 -28.20
C ASN A 804 52.87 25.01 -27.46
N ASN A 805 52.85 24.93 -26.13
CA ASN A 805 52.87 26.09 -25.24
C ASN A 805 51.62 26.97 -25.41
N ASN A 806 50.47 26.35 -25.61
CA ASN A 806 49.21 27.09 -25.64
C ASN A 806 48.05 26.16 -25.34
N THR A 807 47.03 26.71 -24.68
CA THR A 807 45.99 25.91 -24.05
C THR A 807 45.10 25.22 -25.07
N LEU A 808 44.66 24.00 -24.74
CA LEU A 808 43.67 23.29 -25.54
C LEU A 808 42.27 23.36 -24.92
N LEU A 809 42.13 22.91 -23.67
CA LEU A 809 40.85 22.92 -22.96
C LEU A 809 41.10 23.48 -21.56
N TYR A 810 40.80 24.77 -21.38
CA TYR A 810 40.99 25.43 -20.09
C TYR A 810 39.94 24.92 -19.11
N ILE A 811 40.37 24.20 -18.09
CA ILE A 811 39.45 23.63 -17.11
C ILE A 811 39.05 24.73 -16.12
N LEU A 812 37.75 25.03 -16.08
CA LEU A 812 37.24 25.99 -15.11
C LEU A 812 37.12 25.37 -13.72
N HIS A 813 36.46 24.23 -13.64
CA HIS A 813 36.14 23.61 -12.35
C HIS A 813 35.76 22.16 -12.59
N TYR A 814 35.92 21.36 -11.55
CA TYR A 814 35.47 19.97 -11.59
C TYR A 814 34.73 19.63 -10.30
N ASP A 815 33.67 18.84 -10.43
CA ASP A 815 32.83 18.46 -9.30
C ASP A 815 32.84 16.96 -9.12
N ILE A 816 32.54 16.53 -7.89
CA ILE A 816 32.54 15.12 -7.53
C ILE A 816 31.12 14.73 -7.10
N ASP A 817 30.78 13.47 -7.36
CA ASP A 817 29.50 12.90 -6.94
C ASP A 817 29.76 11.49 -6.44
N GLY A 818 29.53 11.27 -5.15
CA GLY A 818 29.77 9.98 -4.54
C GLY A 818 30.98 9.99 -3.63
N PRO A 819 31.35 8.82 -3.11
CA PRO A 819 32.50 8.72 -2.20
C PRO A 819 33.85 8.77 -2.92
N MET A 820 34.29 9.99 -3.21
CA MET A 820 35.54 10.18 -3.93
C MET A 820 36.10 11.56 -3.63
N ASN A 821 37.41 11.64 -3.44
CA ASN A 821 38.16 12.89 -3.40
C ASN A 821 39.10 12.92 -4.60
N CYS A 822 39.36 14.12 -5.12
CA CYS A 822 40.22 14.29 -6.27
C CYS A 822 41.20 15.43 -6.03
N THR A 823 42.33 15.37 -6.75
CA THR A 823 43.35 16.38 -6.67
C THR A 823 44.04 16.49 -8.02
N SER A 824 44.18 17.71 -8.52
CA SER A 824 44.82 17.98 -9.81
C SER A 824 46.27 18.37 -9.58
N ASP A 825 47.17 17.81 -10.38
CA ASP A 825 48.59 18.11 -10.25
C ASP A 825 48.92 19.53 -10.72
N MET A 826 47.99 20.22 -11.34
CA MET A 826 48.15 21.62 -11.70
C MET A 826 46.94 22.40 -11.21
N GLU A 827 47.16 23.67 -10.88
CA GLU A 827 46.11 24.52 -10.32
C GLU A 827 45.01 24.74 -11.35
N ILE A 828 43.78 24.33 -10.99
CA ILE A 828 42.65 24.52 -11.89
C ILE A 828 42.25 26.00 -11.89
N ASN A 829 41.86 26.49 -13.07
CA ASN A 829 41.44 27.87 -13.27
C ASN A 829 42.47 28.85 -12.72
N PRO A 830 43.68 28.89 -13.28
CA PRO A 830 44.69 29.83 -12.76
C PRO A 830 44.36 31.29 -13.03
N LEU A 831 43.52 31.58 -14.01
CA LEU A 831 43.18 32.96 -14.35
C LEU A 831 41.97 33.48 -13.61
N ARG A 832 41.38 32.68 -12.72
CA ARG A 832 40.24 33.07 -11.89
C ARG A 832 39.05 33.52 -12.73
N ILE A 833 38.88 32.92 -13.91
CA ILE A 833 37.72 33.21 -14.73
C ILE A 833 36.49 32.60 -14.07
N LYS A 834 35.45 33.41 -13.90
CA LYS A 834 34.24 32.98 -13.22
C LYS A 834 33.05 33.06 -14.18
N ILE A 835 32.04 32.24 -13.90
CA ILE A 835 30.85 32.16 -14.73
C ILE A 835 30.08 33.48 -14.68
N HIS A 870 46.51 15.29 -35.74
CA HIS A 870 45.06 15.22 -35.81
C HIS A 870 44.45 14.96 -34.45
N THR A 871 44.89 13.87 -33.80
CA THR A 871 44.41 13.49 -32.49
C THR A 871 45.41 13.94 -31.44
N LEU A 872 44.96 14.80 -30.52
CA LEU A 872 45.81 15.35 -29.47
C LEU A 872 45.35 14.78 -28.13
N GLY A 873 46.14 13.84 -27.60
CA GLY A 873 45.90 13.28 -26.29
C GLY A 873 46.93 13.76 -25.27
N CYS A 874 46.99 13.04 -24.16
CA CYS A 874 47.93 13.34 -23.08
C CYS A 874 49.32 12.77 -23.36
N GLY A 875 49.60 12.48 -24.62
CA GLY A 875 50.85 11.92 -25.11
C GLY A 875 51.68 13.01 -25.73
N VAL A 876 51.65 13.13 -27.07
CA VAL A 876 52.41 14.14 -27.77
C VAL A 876 52.14 15.57 -27.25
N ALA A 877 51.03 15.78 -26.56
CA ALA A 877 50.70 17.11 -26.05
C ALA A 877 51.00 17.22 -24.55
N GLN A 878 50.84 18.44 -24.03
CA GLN A 878 51.02 18.68 -22.61
C GLN A 878 49.92 17.98 -21.81
N CYS A 879 50.30 17.35 -20.71
CA CYS A 879 49.40 16.50 -19.94
C CYS A 879 49.13 17.09 -18.56
N LEU A 880 47.86 17.25 -18.22
CA LEU A 880 47.42 17.63 -16.89
C LEU A 880 46.69 16.46 -16.27
N LYS A 881 47.13 16.04 -15.09
CA LYS A 881 46.60 14.85 -14.43
C LYS A 881 45.65 15.22 -13.30
N ILE A 882 44.58 14.44 -13.15
CA ILE A 882 43.70 14.52 -12.00
C ILE A 882 43.61 13.12 -11.41
N VAL A 883 44.08 12.96 -10.17
CA VAL A 883 44.11 11.68 -9.49
C VAL A 883 43.07 11.70 -8.38
N CYS A 884 42.33 10.60 -8.25
CA CYS A 884 41.24 10.51 -7.30
C CYS A 884 41.35 9.23 -6.48
N GLN A 885 40.91 9.31 -5.23
CA GLN A 885 40.79 8.16 -4.35
C GLN A 885 39.32 7.84 -4.15
N VAL A 886 38.97 6.57 -4.28
CA VAL A 886 37.58 6.12 -4.24
C VAL A 886 37.34 5.37 -2.94
N GLY A 887 36.20 5.62 -2.32
CA GLY A 887 35.79 4.93 -1.12
C GLY A 887 35.02 3.66 -1.42
N ARG A 888 34.14 3.28 -0.49
CA ARG A 888 33.37 2.06 -0.65
C ARG A 888 32.27 2.26 -1.68
N LEU A 889 32.25 1.38 -2.68
CA LEU A 889 31.22 1.40 -3.72
C LEU A 889 30.51 0.05 -3.73
N ASP A 890 29.20 0.07 -3.49
CA ASP A 890 28.39 -1.14 -3.46
C ASP A 890 27.78 -1.37 -4.84
N ARG A 891 26.81 -2.29 -4.92
CA ARG A 891 26.25 -2.67 -6.22
C ARG A 891 25.51 -1.51 -6.88
N GLY A 892 24.62 -0.86 -6.14
CA GLY A 892 23.76 0.14 -6.73
C GLY A 892 24.31 1.55 -6.70
N LYS A 893 25.61 1.69 -6.42
CA LYS A 893 26.23 3.00 -6.28
C LYS A 893 27.43 3.12 -7.21
N SER A 894 27.69 4.35 -7.64
CA SER A 894 28.81 4.66 -8.51
C SER A 894 29.43 5.99 -8.07
N ALA A 895 30.54 6.34 -8.71
CA ALA A 895 31.24 7.59 -8.44
C ALA A 895 31.42 8.34 -9.76
N ILE A 896 31.10 9.62 -9.76
CA ILE A 896 31.06 10.44 -10.97
C ILE A 896 31.96 11.64 -10.80
N LEU A 897 32.73 11.96 -11.85
CA LEU A 897 33.58 13.15 -11.89
C LEU A 897 33.11 14.04 -13.03
N TYR A 898 32.57 15.21 -12.70
CA TYR A 898 32.17 16.19 -13.70
C TYR A 898 33.32 17.17 -13.91
N VAL A 899 33.71 17.36 -15.17
CA VAL A 899 34.79 18.27 -15.53
C VAL A 899 34.24 19.29 -16.51
N LYS A 900 34.09 20.53 -16.06
CA LYS A 900 33.64 21.63 -16.91
C LYS A 900 34.88 22.41 -17.37
N SER A 901 35.13 22.39 -18.67
CA SER A 901 36.28 23.07 -19.25
C SER A 901 35.80 24.07 -20.31
N LEU A 902 36.75 24.83 -20.83
CA LEU A 902 36.48 25.80 -21.88
C LEU A 902 37.42 25.56 -23.05
N LEU A 903 36.87 25.59 -24.26
CA LEU A 903 37.71 25.50 -25.46
C LEU A 903 38.39 26.84 -25.66
N TRP A 904 39.72 26.85 -25.56
CA TRP A 904 40.48 28.08 -25.75
C TRP A 904 40.50 28.42 -27.24
N THR A 905 39.57 29.27 -27.66
CA THR A 905 39.43 29.61 -29.07
C THR A 905 40.64 30.35 -29.61
N GLU A 906 41.39 31.03 -28.74
CA GLU A 906 42.55 31.81 -29.20
C GLU A 906 43.61 30.91 -29.83
N THR A 907 43.90 29.76 -29.21
CA THR A 907 44.96 28.89 -29.70
C THR A 907 44.60 28.28 -31.05
N PHE A 908 43.36 27.81 -31.20
CA PHE A 908 42.87 27.45 -32.51
C PHE A 908 42.66 28.71 -33.35
N MET A 909 42.42 28.50 -34.65
CA MET A 909 41.84 29.51 -35.53
C MET A 909 42.79 30.69 -35.81
N ASN A 910 43.96 30.76 -35.18
CA ASN A 910 44.75 32.00 -35.25
C ASN A 910 45.79 32.00 -36.37
N LYS A 911 46.87 31.23 -36.21
CA LYS A 911 47.87 31.15 -37.27
C LYS A 911 48.26 29.72 -37.64
N GLU A 912 48.63 28.93 -36.63
CA GLU A 912 49.16 27.59 -36.89
C GLU A 912 48.08 26.54 -37.00
N ASN A 913 46.92 26.78 -36.39
CA ASN A 913 45.74 25.93 -36.54
C ASN A 913 44.65 26.81 -37.14
N GLN A 914 44.68 26.97 -38.46
CA GLN A 914 43.69 27.82 -39.13
C GLN A 914 42.49 27.00 -39.60
N ASN A 915 42.73 25.99 -40.43
CA ASN A 915 41.68 25.11 -40.94
C ASN A 915 42.22 23.68 -40.87
N HIS A 916 41.99 23.02 -39.74
CA HIS A 916 42.42 21.65 -39.55
C HIS A 916 41.56 21.01 -38.47
N SER A 917 41.30 19.71 -38.63
CA SER A 917 40.46 18.97 -37.71
C SER A 917 41.32 18.40 -36.57
N TYR A 918 40.99 18.76 -35.35
CA TYR A 918 41.68 18.27 -34.16
C TYR A 918 40.73 17.44 -33.31
N SER A 919 41.24 16.33 -32.79
CA SER A 919 40.47 15.42 -31.95
C SER A 919 41.10 15.44 -30.56
N LEU A 920 40.52 16.26 -29.67
CA LEU A 920 41.02 16.35 -28.31
C LEU A 920 40.67 15.08 -27.54
N LYS A 921 41.68 14.36 -27.08
CA LYS A 921 41.53 13.04 -26.48
C LYS A 921 41.91 13.08 -25.01
N SER A 922 41.01 12.64 -24.15
CA SER A 922 41.26 12.51 -22.72
C SER A 922 40.93 11.10 -22.30
N SER A 923 41.84 10.47 -21.57
CA SER A 923 41.67 9.10 -21.10
C SER A 923 41.52 9.07 -19.59
N ALA A 924 40.89 8.01 -19.10
CA ALA A 924 40.74 7.81 -17.67
C ALA A 924 40.84 6.32 -17.37
N SER A 925 41.65 5.97 -16.37
CA SER A 925 41.84 4.60 -15.94
C SER A 925 41.55 4.49 -14.45
N PHE A 926 41.11 3.31 -14.03
CA PHE A 926 40.82 3.07 -12.63
C PHE A 926 41.50 1.78 -12.19
N ASN A 927 41.77 1.69 -10.89
CA ASN A 927 42.39 0.51 -10.29
C ASN A 927 41.76 0.29 -8.92
N VAL A 928 41.18 -0.89 -8.72
CA VAL A 928 40.61 -1.26 -7.43
C VAL A 928 41.71 -1.92 -6.61
N ILE A 929 41.96 -1.37 -5.42
CA ILE A 929 43.11 -1.76 -4.62
C ILE A 929 42.74 -2.45 -3.31
N GLU A 930 41.52 -2.32 -2.82
CA GLU A 930 41.14 -2.93 -1.56
C GLU A 930 39.70 -3.43 -1.63
N PHE A 931 39.42 -4.46 -0.82
CA PHE A 931 38.10 -5.04 -0.67
C PHE A 931 37.82 -5.25 0.81
N PRO A 932 36.55 -5.15 1.22
CA PRO A 932 36.21 -5.37 2.63
C PRO A 932 36.20 -6.83 3.05
N TYR A 933 36.54 -7.75 2.15
CA TYR A 933 36.45 -9.18 2.39
C TYR A 933 37.82 -9.80 2.65
N LYS A 934 38.66 -9.15 3.45
CA LYS A 934 40.01 -9.64 3.72
C LYS A 934 39.98 -11.09 4.17
N ASN A 935 41.10 -11.78 3.95
CA ASN A 935 41.21 -13.24 4.10
C ASN A 935 40.38 -13.98 3.06
N LEU A 936 40.43 -13.50 1.81
CA LEU A 936 39.71 -14.11 0.70
C LEU A 936 40.36 -13.64 -0.60
N PRO A 937 40.43 -14.49 -1.63
CA PRO A 937 41.14 -14.10 -2.86
C PRO A 937 40.40 -13.01 -3.63
N ILE A 938 41.18 -12.02 -4.11
CA ILE A 938 40.65 -10.94 -4.92
C ILE A 938 41.45 -10.80 -6.21
N GLU A 939 42.73 -10.46 -6.07
CA GLU A 939 43.82 -10.56 -7.04
C GLU A 939 43.88 -9.54 -8.18
N ASP A 940 42.77 -8.86 -8.54
CA ASP A 940 42.81 -7.65 -9.36
C ASP A 940 41.44 -7.12 -9.76
N ILE A 941 41.37 -5.83 -10.12
CA ILE A 941 40.33 -5.24 -10.98
C ILE A 941 40.92 -3.99 -11.62
N THR A 942 40.82 -3.87 -12.95
CA THR A 942 41.35 -2.70 -13.65
C THR A 942 40.80 -2.63 -15.06
N ASN A 943 40.47 -1.42 -15.51
CA ASN A 943 40.11 -1.14 -16.90
C ASN A 943 40.25 0.36 -17.14
N SER A 944 39.94 0.79 -18.35
CA SER A 944 40.09 2.20 -18.71
C SER A 944 39.19 2.53 -19.90
N THR A 945 39.02 3.83 -20.15
CA THR A 945 38.24 4.32 -21.27
C THR A 945 38.73 5.72 -21.61
N LEU A 946 38.31 6.22 -22.77
CA LEU A 946 38.72 7.53 -23.25
C LEU A 946 37.52 8.30 -23.79
N VAL A 947 37.63 9.63 -23.74
CA VAL A 947 36.58 10.54 -24.22
C VAL A 947 37.20 11.51 -25.20
N THR A 948 36.51 11.76 -26.31
CA THR A 948 37.02 12.59 -27.38
C THR A 948 36.07 13.76 -27.65
N THR A 949 36.65 14.90 -28.03
CA THR A 949 35.92 16.09 -28.42
C THR A 949 36.52 16.61 -29.72
N ASN A 950 35.81 16.43 -30.83
CA ASN A 950 36.33 16.74 -32.15
C ASN A 950 35.91 18.15 -32.57
N VAL A 951 36.88 18.97 -32.93
CA VAL A 951 36.64 20.31 -33.48
C VAL A 951 36.97 20.27 -34.96
N THR A 952 36.06 20.79 -35.78
CA THR A 952 36.20 20.70 -37.23
C THR A 952 35.84 22.04 -37.86
N TRP A 953 36.11 22.15 -39.15
CA TRP A 953 35.77 23.31 -39.96
C TRP A 953 34.80 22.89 -41.06
N GLY A 954 34.51 23.83 -41.96
CA GLY A 954 33.60 23.56 -43.06
C GLY A 954 33.81 24.49 -44.24
N GLY B 1 -1.73 -40.89 -26.81
CA GLY B 1 -1.90 -42.11 -26.06
C GLY B 1 -2.14 -41.91 -24.58
N PRO B 2 -1.11 -42.13 -23.76
CA PRO B 2 -1.27 -42.00 -22.30
C PRO B 2 -0.96 -40.61 -21.78
N ASN B 3 -0.97 -39.60 -22.65
CA ASN B 3 -0.32 -38.32 -22.39
C ASN B 3 -0.58 -37.71 -21.01
N ILE B 4 -1.81 -37.23 -20.75
CA ILE B 4 -2.13 -36.70 -19.44
C ILE B 4 -3.47 -37.24 -18.96
N CYS B 5 -4.33 -37.63 -19.90
CA CYS B 5 -5.72 -37.94 -19.59
C CYS B 5 -5.97 -39.44 -19.46
N THR B 6 -5.32 -40.25 -20.29
CA THR B 6 -5.54 -41.70 -20.23
C THR B 6 -5.13 -42.25 -18.87
N THR B 7 -3.93 -41.91 -18.41
CA THR B 7 -3.46 -42.24 -17.07
C THR B 7 -3.37 -40.97 -16.24
N ARG B 8 -3.61 -41.11 -14.94
CA ARG B 8 -3.68 -40.05 -13.94
C ARG B 8 -4.91 -39.18 -14.08
N GLY B 9 -5.82 -39.47 -15.00
CA GLY B 9 -6.93 -38.57 -15.26
C GLY B 9 -8.31 -39.19 -15.17
N VAL B 10 -8.41 -40.51 -15.27
CA VAL B 10 -9.71 -41.17 -15.34
C VAL B 10 -10.32 -41.27 -13.95
N SER B 11 -11.14 -40.30 -13.58
CA SER B 11 -11.95 -40.37 -12.37
C SER B 11 -13.44 -40.31 -12.67
N SER B 12 -13.89 -39.32 -13.43
CA SER B 12 -15.28 -39.16 -13.82
C SER B 12 -15.32 -38.21 -15.01
N CYS B 13 -16.53 -38.01 -15.56
CA CYS B 13 -16.67 -37.13 -16.71
C CYS B 13 -16.32 -35.69 -16.36
N GLN B 14 -16.81 -35.21 -15.21
CA GLN B 14 -16.55 -33.83 -14.82
C GLN B 14 -15.11 -33.62 -14.39
N GLN B 15 -14.48 -34.64 -13.80
CA GLN B 15 -13.08 -34.53 -13.40
C GLN B 15 -12.14 -34.66 -14.60
N CYS B 16 -12.54 -35.39 -15.65
CA CYS B 16 -11.72 -35.50 -16.84
C CYS B 16 -11.56 -34.15 -17.53
N LEU B 17 -12.63 -33.35 -17.56
CA LEU B 17 -12.55 -32.04 -18.19
C LEU B 17 -11.72 -31.06 -17.37
N ALA B 18 -11.65 -31.26 -16.06
CA ALA B 18 -10.91 -30.35 -15.18
C ALA B 18 -9.42 -30.62 -15.16
N VAL B 19 -8.96 -31.75 -15.72
CA VAL B 19 -7.53 -32.05 -15.73
C VAL B 19 -6.80 -31.12 -16.69
N SER B 20 -7.15 -31.17 -17.97
CA SER B 20 -6.53 -30.34 -18.99
C SER B 20 -7.60 -29.91 -19.98
N PRO B 21 -7.44 -28.72 -20.58
CA PRO B 21 -8.38 -28.31 -21.64
C PRO B 21 -8.35 -29.21 -22.87
N MET B 22 -7.32 -30.05 -23.02
CA MET B 22 -7.20 -30.94 -24.16
C MET B 22 -7.78 -32.33 -23.92
N CYS B 23 -8.22 -32.64 -22.69
CA CYS B 23 -8.80 -33.93 -22.41
C CYS B 23 -10.22 -34.03 -22.98
N ALA B 24 -10.76 -35.24 -23.00
CA ALA B 24 -12.12 -35.47 -23.48
C ALA B 24 -12.65 -36.75 -22.85
N TRP B 25 -13.98 -36.85 -22.81
CA TRP B 25 -14.67 -38.00 -22.26
C TRP B 25 -15.55 -38.64 -23.33
N CYS B 26 -15.93 -39.89 -23.10
CA CYS B 26 -16.75 -40.63 -24.04
C CYS B 26 -17.73 -41.53 -23.30
N SER B 27 -18.84 -41.84 -23.97
CA SER B 27 -19.82 -42.83 -23.51
C SER B 27 -20.16 -43.68 -24.73
N ASP B 28 -19.44 -44.78 -24.89
CA ASP B 28 -19.42 -45.55 -26.13
C ASP B 28 -20.54 -46.57 -26.25
N GLU B 29 -21.54 -46.51 -25.37
CA GLU B 29 -22.74 -47.35 -25.42
C GLU B 29 -22.43 -48.84 -25.26
N ALA B 30 -21.18 -49.19 -24.96
CA ALA B 30 -20.78 -50.57 -24.75
C ALA B 30 -19.74 -50.58 -23.63
N LEU B 31 -19.05 -51.72 -23.47
CA LEU B 31 -17.99 -51.85 -22.47
C LEU B 31 -16.73 -52.45 -23.08
N PRO B 32 -16.06 -51.73 -23.99
CA PRO B 32 -14.68 -52.08 -24.32
C PRO B 32 -13.72 -51.51 -23.28
N LEU B 33 -13.52 -52.22 -22.17
CA LEU B 33 -12.87 -51.66 -21.00
C LEU B 33 -11.58 -50.92 -21.35
N GLY B 34 -10.59 -51.64 -21.90
CA GLY B 34 -9.37 -51.07 -22.44
C GLY B 34 -8.85 -49.83 -21.73
N SER B 35 -8.59 -48.77 -22.50
CA SER B 35 -8.49 -47.44 -21.92
C SER B 35 -9.11 -46.34 -22.79
N PRO B 36 -10.36 -46.50 -23.34
CA PRO B 36 -11.06 -45.37 -23.98
C PRO B 36 -11.95 -44.62 -22.99
N ARG B 37 -11.42 -44.29 -21.82
CA ARG B 37 -12.22 -43.72 -20.74
C ARG B 37 -12.17 -42.20 -20.75
N CYS B 38 -10.98 -41.64 -20.60
CA CYS B 38 -10.75 -40.20 -20.63
C CYS B 38 -9.45 -39.97 -21.38
N ASP B 39 -9.52 -39.36 -22.55
CA ASP B 39 -8.37 -39.32 -23.44
C ASP B 39 -8.49 -38.13 -24.38
N LEU B 40 -7.38 -37.81 -25.05
CA LEU B 40 -7.38 -36.78 -26.06
C LEU B 40 -8.31 -37.16 -27.21
N LYS B 41 -9.01 -36.16 -27.75
CA LYS B 41 -9.92 -36.44 -28.86
C LYS B 41 -9.20 -36.74 -30.17
N GLU B 42 -7.87 -36.78 -30.19
CA GLU B 42 -7.12 -37.35 -31.29
C GLU B 42 -6.72 -38.79 -31.03
N ASN B 43 -6.85 -39.27 -29.79
CA ASN B 43 -6.65 -40.66 -29.43
C ASN B 43 -7.95 -41.34 -29.02
N LEU B 44 -8.79 -40.66 -28.22
CA LEU B 44 -10.08 -41.22 -27.86
C LEU B 44 -10.98 -41.38 -29.08
N LEU B 45 -10.87 -40.47 -30.05
CA LEU B 45 -11.65 -40.61 -31.28
C LEU B 45 -11.24 -41.87 -32.03
N LYS B 46 -9.94 -42.19 -32.05
CA LYS B 46 -9.47 -43.41 -32.67
C LYS B 46 -9.85 -44.66 -31.88
N ASP B 47 -10.31 -44.50 -30.64
CA ASP B 47 -10.82 -45.62 -29.85
C ASP B 47 -12.24 -46.00 -30.22
N ASN B 48 -12.75 -45.51 -31.35
CA ASN B 48 -14.06 -45.88 -31.89
C ASN B 48 -15.19 -45.50 -30.93
N CYS B 49 -15.28 -44.19 -30.64
CA CYS B 49 -16.39 -43.63 -29.86
C CYS B 49 -16.71 -42.26 -30.43
N ALA B 50 -17.64 -42.22 -31.38
CA ALA B 50 -18.10 -40.93 -31.90
C ALA B 50 -19.51 -40.97 -32.47
N PRO B 51 -20.55 -41.40 -31.70
CA PRO B 51 -21.94 -41.10 -32.07
C PRO B 51 -22.39 -39.77 -31.47
N GLU B 52 -21.57 -38.73 -31.64
CA GLU B 52 -21.67 -37.47 -30.92
C GLU B 52 -21.62 -37.65 -29.41
N SER B 53 -21.04 -38.77 -28.95
CA SER B 53 -20.84 -39.03 -27.54
C SER B 53 -19.53 -38.45 -27.03
N ILE B 54 -18.80 -37.72 -27.87
CA ILE B 54 -17.58 -37.05 -27.44
C ILE B 54 -17.94 -35.74 -26.75
N GLU B 55 -17.43 -35.55 -25.54
CA GLU B 55 -17.64 -34.32 -24.78
C GLU B 55 -16.33 -33.54 -24.81
N PHE B 56 -16.23 -32.58 -25.72
CA PHE B 56 -15.05 -31.72 -25.84
C PHE B 56 -15.50 -30.28 -26.02
N PRO B 57 -15.86 -29.61 -24.93
CA PRO B 57 -16.22 -28.19 -25.04
C PRO B 57 -15.01 -27.35 -25.46
N VAL B 58 -15.26 -26.38 -26.33
CA VAL B 58 -14.23 -25.49 -26.84
C VAL B 58 -14.47 -24.11 -26.26
N SER B 59 -13.39 -23.45 -25.83
CA SER B 59 -13.50 -22.11 -25.27
C SER B 59 -13.83 -21.12 -26.36
N GLU B 60 -14.91 -20.35 -26.17
CA GLU B 60 -15.44 -19.46 -27.18
C GLU B 60 -15.29 -18.01 -26.76
N ALA B 61 -14.83 -17.17 -27.70
CA ALA B 61 -14.76 -15.73 -27.53
C ALA B 61 -15.68 -15.04 -28.53
N ARG B 62 -16.88 -15.60 -28.71
CA ARG B 62 -17.81 -15.08 -29.70
C ARG B 62 -18.25 -13.67 -29.35
N VAL B 63 -18.37 -12.82 -30.36
CA VAL B 63 -18.86 -11.47 -30.18
C VAL B 63 -20.37 -11.46 -30.41
N LEU B 64 -21.10 -10.77 -29.55
CA LEU B 64 -22.55 -10.68 -29.69
C LEU B 64 -22.99 -9.46 -30.49
N GLU B 65 -22.16 -8.41 -30.56
CA GLU B 65 -22.41 -7.25 -31.39
C GLU B 65 -21.15 -6.41 -31.45
N ASP B 66 -20.89 -5.81 -32.62
CA ASP B 66 -19.73 -4.93 -32.78
C ASP B 66 -20.11 -3.83 -33.79
N ARG B 67 -20.58 -2.71 -33.26
CA ARG B 67 -20.90 -1.57 -34.10
C ARG B 67 -19.60 -0.91 -34.60
N PRO B 68 -19.60 -0.39 -35.83
CA PRO B 68 -18.37 0.23 -36.35
C PRO B 68 -18.08 1.54 -35.66
N LEU B 69 -16.78 1.82 -35.47
CA LEU B 69 -16.33 3.06 -34.86
C LEU B 69 -16.73 4.25 -35.73
N SER B 70 -17.58 5.12 -35.21
CA SER B 70 -18.08 6.25 -35.98
C SER B 70 -16.98 7.28 -36.19
N ASP B 71 -17.23 8.20 -37.12
CA ASP B 71 -16.25 9.22 -37.48
C ASP B 71 -16.48 10.52 -36.71
N LYS B 72 -17.69 11.06 -36.78
CA LYS B 72 -18.08 12.25 -36.02
C LYS B 72 -19.21 11.87 -35.08
N GLY B 73 -19.07 12.25 -33.81
CA GLY B 73 -20.01 11.83 -32.79
C GLY B 73 -21.07 12.86 -32.43
N SER B 74 -21.24 13.87 -33.28
CA SER B 74 -22.21 14.93 -33.06
C SER B 74 -23.30 14.86 -34.12
N GLY B 75 -24.53 15.15 -33.74
CA GLY B 75 -25.58 15.28 -34.73
C GLY B 75 -26.34 14.02 -35.07
N ASP B 76 -25.87 13.32 -36.10
CA ASP B 76 -26.68 12.40 -36.89
C ASP B 76 -26.96 11.08 -36.20
N SER B 77 -27.34 10.07 -36.99
CA SER B 77 -28.37 9.09 -36.64
C SER B 77 -28.39 8.66 -35.18
N SER B 78 -27.34 8.00 -34.69
CA SER B 78 -27.44 7.40 -33.36
C SER B 78 -26.11 6.77 -32.98
N GLN B 79 -25.96 6.53 -31.66
CA GLN B 79 -25.04 5.52 -31.13
C GLN B 79 -23.60 5.76 -31.61
N VAL B 80 -23.02 6.85 -31.09
CA VAL B 80 -21.66 7.30 -31.40
C VAL B 80 -20.66 6.15 -31.40
N THR B 81 -20.84 5.20 -30.48
CA THR B 81 -20.08 3.94 -30.38
C THR B 81 -18.58 4.16 -30.62
N GLN B 82 -17.98 4.93 -29.73
CA GLN B 82 -16.54 5.15 -29.74
C GLN B 82 -15.74 3.95 -29.22
N VAL B 83 -16.39 2.82 -28.95
CA VAL B 83 -15.73 1.59 -28.54
C VAL B 83 -16.30 0.44 -29.35
N SER B 84 -15.43 -0.42 -29.88
CA SER B 84 -15.87 -1.58 -30.66
C SER B 84 -14.92 -2.74 -30.39
N PRO B 85 -15.44 -3.95 -30.11
CA PRO B 85 -16.87 -4.31 -30.00
C PRO B 85 -17.49 -3.85 -28.69
N GLN B 86 -18.76 -4.17 -28.45
CA GLN B 86 -19.48 -3.75 -27.25
C GLN B 86 -19.82 -4.91 -26.33
N ARG B 87 -20.39 -5.99 -26.87
CA ARG B 87 -20.77 -7.15 -26.07
C ARG B 87 -20.26 -8.41 -26.74
N ILE B 88 -19.41 -9.16 -26.03
CA ILE B 88 -18.94 -10.45 -26.49
C ILE B 88 -19.24 -11.48 -25.41
N ALA B 89 -19.43 -12.72 -25.83
CA ALA B 89 -19.81 -13.82 -24.93
C ALA B 89 -18.60 -14.72 -24.76
N LEU B 90 -18.08 -14.78 -23.54
CA LEU B 90 -16.92 -15.60 -23.22
C LEU B 90 -17.40 -16.91 -22.61
N ARG B 91 -16.90 -18.03 -23.14
CA ARG B 91 -17.26 -19.37 -22.67
C ARG B 91 -15.96 -20.13 -22.43
N LEU B 92 -15.72 -20.53 -21.19
CA LEU B 92 -14.46 -21.14 -20.82
C LEU B 92 -14.70 -22.44 -20.04
N ARG B 93 -13.93 -23.47 -20.38
CA ARG B 93 -13.86 -24.73 -19.66
C ARG B 93 -12.78 -24.63 -18.58
N PRO B 94 -12.82 -25.52 -17.57
CA PRO B 94 -11.92 -25.36 -16.42
C PRO B 94 -10.45 -25.31 -16.82
N ASP B 95 -9.73 -24.36 -16.22
CA ASP B 95 -8.28 -24.17 -16.43
C ASP B 95 -7.94 -23.93 -17.89
N ASP B 96 -8.81 -23.23 -18.62
CA ASP B 96 -8.56 -22.86 -20.01
C ASP B 96 -8.55 -21.34 -20.14
N SER B 97 -8.34 -20.86 -21.36
CA SER B 97 -8.28 -19.43 -21.61
C SER B 97 -8.58 -19.15 -23.08
N LYS B 98 -9.14 -17.97 -23.32
CA LYS B 98 -9.31 -17.44 -24.66
C LYS B 98 -8.92 -15.97 -24.65
N ASN B 99 -8.72 -15.41 -25.84
CA ASN B 99 -8.28 -14.03 -25.98
C ASN B 99 -9.12 -13.30 -27.01
N PHE B 100 -9.30 -12.00 -26.79
CA PHE B 100 -10.08 -11.15 -27.67
C PHE B 100 -9.37 -9.80 -27.79
N SER B 101 -10.00 -8.87 -28.51
CA SER B 101 -9.41 -7.57 -28.78
C SER B 101 -10.47 -6.49 -28.59
N ILE B 102 -10.01 -5.24 -28.53
CA ILE B 102 -10.89 -4.09 -28.38
C ILE B 102 -10.20 -2.86 -28.96
N GLN B 103 -10.94 -2.06 -29.72
CA GLN B 103 -10.45 -0.83 -30.31
C GLN B 103 -11.26 0.33 -29.78
N VAL B 104 -10.57 1.40 -29.37
CA VAL B 104 -11.21 2.60 -28.85
C VAL B 104 -10.72 3.79 -29.65
N ARG B 105 -11.60 4.77 -29.83
CA ARG B 105 -11.31 5.92 -30.68
C ARG B 105 -11.81 7.20 -30.01
N GLN B 106 -10.97 8.24 -30.03
CA GLN B 106 -11.40 9.57 -29.64
C GLN B 106 -12.10 10.21 -30.84
N VAL B 107 -13.42 10.34 -30.76
CA VAL B 107 -14.19 10.78 -31.92
C VAL B 107 -13.81 12.21 -32.29
N GLU B 108 -13.98 12.53 -33.58
CA GLU B 108 -13.58 13.84 -34.08
C GLU B 108 -14.34 14.96 -33.37
N ASP B 109 -15.66 14.93 -33.43
CA ASP B 109 -16.50 15.93 -32.77
C ASP B 109 -17.38 15.19 -31.77
N TYR B 110 -17.00 15.27 -30.49
CA TYR B 110 -17.74 14.64 -29.41
C TYR B 110 -18.32 15.71 -28.49
N PRO B 111 -19.59 15.61 -28.11
CA PRO B 111 -20.19 16.66 -27.28
C PRO B 111 -19.46 16.79 -25.94
N VAL B 112 -19.38 18.01 -25.45
CA VAL B 112 -18.66 18.32 -24.22
C VAL B 112 -19.53 19.23 -23.36
N ASP B 113 -19.77 18.81 -22.13
CA ASP B 113 -20.45 19.64 -21.14
C ASP B 113 -19.50 19.85 -19.97
N ILE B 114 -19.19 21.11 -19.68
CA ILE B 114 -18.21 21.49 -18.67
C ILE B 114 -18.93 22.24 -17.55
N TYR B 115 -18.62 21.88 -16.31
CA TYR B 115 -19.24 22.46 -15.14
C TYR B 115 -18.20 23.26 -14.36
N TYR B 116 -18.46 24.54 -14.13
CA TYR B 116 -17.52 25.43 -13.48
C TYR B 116 -17.78 25.41 -11.97
N LEU B 117 -16.84 24.83 -11.22
CA LEU B 117 -16.91 24.78 -9.76
C LEU B 117 -15.91 25.80 -9.22
N MET B 118 -16.43 26.87 -8.62
CA MET B 118 -15.61 28.03 -8.26
C MET B 118 -15.64 28.28 -6.76
N ASP B 119 -14.46 28.54 -6.20
CA ASP B 119 -14.37 29.00 -4.82
C ASP B 119 -14.89 30.43 -4.73
N LEU B 120 -15.71 30.69 -3.70
CA LEU B 120 -16.27 32.02 -3.49
C LEU B 120 -15.84 32.61 -2.15
N SER B 121 -14.67 32.22 -1.67
CA SER B 121 -14.07 32.91 -0.53
C SER B 121 -13.50 34.26 -0.99
N TYR B 122 -13.21 35.13 -0.02
CA TYR B 122 -12.91 36.52 -0.34
C TYR B 122 -11.68 36.68 -1.23
N SER B 123 -10.79 35.69 -1.26
CA SER B 123 -9.63 35.77 -2.14
C SER B 123 -9.99 35.60 -3.60
N MET B 124 -11.25 35.25 -3.91
CA MET B 124 -11.69 35.04 -5.28
C MET B 124 -12.57 36.18 -5.80
N LYS B 125 -12.65 37.30 -5.07
CA LYS B 125 -13.45 38.42 -5.54
C LYS B 125 -12.90 38.98 -6.85
N ASP B 126 -11.57 39.07 -6.97
CA ASP B 126 -10.96 39.48 -8.23
C ASP B 126 -11.25 38.48 -9.34
N ASP B 127 -11.34 37.20 -9.00
CA ASP B 127 -11.58 36.18 -10.01
C ASP B 127 -13.00 36.25 -10.55
N LEU B 128 -13.98 36.52 -9.67
CA LEU B 128 -15.37 36.59 -10.11
C LEU B 128 -15.63 37.77 -11.03
N TRP B 129 -14.76 38.79 -11.01
CA TRP B 129 -14.94 39.93 -11.90
C TRP B 129 -14.57 39.59 -13.34
N SER B 130 -13.35 39.11 -13.57
CA SER B 130 -12.89 38.84 -14.92
C SER B 130 -13.56 37.63 -15.55
N ILE B 131 -14.44 36.93 -14.85
CA ILE B 131 -15.07 35.73 -15.37
C ILE B 131 -16.45 36.11 -15.93
N GLN B 132 -16.69 37.41 -16.01
CA GLN B 132 -18.01 37.89 -16.40
C GLN B 132 -18.33 37.52 -17.85
N ASN B 133 -17.42 37.83 -18.77
CA ASN B 133 -17.63 37.53 -20.19
C ASN B 133 -16.85 36.32 -20.65
N LEU B 134 -16.21 35.59 -19.74
CA LEU B 134 -15.43 34.41 -20.11
C LEU B 134 -16.30 33.18 -20.36
N GLY B 135 -17.62 33.32 -20.24
CA GLY B 135 -18.52 32.25 -20.64
C GLY B 135 -18.69 32.20 -22.14
N THR B 136 -18.91 33.36 -22.75
CA THR B 136 -19.01 33.44 -24.21
C THR B 136 -17.63 33.33 -24.86
N LYS B 137 -16.58 33.82 -24.19
CA LYS B 137 -15.23 33.61 -24.69
C LYS B 137 -14.88 32.14 -24.75
N LEU B 138 -15.28 31.37 -23.73
CA LEU B 138 -15.09 29.93 -23.76
C LEU B 138 -15.98 29.26 -24.80
N ALA B 139 -17.09 29.90 -25.18
CA ALA B 139 -17.93 29.33 -26.23
C ALA B 139 -17.22 29.34 -27.58
N THR B 140 -16.57 30.47 -27.92
CA THR B 140 -15.92 30.56 -29.22
C THR B 140 -14.70 29.65 -29.32
N GLN B 141 -14.00 29.42 -28.21
CA GLN B 141 -12.83 28.54 -28.25
C GLN B 141 -13.23 27.08 -28.31
N MET B 142 -14.25 26.68 -27.55
CA MET B 142 -14.73 25.30 -27.58
C MET B 142 -15.52 24.98 -28.84
N ARG B 143 -16.08 25.99 -29.50
CA ARG B 143 -16.80 25.77 -30.74
C ARG B 143 -15.89 25.15 -31.81
N LYS B 144 -14.61 25.51 -31.79
CA LYS B 144 -13.66 24.94 -32.74
C LYS B 144 -13.49 23.43 -32.52
N LEU B 145 -13.44 23.00 -31.27
CA LEU B 145 -13.23 21.59 -30.95
C LEU B 145 -14.53 20.81 -30.83
N THR B 146 -15.64 21.46 -30.47
CA THR B 146 -16.91 20.77 -30.30
C THR B 146 -18.05 21.71 -30.65
N SER B 147 -18.99 21.22 -31.47
CA SER B 147 -20.13 22.05 -31.86
C SER B 147 -21.22 22.06 -30.81
N ASN B 148 -21.35 21.01 -30.00
CA ASN B 148 -22.40 20.89 -28.99
C ASN B 148 -21.76 21.07 -27.62
N LEU B 149 -21.92 22.27 -27.05
CA LEU B 149 -21.28 22.65 -25.80
C LEU B 149 -22.33 22.99 -24.75
N ARG B 150 -22.04 22.63 -23.50
CA ARG B 150 -22.86 22.97 -22.35
C ARG B 150 -21.97 23.52 -21.24
N ILE B 151 -22.53 24.42 -20.43
CA ILE B 151 -21.79 25.01 -19.33
C ILE B 151 -22.73 25.17 -18.12
N GLY B 152 -22.15 24.99 -16.94
CA GLY B 152 -22.89 25.18 -15.70
C GLY B 152 -21.94 25.68 -14.62
N PHE B 153 -22.52 26.35 -13.62
CA PHE B 153 -21.74 27.00 -12.58
C PHE B 153 -22.14 26.48 -11.20
N GLY B 154 -21.15 26.39 -10.32
CA GLY B 154 -21.38 25.98 -8.95
C GLY B 154 -20.44 26.72 -8.02
N ALA B 155 -20.87 26.89 -6.77
CA ALA B 155 -20.14 27.70 -5.81
C ALA B 155 -19.97 26.94 -4.50
N PHE B 156 -18.87 27.24 -3.80
CA PHE B 156 -18.58 26.63 -2.51
C PHE B 156 -17.67 27.57 -1.73
N VAL B 157 -17.82 27.56 -0.40
CA VAL B 157 -16.89 28.30 0.45
C VAL B 157 -16.25 27.36 1.47
N ASP B 158 -17.07 26.87 2.39
CA ASP B 158 -16.63 25.97 3.46
C ASP B 158 -17.88 25.57 4.24
N LYS B 159 -17.68 24.67 5.19
CA LYS B 159 -18.77 24.25 6.06
C LYS B 159 -19.23 25.41 6.93
N PRO B 160 -20.53 25.75 6.91
CA PRO B 160 -21.04 26.87 7.72
C PRO B 160 -21.28 26.48 9.17
N VAL B 161 -20.19 26.16 9.87
CA VAL B 161 -20.25 25.77 11.28
C VAL B 161 -18.91 26.09 11.90
N SER B 162 -18.93 26.40 13.20
CA SER B 162 -17.70 26.66 13.92
C SER B 162 -16.84 25.39 13.94
N PRO B 163 -15.50 25.53 13.93
CA PRO B 163 -14.72 26.78 13.98
C PRO B 163 -14.50 27.42 12.61
N TYR B 164 -15.07 26.86 11.54
CA TYR B 164 -14.84 27.41 10.22
C TYR B 164 -15.62 28.71 10.01
N MET B 165 -16.87 28.73 10.46
CA MET B 165 -17.77 29.84 10.18
C MET B 165 -17.63 30.94 11.23
N TYR B 166 -17.80 32.19 10.77
CA TYR B 166 -17.90 33.33 11.68
C TYR B 166 -19.22 33.21 12.43
N ILE B 167 -19.17 32.71 13.66
CA ILE B 167 -20.37 32.48 14.44
C ILE B 167 -20.76 33.67 15.31
N SER B 168 -19.80 34.55 15.62
CA SER B 168 -20.04 35.71 16.47
C SER B 168 -19.17 36.84 15.97
N PRO B 169 -19.56 38.10 16.23
CA PRO B 169 -20.73 38.56 16.99
C PRO B 169 -22.03 38.35 16.23
N PRO B 170 -23.19 38.42 16.89
CA PRO B 170 -24.46 38.32 16.16
C PRO B 170 -24.64 39.41 15.12
N GLU B 171 -23.94 40.53 15.27
CA GLU B 171 -23.95 41.58 14.25
C GLU B 171 -23.35 41.09 12.94
N ALA B 172 -22.59 40.01 12.97
CA ALA B 172 -21.97 39.44 11.77
C ALA B 172 -22.38 37.98 11.65
N LEU B 173 -23.59 37.76 11.16
CA LEU B 173 -24.01 36.46 10.65
C LEU B 173 -24.48 36.57 9.21
N GLU B 174 -25.33 37.55 8.92
CA GLU B 174 -25.67 37.89 7.55
C GLU B 174 -24.54 38.64 6.85
N ASN B 175 -23.54 39.08 7.60
CA ASN B 175 -22.37 39.77 7.05
C ASN B 175 -21.12 39.24 7.71
N PRO B 176 -20.63 38.08 7.28
CA PRO B 176 -19.44 37.49 7.91
C PRO B 176 -18.18 38.36 7.80
N CYS B 177 -18.20 39.40 6.98
CA CYS B 177 -17.10 40.35 6.87
C CYS B 177 -17.57 41.66 7.50
N TYR B 178 -17.45 41.76 8.81
CA TYR B 178 -17.92 42.92 9.56
C TYR B 178 -16.79 43.90 9.88
N ASP B 179 -15.68 43.38 10.43
CA ASP B 179 -14.52 44.23 10.72
C ASP B 179 -13.93 44.82 9.45
N MET B 180 -14.24 44.26 8.29
CA MET B 180 -13.77 44.77 7.01
C MET B 180 -14.53 46.00 6.54
N LYS B 181 -15.59 46.40 7.27
CA LYS B 181 -16.39 47.57 6.94
C LYS B 181 -16.98 47.49 5.54
N THR B 182 -17.24 46.27 5.08
CA THR B 182 -17.91 46.04 3.80
C THR B 182 -19.01 45.01 3.99
N THR B 183 -19.63 44.56 2.90
CA THR B 183 -20.76 43.64 2.97
C THR B 183 -20.51 42.45 2.06
N CYS B 184 -20.58 41.25 2.63
CA CYS B 184 -20.55 39.99 1.91
C CYS B 184 -21.73 39.15 2.38
N LEU B 185 -22.08 38.14 1.60
CA LEU B 185 -23.21 37.29 1.94
C LEU B 185 -22.79 36.17 2.87
N PRO B 186 -23.72 35.61 3.63
CA PRO B 186 -23.38 34.50 4.54
C PRO B 186 -22.78 33.32 3.79
N MET B 187 -21.80 32.68 4.42
CA MET B 187 -21.07 31.61 3.77
C MET B 187 -21.94 30.36 3.63
N PHE B 188 -21.60 29.55 2.63
CA PHE B 188 -22.36 28.36 2.28
C PHE B 188 -21.40 27.21 2.02
N GLY B 189 -21.88 25.99 2.23
CA GLY B 189 -21.08 24.82 1.96
C GLY B 189 -20.87 24.60 0.47
N TYR B 190 -21.94 24.27 -0.23
CA TYR B 190 -21.92 24.15 -1.69
C TYR B 190 -23.22 24.70 -2.24
N LYS B 191 -23.12 25.56 -3.25
CA LYS B 191 -24.27 26.23 -3.84
C LYS B 191 -24.26 25.99 -5.35
N HIS B 192 -25.27 25.25 -5.83
CA HIS B 192 -25.48 25.06 -7.26
C HIS B 192 -26.41 26.14 -7.76
N VAL B 193 -25.97 26.90 -8.76
CA VAL B 193 -26.70 28.06 -9.26
C VAL B 193 -27.29 27.79 -10.64
N LEU B 194 -26.45 27.40 -11.60
CA LEU B 194 -26.88 27.19 -12.98
C LEU B 194 -26.61 25.75 -13.39
N THR B 195 -27.65 25.07 -13.85
CA THR B 195 -27.50 23.72 -14.37
C THR B 195 -26.90 23.75 -15.77
N LEU B 196 -26.43 22.58 -16.23
CA LEU B 196 -25.79 22.49 -17.53
C LEU B 196 -26.78 22.83 -18.64
N THR B 197 -26.44 23.85 -19.42
CA THR B 197 -27.28 24.33 -20.51
C THR B 197 -26.40 24.79 -21.67
N ASP B 198 -26.99 24.84 -22.86
CA ASP B 198 -26.28 25.20 -24.08
C ASP B 198 -26.32 26.69 -24.37
N GLN B 199 -26.85 27.50 -23.45
CA GLN B 199 -26.93 28.94 -23.62
C GLN B 199 -25.76 29.57 -22.87
N VAL B 200 -24.77 30.07 -23.62
CA VAL B 200 -23.57 30.63 -23.00
C VAL B 200 -23.82 32.02 -22.44
N THR B 201 -24.84 32.73 -22.91
CA THR B 201 -25.22 33.98 -22.29
C THR B 201 -25.89 33.75 -20.94
N ARG B 202 -26.61 32.63 -20.79
CA ARG B 202 -27.21 32.28 -19.51
C ARG B 202 -26.15 32.10 -18.44
N PHE B 203 -24.96 31.63 -18.81
CA PHE B 203 -23.86 31.54 -17.86
C PHE B 203 -23.45 32.91 -17.36
N ASN B 204 -23.29 33.87 -18.28
CA ASN B 204 -22.88 35.21 -17.89
C ASN B 204 -23.96 35.94 -17.10
N GLU B 205 -25.23 35.50 -17.22
CA GLU B 205 -26.30 36.15 -16.47
C GLU B 205 -26.25 35.77 -14.99
N GLU B 206 -26.00 34.50 -14.69
CA GLU B 206 -25.89 34.09 -13.29
C GLU B 206 -24.61 34.59 -12.65
N VAL B 207 -23.52 34.68 -13.42
CA VAL B 207 -22.33 35.38 -12.95
C VAL B 207 -22.66 36.88 -12.86
N LYS B 208 -22.03 37.54 -11.89
CA LYS B 208 -22.28 38.94 -11.52
C LYS B 208 -23.61 39.09 -10.80
N LYS B 209 -24.40 38.00 -10.75
CA LYS B 209 -25.44 37.88 -9.74
C LYS B 209 -24.91 37.23 -8.48
N GLN B 210 -23.93 36.34 -8.64
CA GLN B 210 -23.23 35.76 -7.50
C GLN B 210 -22.37 36.82 -6.83
N SER B 211 -22.11 36.62 -5.54
CA SER B 211 -21.25 37.49 -4.77
C SER B 211 -20.32 36.63 -3.91
N VAL B 212 -19.33 37.29 -3.33
CA VAL B 212 -18.24 36.62 -2.62
C VAL B 212 -18.49 36.69 -1.13
N SER B 213 -18.18 35.60 -0.43
CA SER B 213 -18.35 35.48 1.01
C SER B 213 -16.98 35.48 1.70
N ARG B 214 -17.00 35.28 3.02
CA ARG B 214 -15.78 35.27 3.82
C ARG B 214 -15.78 34.05 4.73
N ASN B 215 -14.60 33.49 4.93
CA ASN B 215 -14.38 32.35 5.81
C ASN B 215 -13.32 32.72 6.85
N ARG B 216 -12.99 31.77 7.72
CA ARG B 216 -12.07 32.03 8.83
C ARG B 216 -10.77 31.24 8.75
N ASP B 217 -10.80 29.98 8.36
CA ASP B 217 -9.59 29.17 8.25
C ASP B 217 -9.22 28.98 6.79
N ALA B 218 -7.92 28.94 6.53
CA ALA B 218 -7.43 28.87 5.15
C ALA B 218 -7.92 27.66 4.37
N PRO B 219 -7.92 26.43 4.91
CA PRO B 219 -8.44 25.30 4.12
C PRO B 219 -9.93 25.48 3.84
N GLU B 220 -10.27 25.51 2.56
CA GLU B 220 -11.65 25.65 2.13
C GLU B 220 -12.15 24.30 1.61
N GLY B 221 -13.29 23.85 2.13
CA GLY B 221 -13.80 22.55 1.74
C GLY B 221 -14.45 22.59 0.38
N GLY B 222 -13.76 22.08 -0.63
CA GLY B 222 -14.29 22.00 -1.97
C GLY B 222 -14.53 20.56 -2.37
N PHE B 223 -13.99 19.64 -1.57
CA PHE B 223 -14.25 18.22 -1.81
C PHE B 223 -15.71 17.89 -1.59
N ASP B 224 -16.38 18.63 -0.69
CA ASP B 224 -17.84 18.53 -0.59
C ASP B 224 -18.49 18.95 -1.90
N ALA B 225 -17.98 20.03 -2.52
CA ALA B 225 -18.53 20.48 -3.80
C ALA B 225 -18.22 19.50 -4.91
N ILE B 226 -16.98 18.98 -4.95
CA ILE B 226 -16.61 18.03 -6.00
C ILE B 226 -17.43 16.76 -5.88
N MET B 227 -17.62 16.26 -4.66
CA MET B 227 -18.41 15.06 -4.46
C MET B 227 -19.85 15.25 -4.89
N GLN B 228 -20.45 16.40 -4.54
CA GLN B 228 -21.85 16.64 -4.86
C GLN B 228 -22.04 16.84 -6.36
N ALA B 229 -21.18 17.66 -6.98
CA ALA B 229 -21.31 17.91 -8.41
C ALA B 229 -21.13 16.66 -9.25
N THR B 230 -20.55 15.61 -8.68
CA THR B 230 -20.34 14.35 -9.38
C THR B 230 -21.55 13.42 -9.26
N VAL B 231 -22.10 13.27 -8.05
CA VAL B 231 -23.17 12.32 -7.80
C VAL B 231 -24.55 12.95 -7.87
N CYS B 232 -24.64 14.26 -8.06
CA CYS B 232 -25.91 14.94 -8.31
C CYS B 232 -26.14 15.17 -9.79
N ASP B 233 -25.74 14.19 -10.62
CA ASP B 233 -25.83 14.34 -12.07
C ASP B 233 -27.24 14.67 -12.53
N GLU B 234 -28.25 14.18 -11.81
CA GLU B 234 -29.62 14.56 -12.12
C GLU B 234 -29.85 16.05 -11.90
N LYS B 235 -29.32 16.58 -10.80
CA LYS B 235 -29.56 17.99 -10.47
C LYS B 235 -28.81 18.92 -11.42
N ILE B 236 -27.52 18.66 -11.64
CA ILE B 236 -26.72 19.57 -12.47
C ILE B 236 -26.84 19.24 -13.95
N GLY B 237 -27.21 18.00 -14.29
CA GLY B 237 -27.55 17.67 -15.67
C GLY B 237 -26.38 17.21 -16.54
N TRP B 238 -25.61 16.23 -16.06
CA TRP B 238 -24.56 15.66 -16.88
C TRP B 238 -25.15 14.96 -18.10
N ARG B 239 -24.63 15.27 -19.28
CA ARG B 239 -24.99 14.53 -20.48
C ARG B 239 -24.37 13.14 -20.42
N ASN B 240 -25.21 12.11 -20.54
CA ASN B 240 -24.68 10.75 -20.50
C ASN B 240 -23.94 10.38 -21.79
N ASP B 241 -24.01 11.22 -22.82
CA ASP B 241 -23.37 10.95 -24.10
C ASP B 241 -22.26 11.94 -24.43
N ALA B 242 -21.83 12.76 -23.48
CA ALA B 242 -20.87 13.82 -23.74
C ALA B 242 -19.66 13.69 -22.82
N SER B 243 -18.60 14.39 -23.19
CA SER B 243 -17.38 14.42 -22.39
C SER B 243 -17.59 15.31 -21.17
N HIS B 244 -17.42 14.74 -19.98
CA HIS B 244 -17.67 15.45 -18.73
C HIS B 244 -16.37 16.06 -18.23
N LEU B 245 -16.35 17.38 -18.06
CA LEU B 245 -15.22 18.09 -17.48
C LEU B 245 -15.72 18.91 -16.29
N LEU B 246 -15.10 18.71 -15.14
CA LEU B 246 -15.41 19.45 -13.92
C LEU B 246 -14.18 20.24 -13.53
N VAL B 247 -14.21 21.55 -13.74
CA VAL B 247 -13.08 22.42 -13.45
C VAL B 247 -13.20 22.95 -12.03
N PHE B 248 -12.14 22.74 -11.24
CA PHE B 248 -12.10 23.13 -9.84
C PHE B 248 -11.13 24.30 -9.70
N THR B 249 -11.67 25.46 -9.31
CA THR B 249 -10.88 26.68 -9.23
C THR B 249 -10.82 27.17 -7.80
N THR B 250 -9.61 27.23 -7.24
CA THR B 250 -9.38 27.76 -5.91
C THR B 250 -7.93 28.19 -5.81
N ASP B 251 -7.64 29.07 -4.86
CA ASP B 251 -6.29 29.57 -4.66
C ASP B 251 -5.67 29.19 -3.31
N ALA B 252 -6.42 28.55 -2.43
CA ALA B 252 -5.93 28.19 -1.10
C ALA B 252 -5.96 26.66 -0.94
N LYS B 253 -5.52 26.22 0.23
CA LYS B 253 -5.54 24.80 0.57
C LYS B 253 -6.97 24.30 0.70
N THR B 254 -7.11 22.99 0.89
CA THR B 254 -8.42 22.37 0.98
C THR B 254 -8.50 21.47 2.21
N HIS B 255 -9.71 21.34 2.74
CA HIS B 255 -9.96 20.37 3.79
C HIS B 255 -10.01 18.96 3.20
N ILE B 256 -9.49 18.00 3.96
CA ILE B 256 -9.55 16.60 3.56
C ILE B 256 -10.48 15.88 4.53
N ALA B 257 -10.71 14.60 4.30
CA ALA B 257 -11.56 13.84 5.21
C ALA B 257 -10.91 13.75 6.59
N LEU B 258 -11.77 13.56 7.60
CA LEU B 258 -11.44 13.53 9.02
C LEU B 258 -11.08 14.90 9.57
N ASP B 259 -11.06 15.95 8.74
CA ASP B 259 -10.90 17.31 9.25
C ASP B 259 -12.14 17.80 9.98
N GLY B 260 -13.29 17.19 9.73
CA GLY B 260 -14.54 17.62 10.31
C GLY B 260 -14.75 17.23 11.76
N ARG B 261 -13.81 16.46 12.34
CA ARG B 261 -13.94 16.10 13.75
C ARG B 261 -13.79 17.32 14.65
N LEU B 262 -13.07 18.35 14.19
CA LEU B 262 -12.94 19.57 14.99
C LEU B 262 -14.28 20.26 15.13
N ALA B 263 -15.10 20.24 14.08
CA ALA B 263 -16.44 20.81 14.11
C ALA B 263 -17.47 19.89 14.71
N GLY B 264 -17.05 18.75 15.27
CA GLY B 264 -18.00 17.79 15.80
C GLY B 264 -18.72 16.98 14.75
N ILE B 265 -18.14 16.85 13.56
CA ILE B 265 -18.75 16.10 12.47
C ILE B 265 -18.00 14.77 12.35
N VAL B 266 -18.67 13.68 12.73
CA VAL B 266 -18.06 12.37 12.80
C VAL B 266 -18.76 11.36 11.89
N GLN B 267 -19.73 11.79 11.10
CA GLN B 267 -20.42 10.89 10.19
C GLN B 267 -19.67 10.86 8.87
N PRO B 268 -19.24 9.68 8.40
CA PRO B 268 -18.47 9.62 7.15
C PRO B 268 -19.29 10.06 5.95
N ASN B 269 -18.59 10.59 4.95
CA ASN B 269 -19.22 11.03 3.72
C ASN B 269 -19.73 9.82 2.94
N ASP B 270 -20.98 9.91 2.47
CA ASP B 270 -21.53 8.89 1.59
C ASP B 270 -21.60 9.40 0.15
N GLY B 271 -21.50 8.48 -0.79
CA GLY B 271 -21.50 8.87 -2.19
C GLY B 271 -22.86 9.29 -2.71
N GLN B 272 -23.80 9.53 -1.80
CA GLN B 272 -25.15 9.88 -2.20
C GLN B 272 -25.27 11.39 -2.40
N CYS B 273 -26.20 11.80 -3.26
CA CYS B 273 -26.44 13.20 -3.52
C CYS B 273 -27.39 13.77 -2.46
N HIS B 274 -26.99 14.89 -1.85
CA HIS B 274 -27.79 15.54 -0.82
C HIS B 274 -28.17 16.97 -1.18
N VAL B 275 -27.95 17.39 -2.42
CA VAL B 275 -28.36 18.72 -2.87
C VAL B 275 -29.85 18.67 -3.21
N GLY B 276 -30.65 19.46 -2.50
CA GLY B 276 -32.08 19.45 -2.64
C GLY B 276 -32.60 20.50 -3.60
N SER B 277 -33.89 20.83 -3.45
CA SER B 277 -34.52 21.82 -4.32
C SER B 277 -34.09 23.24 -3.98
N ASP B 278 -33.52 23.47 -2.79
CA ASP B 278 -32.99 24.77 -2.43
C ASP B 278 -31.60 25.01 -3.01
N ASN B 279 -31.05 24.02 -3.74
CA ASN B 279 -29.76 24.15 -4.42
C ASN B 279 -28.60 24.36 -3.45
N HIS B 280 -28.76 23.89 -2.23
CA HIS B 280 -27.71 23.97 -1.22
C HIS B 280 -27.42 22.58 -0.66
N TYR B 281 -26.14 22.29 -0.45
CA TYR B 281 -25.72 21.02 0.13
C TYR B 281 -26.17 20.99 1.58
N SER B 282 -27.26 20.26 1.84
CA SER B 282 -27.86 20.27 3.17
C SER B 282 -26.99 19.53 4.18
N ALA B 283 -26.34 18.44 3.78
CA ALA B 283 -25.51 17.65 4.66
C ALA B 283 -24.14 18.27 4.90
N SER B 284 -23.95 19.53 4.51
CA SER B 284 -22.65 20.17 4.68
C SER B 284 -22.26 20.26 6.15
N THR B 285 -23.21 20.61 7.01
CA THR B 285 -22.92 20.78 8.43
C THR B 285 -22.93 19.47 9.21
N THR B 286 -23.51 18.41 8.65
CA THR B 286 -23.68 17.16 9.38
C THR B 286 -22.80 16.03 8.89
N MET B 287 -22.15 16.18 7.73
CA MET B 287 -21.39 15.10 7.11
C MET B 287 -19.97 15.56 6.83
N ASP B 288 -19.02 14.66 7.07
CA ASP B 288 -17.61 14.96 6.94
C ASP B 288 -17.22 15.12 5.46
N TYR B 289 -16.01 15.63 5.25
CA TYR B 289 -15.48 15.76 3.91
C TYR B 289 -15.19 14.38 3.32
N PRO B 290 -15.29 14.23 2.00
CA PRO B 290 -15.01 12.94 1.38
C PRO B 290 -13.52 12.67 1.26
N SER B 291 -13.16 11.41 1.40
CA SER B 291 -11.78 11.00 1.25
C SER B 291 -11.41 10.90 -0.22
N LEU B 292 -10.10 10.78 -0.48
CA LEU B 292 -9.63 10.64 -1.85
C LEU B 292 -10.16 9.37 -2.49
N GLY B 293 -10.24 8.28 -1.72
CA GLY B 293 -10.74 7.03 -2.27
C GLY B 293 -12.20 7.12 -2.69
N LEU B 294 -13.04 7.70 -1.84
CA LEU B 294 -14.45 7.85 -2.20
C LEU B 294 -14.63 8.83 -3.35
N MET B 295 -13.82 9.88 -3.39
CA MET B 295 -13.87 10.80 -4.54
C MET B 295 -13.44 10.09 -5.82
N THR B 296 -12.37 9.29 -5.75
CA THR B 296 -11.93 8.55 -6.93
C THR B 296 -13.01 7.59 -7.41
N GLU B 297 -13.67 6.89 -6.49
CA GLU B 297 -14.66 5.89 -6.87
C GLU B 297 -15.81 6.51 -7.64
N LYS B 298 -16.43 7.56 -7.07
CA LYS B 298 -17.60 8.16 -7.71
C LYS B 298 -17.22 9.00 -8.92
N LEU B 299 -16.00 9.55 -8.95
CA LEU B 299 -15.54 10.27 -10.14
C LEU B 299 -15.42 9.32 -11.32
N SER B 300 -14.96 8.09 -11.08
CA SER B 300 -14.86 7.11 -12.15
C SER B 300 -16.23 6.59 -12.57
N GLN B 301 -17.11 6.35 -11.61
CA GLN B 301 -18.42 5.77 -11.92
C GLN B 301 -19.27 6.72 -12.75
N LYS B 302 -19.22 8.01 -12.45
CA LYS B 302 -19.98 9.01 -13.19
C LYS B 302 -19.24 9.52 -14.43
N ASN B 303 -18.03 9.01 -14.69
CA ASN B 303 -17.24 9.40 -15.86
C ASN B 303 -17.00 10.91 -15.89
N ILE B 304 -16.55 11.45 -14.75
CA ILE B 304 -16.30 12.87 -14.61
C ILE B 304 -14.80 13.10 -14.61
N ASN B 305 -14.35 14.09 -15.39
CA ASN B 305 -12.95 14.51 -15.40
C ASN B 305 -12.80 15.72 -14.51
N LEU B 306 -11.96 15.61 -13.48
CA LEU B 306 -11.73 16.69 -12.53
C LEU B 306 -10.48 17.46 -12.96
N ILE B 307 -10.62 18.77 -13.11
CA ILE B 307 -9.53 19.64 -13.52
C ILE B 307 -9.22 20.57 -12.35
N PHE B 308 -7.99 20.51 -11.85
CA PHE B 308 -7.55 21.36 -10.75
C PHE B 308 -6.97 22.65 -11.35
N ALA B 309 -7.64 23.77 -11.11
CA ALA B 309 -7.18 25.08 -11.56
C ALA B 309 -6.83 25.89 -10.32
N VAL B 310 -5.54 25.90 -9.98
CA VAL B 310 -5.07 26.50 -8.74
C VAL B 310 -3.86 27.38 -9.03
N THR B 311 -3.52 28.21 -8.05
CA THR B 311 -2.42 29.16 -8.19
C THR B 311 -1.07 28.47 -7.96
N GLU B 312 -0.01 29.16 -8.37
CA GLU B 312 1.32 28.57 -8.36
C GLU B 312 1.81 28.29 -6.94
N ASN B 313 1.36 29.06 -5.96
CA ASN B 313 1.78 28.83 -4.57
C ASN B 313 1.26 27.49 -4.05
N VAL B 314 0.12 27.03 -4.56
CA VAL B 314 -0.52 25.80 -4.10
C VAL B 314 -0.62 24.76 -5.22
N VAL B 315 -0.03 25.04 -6.37
CA VAL B 315 -0.15 24.12 -7.50
C VAL B 315 0.57 22.81 -7.21
N ASN B 316 1.70 22.85 -6.49
CA ASN B 316 2.41 21.63 -6.18
C ASN B 316 1.63 20.75 -5.22
N LEU B 317 0.81 21.35 -4.35
CA LEU B 317 -0.05 20.56 -3.47
C LEU B 317 -1.07 19.76 -4.27
N TYR B 318 -1.74 20.42 -5.23
CA TYR B 318 -2.70 19.74 -6.07
C TYR B 318 -2.05 18.86 -7.13
N GLN B 319 -0.78 19.11 -7.45
CA GLN B 319 -0.04 18.17 -8.29
C GLN B 319 0.07 16.82 -7.61
N ASN B 320 0.49 16.80 -6.35
CA ASN B 320 0.57 15.55 -5.61
C ASN B 320 -0.81 14.98 -5.30
N TYR B 321 -1.80 15.85 -5.08
CA TYR B 321 -3.16 15.37 -4.88
C TYR B 321 -3.69 14.67 -6.13
N SER B 322 -3.40 15.23 -7.31
CA SER B 322 -3.86 14.63 -8.55
C SER B 322 -3.17 13.30 -8.83
N GLU B 323 -1.92 13.14 -8.37
CA GLU B 323 -1.23 11.86 -8.53
C GLU B 323 -1.95 10.74 -7.78
N LEU B 324 -2.65 11.08 -6.70
CA LEU B 324 -3.46 10.11 -5.96
C LEU B 324 -4.84 9.92 -6.57
N ILE B 325 -5.21 10.74 -7.55
CA ILE B 325 -6.49 10.61 -8.25
C ILE B 325 -6.19 10.52 -9.74
N PRO B 326 -5.86 9.34 -10.26
CA PRO B 326 -5.45 9.24 -11.67
C PRO B 326 -6.56 9.69 -12.61
N GLY B 327 -6.14 10.27 -13.73
CA GLY B 327 -7.05 10.82 -14.70
C GLY B 327 -7.37 12.30 -14.53
N THR B 328 -6.90 12.91 -13.45
CA THR B 328 -7.11 14.32 -13.20
C THR B 328 -5.87 15.12 -13.54
N THR B 329 -6.07 16.34 -14.03
CA THR B 329 -5.00 17.22 -14.45
C THR B 329 -5.06 18.54 -13.68
N VAL B 330 -3.88 19.11 -13.43
CA VAL B 330 -3.77 20.37 -12.72
C VAL B 330 -3.27 21.44 -13.70
N GLY B 331 -3.66 22.69 -13.43
CA GLY B 331 -3.25 23.79 -14.27
C GLY B 331 -3.04 25.07 -13.51
N VAL B 332 -2.07 25.88 -13.94
CA VAL B 332 -1.77 27.13 -13.26
C VAL B 332 -2.88 28.13 -13.53
N LEU B 333 -3.46 28.67 -12.47
CA LEU B 333 -4.55 29.64 -12.55
C LEU B 333 -4.05 31.00 -12.09
N SER B 334 -4.28 32.02 -12.91
CA SER B 334 -3.83 33.37 -12.58
C SER B 334 -4.62 33.92 -11.40
N MET B 335 -4.00 34.85 -10.67
CA MET B 335 -4.61 35.39 -9.46
C MET B 335 -5.99 35.99 -9.74
N ASP B 336 -6.19 36.56 -10.92
CA ASP B 336 -7.45 37.20 -11.28
C ASP B 336 -8.34 36.35 -12.19
N SER B 337 -7.99 35.07 -12.38
CA SER B 337 -8.74 34.16 -13.26
C SER B 337 -8.83 34.70 -14.69
N SER B 338 -7.72 35.22 -15.19
CA SER B 338 -7.62 35.62 -16.59
C SER B 338 -7.10 34.50 -17.48
N ASN B 339 -6.68 33.38 -16.90
CA ASN B 339 -6.10 32.27 -17.64
C ASN B 339 -7.04 31.07 -17.76
N VAL B 340 -8.23 31.14 -17.18
CA VAL B 340 -9.12 29.97 -17.15
C VAL B 340 -9.60 29.62 -18.56
N LEU B 341 -9.85 30.63 -19.39
CA LEU B 341 -10.36 30.37 -20.73
C LEU B 341 -9.37 29.55 -21.54
N GLN B 342 -8.08 29.84 -21.41
CA GLN B 342 -7.06 29.07 -22.09
C GLN B 342 -6.76 27.76 -21.37
N LEU B 343 -6.81 27.77 -20.03
CA LEU B 343 -6.46 26.58 -19.27
C LEU B 343 -7.46 25.45 -19.48
N ILE B 344 -8.73 25.77 -19.72
CA ILE B 344 -9.73 24.74 -19.98
C ILE B 344 -9.41 24.00 -21.28
N VAL B 345 -9.08 24.74 -22.33
CA VAL B 345 -8.78 24.12 -23.61
C VAL B 345 -7.52 23.26 -23.51
N ASP B 346 -6.52 23.75 -22.77
CA ASP B 346 -5.29 22.97 -22.58
C ASP B 346 -5.56 21.68 -21.82
N ALA B 347 -6.47 21.73 -20.83
CA ALA B 347 -6.76 20.54 -20.04
C ALA B 347 -7.54 19.52 -20.86
N TYR B 348 -8.51 19.98 -21.66
CA TYR B 348 -9.28 19.06 -22.48
C TYR B 348 -8.39 18.36 -23.51
N GLY B 349 -7.31 19.01 -23.92
CA GLY B 349 -6.34 18.34 -24.77
C GLY B 349 -5.63 17.21 -24.06
N LYS B 350 -5.20 17.44 -22.81
CA LYS B 350 -4.55 16.39 -22.04
C LYS B 350 -5.50 15.25 -21.73
N ILE B 351 -6.75 15.56 -21.39
CA ILE B 351 -7.73 14.52 -21.06
C ILE B 351 -7.98 13.63 -22.27
N ARG B 352 -8.14 14.23 -23.45
CA ARG B 352 -8.31 13.47 -24.67
C ARG B 352 -6.99 12.98 -25.24
N SER B 353 -5.86 13.26 -24.57
CA SER B 353 -4.57 12.77 -25.04
C SER B 353 -4.31 11.34 -24.62
N LYS B 354 -4.95 10.87 -23.55
CA LYS B 354 -4.71 9.53 -23.02
C LYS B 354 -5.95 8.68 -23.13
N VAL B 355 -5.73 7.36 -23.19
CA VAL B 355 -6.78 6.36 -23.12
C VAL B 355 -6.29 5.23 -22.23
N GLU B 356 -7.01 4.96 -21.14
CA GLU B 356 -6.65 3.91 -20.21
C GLU B 356 -7.88 3.09 -19.87
N LEU B 357 -7.79 1.77 -20.05
CA LEU B 357 -8.91 0.88 -19.79
C LEU B 357 -9.07 0.59 -18.31
N GLU B 358 -10.31 0.58 -17.85
CA GLU B 358 -10.64 0.20 -16.48
C GLU B 358 -11.59 -0.99 -16.49
N VAL B 359 -11.48 -1.84 -15.48
CA VAL B 359 -12.27 -3.05 -15.36
C VAL B 359 -13.23 -2.89 -14.19
N ARG B 360 -14.47 -3.33 -14.38
CA ARG B 360 -15.49 -3.26 -13.33
C ARG B 360 -16.17 -4.61 -13.19
N ASP B 361 -16.52 -4.96 -11.95
CA ASP B 361 -17.28 -6.17 -11.64
C ASP B 361 -16.58 -7.44 -12.13
N LEU B 362 -15.25 -7.42 -12.15
CA LEU B 362 -14.49 -8.55 -12.64
C LEU B 362 -14.54 -9.70 -11.63
N PRO B 363 -14.98 -10.89 -12.03
CA PRO B 363 -14.90 -12.04 -11.10
C PRO B 363 -13.44 -12.42 -10.86
N GLU B 364 -13.08 -12.58 -9.58
CA GLU B 364 -11.71 -12.88 -9.21
C GLU B 364 -11.27 -14.27 -9.65
N GLU B 365 -12.21 -15.13 -10.06
CA GLU B 365 -11.86 -16.47 -10.53
C GLU B 365 -11.05 -16.43 -11.81
N LEU B 366 -11.07 -15.32 -12.55
CA LEU B 366 -10.33 -15.19 -13.80
C LEU B 366 -9.53 -13.90 -13.79
N SER B 367 -8.39 -13.92 -14.47
CA SER B 367 -7.48 -12.79 -14.55
C SER B 367 -7.36 -12.32 -16.00
N LEU B 368 -7.03 -11.04 -16.16
CA LEU B 368 -6.93 -10.41 -17.47
C LEU B 368 -5.49 -10.05 -17.77
N SER B 369 -5.04 -10.36 -18.99
CA SER B 369 -3.75 -9.96 -19.49
C SER B 369 -3.94 -8.92 -20.60
N PHE B 370 -2.94 -8.07 -20.78
CA PHE B 370 -3.06 -6.95 -21.71
C PHE B 370 -1.79 -6.82 -22.55
N ASN B 371 -1.96 -6.88 -23.87
CA ASN B 371 -0.96 -6.41 -24.83
C ASN B 371 -1.54 -5.19 -25.52
N ALA B 372 -0.84 -4.05 -25.44
CA ALA B 372 -1.35 -2.79 -25.97
C ALA B 372 -0.66 -2.46 -27.29
N THR B 373 -1.41 -1.86 -28.21
CA THR B 373 -0.90 -1.42 -29.50
C THR B 373 -1.28 0.06 -29.66
N CYS B 374 -0.39 0.94 -29.21
CA CYS B 374 -0.65 2.37 -29.25
C CYS B 374 -0.12 3.01 -30.53
N LEU B 375 1.10 2.67 -30.92
CA LEU B 375 1.71 3.20 -32.13
C LEU B 375 1.15 2.47 -33.34
N ASN B 376 1.78 2.66 -34.50
CA ASN B 376 1.25 2.12 -35.75
C ASN B 376 1.07 0.60 -35.67
N ASN B 377 2.16 -0.13 -35.48
CA ASN B 377 2.10 -1.58 -35.36
C ASN B 377 2.93 -2.12 -34.21
N GLU B 378 3.55 -1.26 -33.41
CA GLU B 378 4.41 -1.70 -32.32
C GLU B 378 3.57 -2.01 -31.09
N VAL B 379 3.65 -3.24 -30.63
CA VAL B 379 2.88 -3.70 -29.47
C VAL B 379 3.68 -3.49 -28.21
N ILE B 380 2.98 -3.18 -27.13
CA ILE B 380 3.57 -2.99 -25.81
C ILE B 380 2.87 -3.92 -24.84
N PRO B 381 3.47 -5.08 -24.54
CA PRO B 381 2.84 -6.03 -23.62
C PRO B 381 2.77 -5.49 -22.21
N GLY B 382 1.78 -5.98 -21.46
CA GLY B 382 1.62 -5.65 -20.06
C GLY B 382 0.96 -4.31 -19.79
N LEU B 383 0.74 -3.50 -20.82
CA LEU B 383 0.18 -2.17 -20.65
C LEU B 383 -1.28 -2.16 -21.07
N LYS B 384 -2.11 -1.41 -20.32
CA LYS B 384 -3.53 -1.31 -20.57
C LYS B 384 -3.93 0.14 -20.90
N SER B 385 -2.98 0.93 -21.39
CA SER B 385 -3.23 2.35 -21.65
C SER B 385 -2.35 2.82 -22.79
N CYS B 386 -2.72 3.99 -23.34
CA CYS B 386 -1.96 4.64 -24.39
C CYS B 386 -1.85 6.12 -24.11
N MET B 387 -0.67 6.68 -24.34
CA MET B 387 -0.36 8.06 -23.99
C MET B 387 0.10 8.81 -25.23
N GLY B 388 -0.15 10.12 -25.23
CA GLY B 388 0.29 10.98 -26.31
C GLY B 388 -0.50 10.81 -27.59
N LEU B 389 -1.81 10.97 -27.51
CA LEU B 389 -2.70 10.81 -28.64
C LEU B 389 -3.40 12.12 -28.94
N LYS B 390 -3.72 12.33 -30.22
CA LYS B 390 -4.50 13.47 -30.65
C LYS B 390 -5.91 13.01 -31.05
N ILE B 391 -6.85 13.95 -31.01
CA ILE B 391 -8.24 13.62 -31.28
C ILE B 391 -8.38 13.06 -32.69
N GLY B 392 -9.03 11.90 -32.80
CA GLY B 392 -9.19 11.20 -34.06
C GLY B 392 -8.37 9.93 -34.18
N ASP B 393 -7.40 9.72 -33.30
CA ASP B 393 -6.60 8.51 -33.36
C ASP B 393 -7.40 7.30 -32.84
N THR B 394 -6.93 6.12 -33.19
CA THR B 394 -7.54 4.87 -32.76
C THR B 394 -6.45 3.92 -32.30
N VAL B 395 -6.62 3.33 -31.12
CA VAL B 395 -5.65 2.40 -30.57
C VAL B 395 -6.32 1.07 -30.31
N SER B 396 -5.51 0.02 -30.18
CA SER B 396 -5.98 -1.34 -30.02
C SER B 396 -5.43 -1.94 -28.74
N PHE B 397 -6.16 -2.93 -28.21
CA PHE B 397 -5.74 -3.69 -27.05
C PHE B 397 -6.17 -5.13 -27.23
N SER B 398 -5.27 -6.07 -26.92
CA SER B 398 -5.56 -7.49 -26.93
C SER B 398 -5.60 -8.01 -25.50
N ILE B 399 -6.63 -8.76 -25.16
CA ILE B 399 -6.90 -9.17 -23.79
C ILE B 399 -7.08 -10.68 -23.75
N GLU B 400 -6.44 -11.33 -22.79
CA GLU B 400 -6.60 -12.77 -22.54
C GLU B 400 -7.24 -12.98 -21.18
N ALA B 401 -8.20 -13.90 -21.12
CA ALA B 401 -8.90 -14.23 -19.87
C ALA B 401 -8.69 -15.71 -19.57
N LYS B 402 -8.06 -15.99 -18.43
CA LYS B 402 -7.80 -17.35 -17.99
C LYS B 402 -8.45 -17.58 -16.63
N VAL B 403 -9.02 -18.77 -16.45
CA VAL B 403 -9.73 -19.13 -15.23
C VAL B 403 -8.92 -20.18 -14.47
N ARG B 404 -8.94 -20.09 -13.14
CA ARG B 404 -8.42 -21.14 -12.28
C ARG B 404 -9.58 -22.06 -11.92
N GLY B 405 -9.55 -23.27 -12.44
CA GLY B 405 -10.71 -24.14 -12.29
C GLY B 405 -11.91 -23.56 -13.00
N CYS B 406 -13.07 -23.73 -12.41
CA CYS B 406 -14.31 -23.18 -12.95
C CYS B 406 -15.40 -23.22 -11.88
N PRO B 407 -16.10 -22.11 -11.66
CA PRO B 407 -17.18 -22.09 -10.67
C PRO B 407 -18.53 -22.33 -11.33
N GLN B 408 -19.55 -22.44 -10.48
CA GLN B 408 -20.95 -22.53 -10.87
C GLN B 408 -21.68 -21.22 -10.56
N GLU B 409 -20.99 -20.08 -10.75
CA GLU B 409 -21.43 -18.75 -10.34
C GLU B 409 -22.58 -18.19 -11.15
N LYS B 410 -23.24 -18.96 -12.03
CA LYS B 410 -24.41 -18.51 -12.79
C LYS B 410 -24.04 -17.39 -13.76
N GLU B 411 -22.95 -17.60 -14.50
CA GLU B 411 -22.59 -16.82 -15.69
C GLU B 411 -22.68 -15.31 -15.47
N LYS B 412 -22.11 -14.84 -14.35
CA LYS B 412 -22.04 -13.42 -14.11
C LYS B 412 -21.10 -12.75 -15.12
N SER B 413 -21.46 -11.53 -15.53
CA SER B 413 -20.72 -10.78 -16.53
C SER B 413 -19.92 -9.66 -15.88
N PHE B 414 -19.01 -9.07 -16.66
CA PHE B 414 -18.20 -7.96 -16.20
C PHE B 414 -17.98 -6.99 -17.36
N THR B 415 -17.39 -5.84 -17.05
CA THR B 415 -17.27 -4.74 -17.99
C THR B 415 -15.81 -4.34 -18.17
N ILE B 416 -15.44 -4.07 -19.42
CA ILE B 416 -14.15 -3.46 -19.76
C ILE B 416 -14.43 -2.13 -20.42
N LYS B 417 -13.83 -1.06 -19.91
CA LYS B 417 -14.18 0.27 -20.36
C LYS B 417 -12.99 1.21 -20.24
N PRO B 418 -12.79 2.11 -21.20
CA PRO B 418 -11.86 3.22 -20.99
C PRO B 418 -12.40 4.21 -19.96
N VAL B 419 -11.48 4.85 -19.24
CA VAL B 419 -11.88 5.75 -18.17
C VAL B 419 -12.52 6.99 -18.74
N GLY B 420 -13.60 7.44 -18.11
CA GLY B 420 -14.28 8.67 -18.50
C GLY B 420 -15.19 8.54 -19.69
N PHE B 421 -15.28 7.37 -20.31
CA PHE B 421 -16.10 7.17 -21.49
C PHE B 421 -17.40 6.46 -21.13
N LYS B 422 -18.44 6.74 -21.90
CA LYS B 422 -19.73 6.09 -21.71
C LYS B 422 -19.75 4.70 -22.34
N ASP B 423 -19.25 4.58 -23.56
CA ASP B 423 -19.26 3.30 -24.27
C ASP B 423 -18.28 2.34 -23.61
N SER B 424 -18.67 1.07 -23.54
CA SER B 424 -17.91 0.06 -22.81
C SER B 424 -18.01 -1.28 -23.53
N LEU B 425 -17.12 -2.19 -23.15
CA LEU B 425 -17.11 -3.56 -23.65
C LEU B 425 -17.58 -4.47 -22.52
N ILE B 426 -18.77 -5.07 -22.69
CA ILE B 426 -19.35 -5.95 -21.68
C ILE B 426 -19.08 -7.39 -22.08
N VAL B 427 -18.50 -8.16 -21.16
CA VAL B 427 -18.12 -9.54 -21.41
C VAL B 427 -18.97 -10.45 -20.54
N GLN B 428 -19.73 -11.33 -21.19
CA GLN B 428 -20.57 -12.30 -20.50
C GLN B 428 -19.81 -13.62 -20.40
N VAL B 429 -19.31 -13.93 -19.21
CA VAL B 429 -18.53 -15.13 -18.99
C VAL B 429 -19.46 -16.28 -18.63
N THR B 430 -19.22 -17.44 -19.24
CA THR B 430 -19.97 -18.66 -18.94
C THR B 430 -18.98 -19.79 -18.69
N PHE B 431 -19.37 -20.71 -17.81
CA PHE B 431 -18.51 -21.83 -17.42
C PHE B 431 -19.24 -23.13 -17.72
N ASP B 432 -18.60 -23.99 -18.50
CA ASP B 432 -19.12 -25.33 -18.81
C ASP B 432 -18.16 -26.35 -18.19
N CYS B 433 -18.40 -26.65 -16.91
CA CYS B 433 -17.60 -27.64 -16.19
C CYS B 433 -18.13 -29.04 -16.40
N ASP B 434 -19.38 -29.26 -15.99
CA ASP B 434 -19.97 -30.60 -15.98
C ASP B 434 -20.28 -31.05 -17.40
N CYS B 435 -20.46 -32.36 -17.55
CA CYS B 435 -20.77 -32.96 -18.83
C CYS B 435 -22.27 -32.91 -19.10
N ALA B 436 -22.62 -32.99 -20.38
CA ALA B 436 -24.03 -32.99 -20.77
C ALA B 436 -24.72 -34.31 -20.45
N CYS B 437 -23.96 -35.37 -20.21
CA CYS B 437 -24.54 -36.69 -19.92
C CYS B 437 -25.02 -36.83 -18.48
N GLN B 438 -24.75 -35.85 -17.61
CA GLN B 438 -25.16 -35.95 -16.21
C GLN B 438 -26.66 -35.72 -16.04
N ALA B 439 -27.34 -35.14 -17.04
CA ALA B 439 -28.75 -34.80 -16.89
C ALA B 439 -29.60 -36.06 -16.68
N GLN B 440 -29.28 -37.15 -17.38
CA GLN B 440 -30.00 -38.41 -17.21
C GLN B 440 -29.83 -38.94 -15.79
N ALA B 441 -28.59 -39.03 -15.31
CA ALA B 441 -28.28 -39.17 -13.89
C ALA B 441 -28.47 -40.58 -13.35
N GLU B 442 -29.20 -41.46 -14.08
CA GLU B 442 -29.13 -42.91 -13.99
C GLU B 442 -28.80 -43.42 -12.59
N PRO B 443 -29.69 -43.24 -11.60
CA PRO B 443 -29.23 -43.06 -10.21
C PRO B 443 -28.39 -44.18 -9.58
N ASN B 444 -28.95 -45.38 -9.36
CA ASN B 444 -28.26 -46.35 -8.52
C ASN B 444 -28.00 -47.70 -9.18
N SER B 445 -29.03 -48.39 -9.69
CA SER B 445 -28.94 -49.84 -9.80
C SER B 445 -29.11 -50.41 -11.20
N HIS B 446 -28.40 -49.85 -12.18
CA HIS B 446 -28.53 -50.32 -13.57
C HIS B 446 -27.59 -51.48 -13.88
N ARG B 447 -26.27 -51.24 -13.76
CA ARG B 447 -25.28 -52.28 -13.99
C ARG B 447 -24.49 -52.64 -12.73
N CYS B 448 -24.79 -51.98 -11.61
CA CYS B 448 -24.17 -52.25 -10.33
C CYS B 448 -25.27 -52.63 -9.34
N ASN B 449 -26.11 -53.59 -9.76
CA ASN B 449 -27.45 -53.80 -9.24
C ASN B 449 -27.55 -53.78 -7.71
N ASN B 450 -26.93 -54.75 -7.04
CA ASN B 450 -27.07 -54.93 -5.60
C ASN B 450 -25.81 -54.49 -4.88
N GLY B 451 -25.95 -54.21 -3.59
CA GLY B 451 -24.90 -53.49 -2.88
C GLY B 451 -24.80 -52.11 -3.51
N ASN B 452 -25.84 -51.29 -3.29
CA ASN B 452 -26.20 -50.15 -4.13
C ASN B 452 -24.99 -49.39 -4.65
N GLY B 453 -24.91 -49.27 -5.98
CA GLY B 453 -23.87 -48.52 -6.63
C GLY B 453 -24.41 -47.32 -7.36
N THR B 454 -23.99 -47.10 -8.60
CA THR B 454 -24.46 -45.98 -9.39
C THR B 454 -24.19 -46.27 -10.86
N PHE B 455 -24.51 -45.29 -11.71
CA PHE B 455 -24.18 -45.35 -13.13
C PHE B 455 -24.24 -43.93 -13.66
N GLU B 456 -23.15 -43.46 -14.26
CA GLU B 456 -23.08 -42.08 -14.72
C GLU B 456 -22.21 -42.01 -15.97
N CYS B 457 -22.82 -41.62 -17.09
CA CYS B 457 -22.11 -41.36 -18.34
C CYS B 457 -21.36 -42.60 -18.84
N GLY B 458 -21.84 -43.79 -18.48
CA GLY B 458 -21.21 -45.02 -18.91
C GLY B 458 -20.19 -45.61 -17.96
N VAL B 459 -20.21 -45.22 -16.68
CA VAL B 459 -19.29 -45.78 -15.69
C VAL B 459 -20.02 -45.83 -14.35
N CYS B 460 -19.56 -46.72 -13.47
CA CYS B 460 -20.17 -46.93 -12.16
C CYS B 460 -19.12 -46.77 -11.08
N ARG B 461 -19.40 -45.91 -10.11
CA ARG B 461 -18.55 -45.66 -8.94
C ARG B 461 -19.39 -46.04 -7.71
N CYS B 462 -19.22 -47.26 -7.25
CA CYS B 462 -20.19 -47.94 -6.39
C CYS B 462 -19.77 -47.87 -4.92
N GLY B 463 -20.40 -46.98 -4.17
CA GLY B 463 -20.44 -47.08 -2.73
C GLY B 463 -19.13 -46.82 -2.00
N PRO B 464 -19.20 -46.79 -0.65
CA PRO B 464 -18.01 -46.52 0.16
C PRO B 464 -17.15 -47.74 0.43
N GLY B 465 -16.25 -48.07 -0.49
CA GLY B 465 -15.35 -49.19 -0.29
C GLY B 465 -15.28 -50.10 -1.51
N TRP B 466 -16.40 -50.20 -2.22
CA TRP B 466 -16.45 -50.91 -3.48
C TRP B 466 -16.05 -49.96 -4.60
N LEU B 467 -15.36 -50.49 -5.62
CA LEU B 467 -14.72 -49.63 -6.61
C LEU B 467 -14.72 -50.32 -7.96
N GLY B 468 -14.46 -49.53 -9.01
CA GLY B 468 -14.36 -50.03 -10.35
C GLY B 468 -15.70 -50.09 -11.06
N SER B 469 -15.65 -50.41 -12.36
CA SER B 469 -16.87 -50.64 -13.12
C SER B 469 -17.65 -51.81 -12.54
N GLN B 470 -17.06 -53.01 -12.57
CA GLN B 470 -17.50 -54.07 -11.68
C GLN B 470 -17.05 -53.73 -10.26
N CYS B 471 -17.63 -54.41 -9.27
CA CYS B 471 -17.69 -53.81 -7.94
C CYS B 471 -17.39 -54.85 -6.85
N GLU B 472 -17.75 -54.44 -5.63
CA GLU B 472 -17.54 -54.98 -4.29
C GLU B 472 -16.15 -54.77 -3.69
N CYS B 473 -15.09 -54.74 -4.49
CA CYS B 473 -13.74 -54.29 -4.12
C CYS B 473 -13.45 -54.38 -2.62
N SER B 474 -13.78 -55.50 -1.99
CA SER B 474 -14.14 -55.47 -0.57
C SER B 474 -12.91 -55.48 0.34
N GLU B 475 -13.19 -55.19 1.61
CA GLU B 475 -12.17 -55.01 2.65
C GLU B 475 -11.98 -56.33 3.39
N GLU B 476 -11.25 -57.23 2.76
CA GLU B 476 -10.93 -58.53 3.34
C GLU B 476 -9.79 -59.14 2.52
N ASP B 477 -9.54 -60.43 2.74
CA ASP B 477 -8.39 -61.15 2.19
C ASP B 477 -8.38 -61.23 0.67
N TYR B 478 -9.39 -60.64 0.01
CA TYR B 478 -9.39 -60.50 -1.44
C TYR B 478 -8.05 -59.92 -1.90
N ARG B 479 -7.26 -60.71 -2.61
CA ARG B 479 -5.82 -60.45 -2.78
C ARG B 479 -5.39 -60.54 -4.24
N PRO B 480 -5.58 -59.47 -5.02
CA PRO B 480 -4.84 -59.36 -6.27
C PRO B 480 -3.58 -58.50 -6.12
N SER B 481 -2.46 -58.95 -6.69
CA SER B 481 -1.33 -58.06 -6.95
C SER B 481 -1.57 -57.52 -8.35
N GLN B 482 -2.00 -56.25 -8.45
CA GLN B 482 -2.93 -55.87 -9.51
C GLN B 482 -2.38 -56.22 -10.89
N GLN B 483 -1.54 -55.37 -11.47
CA GLN B 483 -0.25 -55.67 -12.06
C GLN B 483 0.16 -54.47 -12.90
N ASP B 484 1.43 -54.08 -12.89
CA ASP B 484 2.02 -53.34 -14.01
C ASP B 484 1.30 -52.04 -14.34
N GLU B 485 0.24 -51.72 -13.59
CA GLU B 485 -0.57 -50.54 -13.85
C GLU B 485 -0.73 -49.76 -12.55
N CYS B 486 -0.70 -50.46 -11.42
CA CYS B 486 -0.51 -49.80 -10.15
C CYS B 486 0.82 -49.06 -10.12
N SER B 487 1.75 -49.44 -10.99
CA SER B 487 3.02 -48.77 -11.20
C SER B 487 3.38 -48.82 -12.68
N PRO B 488 3.91 -47.73 -13.23
CA PRO B 488 4.48 -47.79 -14.58
C PRO B 488 5.91 -48.32 -14.56
N ARG B 489 6.59 -48.28 -15.70
CA ARG B 489 8.01 -48.61 -15.81
C ARG B 489 8.30 -50.09 -15.63
N GLU B 490 7.28 -50.88 -15.25
CA GLU B 490 7.38 -52.34 -15.15
C GLU B 490 8.46 -52.74 -14.15
N GLY B 491 8.17 -52.50 -12.87
CA GLY B 491 9.16 -52.71 -11.82
C GLY B 491 9.26 -51.60 -10.78
N GLN B 492 8.41 -50.59 -10.87
CA GLN B 492 8.37 -49.51 -9.87
C GLN B 492 7.66 -49.98 -8.61
N PRO B 493 7.72 -49.18 -7.50
CA PRO B 493 6.99 -49.57 -6.28
C PRO B 493 5.48 -49.61 -6.47
N VAL B 494 4.74 -50.05 -5.44
CA VAL B 494 3.31 -50.28 -5.56
C VAL B 494 2.57 -48.99 -5.27
N CYS B 495 2.02 -48.37 -6.32
CA CYS B 495 1.16 -47.19 -6.23
C CYS B 495 1.88 -45.97 -5.66
N SER B 496 3.20 -45.86 -5.86
CA SER B 496 3.97 -44.70 -5.43
C SER B 496 3.66 -44.37 -3.97
N GLN B 497 4.10 -45.27 -3.09
CA GLN B 497 3.39 -45.54 -1.85
C GLN B 497 3.08 -44.32 -1.00
N ARG B 498 1.80 -43.97 -0.94
CA ARG B 498 1.15 -43.28 0.16
C ARG B 498 -0.03 -44.09 0.67
N GLY B 499 -0.87 -44.57 -0.24
CA GLY B 499 -1.78 -45.66 0.04
C GLY B 499 -1.51 -46.79 -0.94
N GLU B 500 -1.82 -48.01 -0.52
CA GLU B 500 -1.48 -49.19 -1.31
C GLU B 500 -2.60 -49.51 -2.30
N CYS B 501 -2.35 -50.52 -3.14
CA CYS B 501 -3.33 -50.95 -4.14
C CYS B 501 -4.31 -51.93 -3.52
N LEU B 502 -5.58 -51.54 -3.45
CA LEU B 502 -6.67 -52.43 -3.07
C LEU B 502 -7.61 -52.52 -4.26
N CYS B 503 -7.66 -53.70 -4.89
CA CYS B 503 -8.41 -54.01 -6.10
C CYS B 503 -8.05 -53.10 -7.28
N GLY B 504 -7.00 -52.28 -7.16
CA GLY B 504 -6.47 -51.51 -8.24
C GLY B 504 -6.79 -50.03 -8.22
N GLN B 505 -7.82 -49.61 -7.48
CA GLN B 505 -8.22 -48.22 -7.50
C GLN B 505 -7.30 -47.31 -6.70
N CYS B 506 -6.37 -47.88 -5.92
CA CYS B 506 -5.37 -47.10 -5.18
C CYS B 506 -6.03 -46.09 -4.24
N VAL B 507 -6.79 -46.62 -3.27
CA VAL B 507 -7.37 -45.76 -2.25
C VAL B 507 -6.22 -45.23 -1.39
N CYS B 508 -5.92 -43.94 -1.53
CA CYS B 508 -4.71 -43.37 -0.96
C CYS B 508 -4.91 -43.12 0.53
N HIS B 509 -4.14 -43.83 1.34
CA HIS B 509 -4.15 -43.65 2.78
C HIS B 509 -3.18 -42.52 3.15
N SER B 510 -2.89 -42.38 4.44
CA SER B 510 -1.99 -41.34 4.95
C SER B 510 -2.49 -39.95 4.56
N SER B 511 -3.79 -39.73 4.75
CA SER B 511 -4.43 -38.46 4.41
C SER B 511 -4.24 -37.49 5.57
N ASP B 512 -3.12 -36.77 5.56
CA ASP B 512 -2.83 -35.77 6.57
C ASP B 512 -1.80 -34.80 5.99
N PHE B 513 -1.74 -33.61 6.58
CA PHE B 513 -0.85 -32.54 6.10
C PHE B 513 -1.13 -32.21 4.64
N GLY B 514 -2.39 -32.30 4.25
CA GLY B 514 -2.79 -32.19 2.87
C GLY B 514 -3.42 -33.47 2.36
N LYS B 515 -4.09 -33.32 1.22
CA LYS B 515 -4.81 -34.42 0.60
C LYS B 515 -3.97 -35.07 -0.49
N ILE B 516 -4.12 -36.38 -0.63
CA ILE B 516 -3.41 -37.17 -1.64
C ILE B 516 -4.44 -37.59 -2.69
N THR B 517 -4.20 -37.18 -3.94
CA THR B 517 -5.10 -37.54 -5.03
C THR B 517 -4.32 -38.19 -6.17
N GLY B 518 -4.98 -38.40 -7.30
CA GLY B 518 -4.35 -39.08 -8.41
C GLY B 518 -4.70 -40.56 -8.44
N LYS B 519 -4.74 -41.11 -9.66
CA LYS B 519 -5.15 -42.50 -9.82
C LYS B 519 -4.12 -43.47 -9.24
N TYR B 520 -2.83 -43.14 -9.35
CA TYR B 520 -1.77 -43.91 -8.73
C TYR B 520 -1.31 -43.29 -7.41
N CYS B 521 -2.18 -42.50 -6.77
CA CYS B 521 -1.78 -41.64 -5.65
C CYS B 521 -0.62 -40.74 -6.05
N GLU B 522 -0.57 -40.38 -7.33
CA GLU B 522 0.52 -39.57 -7.85
C GLU B 522 0.40 -38.12 -7.39
N CYS B 523 -0.82 -37.59 -7.37
CA CYS B 523 -1.05 -36.19 -7.08
C CYS B 523 -1.17 -35.95 -5.58
N ASP B 524 -1.09 -34.67 -5.21
CA ASP B 524 -1.19 -34.24 -3.82
C ASP B 524 -1.21 -32.72 -3.82
N ASP B 525 -1.42 -32.15 -2.63
CA ASP B 525 -1.17 -30.73 -2.42
C ASP B 525 0.24 -30.57 -1.86
N PHE B 526 0.56 -29.36 -1.41
CA PHE B 526 1.75 -29.00 -0.64
C PHE B 526 3.06 -29.45 -1.29
N SER B 527 3.03 -29.94 -2.54
CA SER B 527 4.20 -30.48 -3.18
C SER B 527 4.89 -29.48 -4.11
N CYS B 528 4.50 -28.21 -4.03
CA CYS B 528 5.03 -27.18 -4.92
C CYS B 528 6.33 -26.63 -4.35
N VAL B 529 6.82 -25.54 -4.95
CA VAL B 529 8.10 -24.99 -4.61
C VAL B 529 7.91 -23.75 -3.74
N ARG B 530 9.00 -23.27 -3.15
CA ARG B 530 8.99 -22.11 -2.27
C ARG B 530 9.90 -21.03 -2.85
N TYR B 531 9.62 -19.77 -2.48
CA TYR B 531 10.41 -18.63 -2.90
C TYR B 531 11.12 -17.96 -1.74
N LYS B 532 10.38 -17.53 -0.72
CA LYS B 532 10.96 -16.98 0.50
C LYS B 532 10.62 -17.83 1.72
N GLY B 533 10.35 -19.12 1.52
CA GLY B 533 9.84 -19.98 2.55
C GLY B 533 8.34 -20.18 2.51
N GLU B 534 7.64 -19.41 1.69
CA GLU B 534 6.20 -19.54 1.53
C GLU B 534 5.90 -20.24 0.21
N MET B 535 5.02 -21.24 0.25
CA MET B 535 4.75 -22.05 -0.92
C MET B 535 4.03 -21.24 -1.99
N CYS B 536 4.56 -21.28 -3.22
CA CYS B 536 4.05 -20.48 -4.33
C CYS B 536 3.98 -19.00 -3.96
N SER B 537 4.82 -18.59 -3.01
CA SER B 537 4.83 -17.24 -2.45
C SER B 537 3.48 -16.83 -1.86
N GLY B 538 2.61 -17.81 -1.59
CA GLY B 538 1.27 -17.50 -1.15
C GLY B 538 0.39 -16.87 -2.20
N HIS B 539 0.85 -16.81 -3.45
CA HIS B 539 0.14 -16.16 -4.54
C HIS B 539 -0.36 -17.15 -5.59
N GLY B 540 -0.46 -18.43 -5.24
CA GLY B 540 -0.92 -19.43 -6.18
C GLY B 540 -1.30 -20.75 -5.56
N GLN B 541 -2.38 -21.36 -6.05
CA GLN B 541 -2.77 -22.69 -5.60
C GLN B 541 -1.79 -23.73 -6.13
N CYS B 542 -1.64 -24.81 -5.36
CA CYS B 542 -0.71 -25.88 -5.67
C CYS B 542 -1.49 -27.05 -6.27
N SER B 543 -1.27 -27.32 -7.55
CA SER B 543 -2.02 -28.36 -8.27
C SER B 543 -1.07 -29.50 -8.64
N CYS B 544 -0.83 -30.36 -7.65
CA CYS B 544 -0.29 -31.72 -7.79
C CYS B 544 1.17 -31.78 -8.23
N GLY B 545 1.68 -30.74 -8.87
CA GLY B 545 3.12 -30.59 -8.99
C GLY B 545 3.55 -29.15 -9.16
N ASP B 546 2.57 -28.25 -9.26
CA ASP B 546 2.82 -26.95 -9.85
C ASP B 546 1.90 -25.92 -9.22
N CYS B 547 2.30 -24.66 -9.31
CA CYS B 547 1.54 -23.55 -8.76
C CYS B 547 0.61 -22.97 -9.83
N LEU B 548 -0.66 -22.83 -9.48
CA LEU B 548 -1.64 -22.13 -10.31
C LEU B 548 -1.75 -20.71 -9.76
N CYS B 549 -1.00 -19.79 -10.37
CA CYS B 549 -0.86 -18.46 -9.81
C CYS B 549 -2.19 -17.73 -9.75
N ASP B 550 -2.40 -16.96 -8.68
CA ASP B 550 -3.58 -16.14 -8.54
C ASP B 550 -3.54 -15.01 -9.58
N SER B 551 -4.61 -14.22 -9.60
CA SER B 551 -4.72 -13.13 -10.56
C SER B 551 -3.58 -12.13 -10.36
N ASP B 552 -3.07 -11.61 -11.47
CA ASP B 552 -1.96 -10.65 -11.48
C ASP B 552 -0.66 -11.25 -10.94
N TRP B 553 -0.50 -12.56 -11.10
CA TRP B 553 0.75 -13.23 -10.76
C TRP B 553 1.05 -14.27 -11.83
N THR B 554 2.34 -14.38 -12.18
CA THR B 554 2.79 -15.31 -13.21
C THR B 554 4.13 -15.90 -12.79
N GLY B 555 4.53 -16.95 -13.49
CA GLY B 555 5.82 -17.59 -13.29
C GLY B 555 5.68 -18.94 -12.61
N TYR B 556 6.80 -19.68 -12.62
CA TYR B 556 6.84 -20.98 -11.98
C TYR B 556 6.66 -20.85 -10.47
N TYR B 557 7.24 -19.81 -9.86
CA TYR B 557 7.10 -19.56 -8.44
C TYR B 557 5.96 -18.59 -8.11
N CYS B 558 5.28 -18.06 -9.13
CA CYS B 558 4.21 -17.08 -8.95
C CYS B 558 4.68 -15.85 -8.17
N ASN B 559 5.96 -15.51 -8.29
CA ASN B 559 6.52 -14.33 -7.63
C ASN B 559 6.78 -13.19 -8.61
N CYS B 560 6.14 -13.21 -9.77
CA CYS B 560 6.30 -12.21 -10.81
C CYS B 560 4.96 -11.54 -11.08
N THR B 561 4.86 -10.25 -10.78
CA THR B 561 3.62 -9.53 -10.98
C THR B 561 3.44 -9.14 -12.44
N THR B 562 2.19 -8.86 -12.80
CA THR B 562 1.85 -8.27 -14.09
C THR B 562 1.69 -6.76 -14.02
N ARG B 563 1.96 -6.17 -12.86
CA ARG B 563 1.78 -4.73 -12.68
C ARG B 563 2.88 -3.95 -13.39
N THR B 564 2.48 -2.94 -14.15
CA THR B 564 3.42 -2.03 -14.80
C THR B 564 3.38 -0.63 -14.18
N ASP B 565 2.71 -0.46 -13.05
CA ASP B 565 2.63 0.84 -12.41
C ASP B 565 3.93 1.21 -11.70
N THR B 566 4.60 0.24 -11.09
CA THR B 566 5.89 0.50 -10.47
C THR B 566 6.99 0.75 -11.48
N CYS B 567 6.78 0.34 -12.74
CA CYS B 567 7.71 0.64 -13.82
C CYS B 567 7.50 2.03 -14.42
N MET B 568 6.38 2.68 -14.10
CA MET B 568 6.04 3.96 -14.70
C MET B 568 6.90 5.08 -14.10
N SER B 569 7.48 5.90 -14.96
CA SER B 569 8.30 7.02 -14.53
C SER B 569 7.42 8.26 -14.36
N SER B 570 8.04 9.42 -14.17
CA SER B 570 7.29 10.66 -14.01
C SER B 570 6.92 11.27 -15.35
N ASN B 571 7.72 11.03 -16.39
CA ASN B 571 7.43 11.59 -17.71
C ASN B 571 6.32 10.85 -18.44
N GLY B 572 5.97 9.64 -17.97
CA GLY B 572 4.92 8.83 -18.59
C GLY B 572 5.41 7.51 -19.14
N LEU B 573 6.62 7.50 -19.70
CA LEU B 573 7.16 6.27 -20.26
C LEU B 573 7.60 5.32 -19.16
N LEU B 574 7.25 4.05 -19.30
CA LEU B 574 7.72 3.03 -18.37
C LEU B 574 9.21 2.78 -18.58
N CYS B 575 9.96 2.86 -17.49
CA CYS B 575 11.43 2.72 -17.50
C CYS B 575 12.09 3.75 -18.39
N SER B 576 11.41 4.86 -18.65
CA SER B 576 11.92 5.98 -19.45
C SER B 576 12.35 5.57 -20.85
N GLY B 577 11.78 4.50 -21.40
CA GLY B 577 12.22 4.02 -22.68
C GLY B 577 13.63 3.49 -22.72
N ARG B 578 14.30 3.34 -21.57
CA ARG B 578 15.68 2.90 -21.52
C ARG B 578 15.83 1.46 -21.05
N GLY B 579 14.74 0.71 -20.95
CA GLY B 579 14.83 -0.68 -20.51
C GLY B 579 13.45 -1.30 -20.47
N LYS B 580 13.45 -2.62 -20.38
CA LYS B 580 12.23 -3.40 -20.29
C LYS B 580 11.68 -3.37 -18.87
N CYS B 581 10.43 -3.82 -18.73
CA CYS B 581 9.76 -3.92 -17.44
C CYS B 581 9.40 -5.37 -17.20
N GLU B 582 10.04 -6.00 -16.21
CA GLU B 582 9.81 -7.40 -15.89
C GLU B 582 9.43 -7.52 -14.43
N CYS B 583 8.25 -8.07 -14.17
CA CYS B 583 7.75 -8.32 -12.80
C CYS B 583 7.74 -7.04 -11.97
N GLY B 584 7.30 -5.94 -12.59
CA GLY B 584 7.21 -4.68 -11.89
C GLY B 584 8.53 -4.00 -11.60
N SER B 585 9.62 -4.50 -12.16
CA SER B 585 10.94 -3.93 -11.97
C SER B 585 11.60 -3.73 -13.33
N CYS B 586 12.20 -2.57 -13.54
CA CYS B 586 12.86 -2.27 -14.80
C CYS B 586 14.18 -3.01 -14.92
N VAL B 587 14.56 -3.31 -16.16
CA VAL B 587 15.88 -3.85 -16.48
C VAL B 587 16.39 -2.98 -17.63
N CYS B 588 17.31 -2.06 -17.31
CA CYS B 588 17.73 -1.06 -18.29
C CYS B 588 18.57 -1.70 -19.39
N ILE B 589 18.36 -1.21 -20.62
CA ILE B 589 19.09 -1.71 -21.78
C ILE B 589 20.11 -0.70 -22.28
N GLN B 590 19.80 0.59 -22.22
CA GLN B 590 20.73 1.60 -22.69
C GLN B 590 21.95 1.62 -21.80
N PRO B 591 23.16 1.57 -22.35
CA PRO B 591 24.37 1.50 -21.51
C PRO B 591 24.51 2.73 -20.63
N GLY B 592 24.98 2.50 -19.40
CA GLY B 592 25.19 3.58 -18.45
C GLY B 592 23.94 4.09 -17.77
N SER B 593 22.81 3.44 -17.95
CA SER B 593 21.54 3.83 -17.33
C SER B 593 21.22 2.89 -16.18
N TYR B 594 20.66 3.46 -15.11
CA TYR B 594 20.33 2.69 -13.91
C TYR B 594 19.26 3.45 -13.14
N GLY B 595 18.80 2.84 -12.05
CA GLY B 595 17.74 3.39 -11.23
C GLY B 595 16.48 2.56 -11.34
N ASP B 596 15.45 3.01 -10.61
CA ASP B 596 14.17 2.31 -10.59
C ASP B 596 13.52 2.32 -11.97
N THR B 597 13.46 3.49 -12.61
CA THR B 597 12.89 3.64 -13.94
C THR B 597 13.95 4.01 -14.97
N CYS B 598 15.21 3.65 -14.70
CA CYS B 598 16.34 4.02 -15.54
C CYS B 598 16.40 5.53 -15.77
N GLU B 599 15.94 6.29 -14.77
CA GLU B 599 15.89 7.75 -14.90
C GLU B 599 17.26 8.38 -14.78
N LYS B 600 18.23 7.70 -14.18
CA LYS B 600 19.57 8.22 -13.98
C LYS B 600 20.50 7.63 -15.03
N CYS B 601 21.06 8.49 -15.88
CA CYS B 601 22.08 8.09 -16.83
C CYS B 601 23.01 9.27 -17.07
N PRO B 602 23.96 9.50 -16.16
CA PRO B 602 24.86 10.65 -16.32
C PRO B 602 25.80 10.54 -17.50
N THR B 603 26.01 9.34 -18.03
CA THR B 603 26.90 9.13 -19.16
C THR B 603 26.16 9.03 -20.49
N CYS B 604 24.85 9.21 -20.50
CA CYS B 604 24.09 9.24 -21.73
C CYS B 604 24.42 10.51 -22.52
N PRO B 605 24.21 10.50 -23.83
CA PRO B 605 24.44 11.71 -24.63
C PRO B 605 23.51 12.84 -24.19
N ASP B 606 23.97 14.06 -24.40
CA ASP B 606 23.22 15.24 -24.00
C ASP B 606 21.91 15.34 -24.79
N ALA B 607 21.07 16.29 -24.40
CA ALA B 607 19.81 16.51 -25.10
C ALA B 607 20.01 16.98 -26.52
N CYS B 608 21.20 17.52 -26.85
CA CYS B 608 21.46 17.96 -28.21
C CYS B 608 21.38 16.81 -29.20
N THR B 609 21.96 15.66 -28.85
CA THR B 609 21.89 14.50 -29.74
C THR B 609 20.48 13.94 -29.83
N PHE B 610 19.72 13.97 -28.72
CA PHE B 610 18.37 13.42 -28.73
C PHE B 610 17.39 14.32 -29.47
N LYS B 611 17.39 15.62 -29.17
CA LYS B 611 16.38 16.51 -29.72
C LYS B 611 16.63 16.87 -31.18
N LYS B 612 17.86 16.71 -31.68
CA LYS B 612 18.12 16.99 -33.08
C LYS B 612 17.50 15.94 -34.00
N GLU B 613 17.14 14.77 -33.45
CA GLU B 613 16.43 13.78 -34.25
C GLU B 613 15.01 14.24 -34.58
N CYS B 614 14.45 15.15 -33.77
CA CYS B 614 13.13 15.70 -34.08
C CYS B 614 13.22 16.81 -35.11
N VAL B 615 14.17 17.71 -34.96
CA VAL B 615 14.33 18.81 -35.91
C VAL B 615 14.72 18.33 -37.29
N GLU B 616 15.14 17.07 -37.42
CA GLU B 616 15.43 16.50 -38.73
C GLU B 616 14.15 15.99 -39.39
N CYS B 617 13.36 15.19 -38.67
CA CYS B 617 12.14 14.65 -39.27
C CYS B 617 11.02 15.68 -39.29
N LYS B 618 11.03 16.66 -38.38
CA LYS B 618 9.95 17.64 -38.36
C LYS B 618 10.22 18.79 -39.31
N LYS B 619 11.42 19.37 -39.26
CA LYS B 619 11.74 20.55 -40.05
C LYS B 619 12.33 20.21 -41.41
N PHE B 620 13.15 19.16 -41.49
CA PHE B 620 13.75 18.77 -42.76
C PHE B 620 13.13 17.52 -43.37
N ASP B 621 12.24 16.83 -42.64
CA ASP B 621 11.48 15.71 -43.17
C ASP B 621 12.39 14.61 -43.74
N ARG B 622 13.33 14.17 -42.91
CA ARG B 622 14.32 13.18 -43.33
C ARG B 622 15.00 12.61 -42.08
N GLY B 623 16.04 11.81 -42.29
CA GLY B 623 16.79 11.23 -41.19
C GLY B 623 16.03 10.11 -40.51
N ALA B 624 16.59 9.66 -39.40
CA ALA B 624 15.95 8.65 -38.58
C ALA B 624 14.71 9.24 -37.91
N LEU B 625 13.92 8.36 -37.29
CA LEU B 625 12.65 8.68 -36.64
C LEU B 625 11.59 9.11 -37.65
N HIS B 626 11.90 9.10 -38.94
CA HIS B 626 10.99 9.48 -40.01
C HIS B 626 10.45 8.27 -40.78
N ASP B 627 11.34 7.36 -41.18
CA ASP B 627 10.92 6.18 -41.92
C ASP B 627 10.07 5.24 -41.08
N GLU B 628 10.16 5.32 -39.75
CA GLU B 628 9.29 4.53 -38.88
C GLU B 628 7.93 5.18 -38.66
N ASN B 629 7.69 6.36 -39.23
CA ASN B 629 6.46 7.12 -39.06
C ASN B 629 6.18 7.46 -37.61
N THR B 630 7.21 7.44 -36.77
CA THR B 630 7.10 7.81 -35.37
C THR B 630 7.58 9.23 -35.11
N CYS B 631 7.69 10.04 -36.16
CA CYS B 631 8.18 11.41 -36.01
C CYS B 631 7.28 12.22 -35.09
N ASN B 632 6.02 12.43 -35.47
CA ASN B 632 5.11 13.21 -34.64
C ASN B 632 4.31 12.33 -33.69
N ARG B 633 5.00 11.42 -33.01
CA ARG B 633 4.51 10.83 -31.76
C ARG B 633 5.50 11.03 -30.63
N TYR B 634 6.78 10.73 -30.86
CA TYR B 634 7.82 10.97 -29.88
C TYR B 634 8.21 12.45 -29.81
N CYS B 635 8.00 13.19 -30.90
CA CYS B 635 8.35 14.61 -30.97
C CYS B 635 7.09 15.42 -30.69
N ARG B 636 6.83 15.68 -29.41
CA ARG B 636 5.75 16.55 -29.00
C ARG B 636 6.22 17.99 -28.75
N ASP B 637 7.51 18.26 -28.91
CA ASP B 637 8.04 19.59 -28.67
C ASP B 637 7.55 20.57 -29.74
N GLU B 638 7.25 21.79 -29.31
CA GLU B 638 6.90 22.85 -30.24
C GLU B 638 8.16 23.33 -30.94
N ILE B 639 8.13 23.36 -32.27
CA ILE B 639 9.27 23.75 -33.09
C ILE B 639 8.84 24.90 -33.98
N GLU B 640 9.67 25.95 -34.04
CA GLU B 640 9.44 27.09 -34.90
C GLU B 640 10.77 27.57 -35.45
N SER B 641 10.86 27.69 -36.77
CA SER B 641 12.08 28.19 -37.40
C SER B 641 12.22 29.68 -37.14
N VAL B 642 13.33 30.08 -36.52
CA VAL B 642 13.56 31.46 -36.15
C VAL B 642 14.97 31.86 -36.59
N LYS B 643 15.39 33.07 -36.20
CA LYS B 643 16.70 33.58 -36.58
C LYS B 643 17.41 34.16 -35.37
N GLU B 644 18.74 34.08 -35.39
CA GLU B 644 19.70 34.73 -34.50
C GLU B 644 19.88 34.05 -33.14
N LEU B 645 19.13 33.00 -32.82
CA LEU B 645 19.35 32.21 -31.61
C LEU B 645 19.28 33.09 -30.36
N LYS B 646 18.04 33.52 -30.07
CA LYS B 646 17.76 34.66 -29.20
C LYS B 646 18.38 34.50 -27.80
N ASP B 647 18.38 35.61 -27.06
CA ASP B 647 19.19 35.77 -25.85
C ASP B 647 18.65 35.04 -24.64
N THR B 648 17.34 34.82 -24.56
CA THR B 648 16.73 34.37 -23.31
C THR B 648 17.19 32.94 -23.03
N GLY B 649 18.19 32.81 -22.17
CA GLY B 649 18.75 31.53 -21.80
C GLY B 649 18.50 31.19 -20.35
N LYS B 650 17.27 31.46 -19.88
CA LYS B 650 16.89 31.17 -18.50
C LYS B 650 17.31 29.76 -18.10
N ASP B 651 16.84 28.76 -18.85
CA ASP B 651 17.38 27.41 -18.76
C ASP B 651 17.22 26.79 -20.16
N ALA B 652 18.29 26.91 -20.95
CA ALA B 652 18.25 26.45 -22.33
C ALA B 652 19.62 25.94 -22.73
N VAL B 653 19.66 25.17 -23.82
CA VAL B 653 20.88 24.59 -24.34
C VAL B 653 20.97 24.89 -25.83
N ASN B 654 22.10 25.44 -26.26
CA ASN B 654 22.37 25.67 -27.68
C ASN B 654 23.04 24.44 -28.26
N CYS B 655 22.51 23.96 -29.39
CA CYS B 655 22.99 22.73 -30.01
C CYS B 655 23.32 22.98 -31.47
N THR B 656 24.47 22.49 -31.90
CA THR B 656 24.91 22.61 -33.29
C THR B 656 25.28 21.22 -33.81
N TYR B 657 24.90 20.94 -35.06
CA TYR B 657 25.20 19.66 -35.68
C TYR B 657 25.28 19.85 -37.18
N LYS B 658 25.90 18.86 -37.85
CA LYS B 658 26.06 18.87 -39.30
C LYS B 658 25.14 17.81 -39.90
N ASN B 659 24.27 18.24 -40.80
CA ASN B 659 23.32 17.33 -41.44
C ASN B 659 23.99 16.58 -42.59
N GLU B 660 23.21 15.75 -43.28
CA GLU B 660 23.73 15.02 -44.44
C GLU B 660 24.01 15.93 -45.62
N ASP B 661 23.45 17.13 -45.63
CA ASP B 661 23.78 18.14 -46.64
C ASP B 661 25.09 18.84 -46.36
N ASP B 662 25.82 18.42 -45.32
CA ASP B 662 27.11 19.00 -44.94
C ASP B 662 26.98 20.48 -44.59
N CYS B 663 25.89 20.82 -43.91
CA CYS B 663 25.67 22.18 -43.42
C CYS B 663 25.45 22.16 -41.92
N VAL B 664 25.75 23.28 -41.27
CA VAL B 664 25.70 23.39 -39.81
C VAL B 664 24.37 23.99 -39.42
N VAL B 665 23.58 23.23 -38.66
CA VAL B 665 22.29 23.67 -38.16
C VAL B 665 22.42 23.98 -36.68
N ARG B 666 21.79 25.08 -36.24
CA ARG B 666 21.83 25.51 -34.86
C ARG B 666 20.40 25.64 -34.34
N PHE B 667 20.14 25.07 -33.16
CA PHE B 667 18.82 25.12 -32.56
C PHE B 667 18.96 25.23 -31.05
N GLN B 668 17.82 25.26 -30.36
CA GLN B 668 17.77 25.50 -28.93
C GLN B 668 16.68 24.64 -28.30
N TYR B 669 16.70 24.55 -26.96
CA TYR B 669 15.75 23.74 -26.21
C TYR B 669 15.45 24.47 -24.90
N TYR B 670 14.22 24.98 -24.78
CA TYR B 670 13.79 25.73 -23.60
C TYR B 670 12.50 25.13 -23.06
N GLU B 671 12.29 25.30 -21.76
CA GLU B 671 11.07 24.83 -21.11
C GLU B 671 10.65 25.80 -20.02
N ASP B 672 9.35 25.98 -19.86
CA ASP B 672 8.80 26.70 -18.73
C ASP B 672 8.55 25.72 -17.60
N SER B 673 8.64 26.22 -16.36
CA SER B 673 8.64 25.36 -15.18
C SER B 673 7.41 24.45 -15.16
N SER B 674 7.67 23.13 -15.16
CA SER B 674 6.65 22.10 -15.11
C SER B 674 5.69 22.17 -16.29
N GLY B 675 6.09 22.83 -17.37
CA GLY B 675 5.22 22.99 -18.52
C GLY B 675 5.68 22.21 -19.74
N LYS B 676 5.76 22.89 -20.88
CA LYS B 676 6.16 22.27 -22.13
C LYS B 676 7.60 22.62 -22.47
N SER B 677 8.15 21.90 -23.44
CA SER B 677 9.50 22.13 -23.93
C SER B 677 9.43 22.51 -25.40
N ILE B 678 9.94 23.70 -25.73
CA ILE B 678 9.85 24.24 -27.08
C ILE B 678 11.23 24.20 -27.73
N LEU B 679 11.24 24.15 -29.05
CA LEU B 679 12.47 24.08 -29.84
C LEU B 679 12.52 25.24 -30.81
N TYR B 680 13.51 26.11 -30.65
CA TYR B 680 13.81 27.13 -31.65
C TYR B 680 14.83 26.57 -32.64
N VAL B 681 14.67 26.90 -33.91
CA VAL B 681 15.56 26.44 -34.96
C VAL B 681 16.01 27.64 -35.78
N VAL B 682 17.32 27.81 -35.92
CA VAL B 682 17.85 28.92 -36.71
C VAL B 682 17.67 28.60 -38.19
N GLU B 683 16.94 29.46 -38.89
CA GLU B 683 16.76 29.28 -40.32
C GLU B 683 18.03 29.69 -41.07
N GLU B 684 18.12 29.23 -42.32
CA GLU B 684 19.24 29.50 -43.20
C GLU B 684 20.56 29.04 -42.60
N PRO B 685 20.80 27.72 -42.52
CA PRO B 685 22.05 27.22 -41.96
C PRO B 685 23.27 27.59 -42.80
N GLU B 686 24.46 27.21 -42.34
CA GLU B 686 25.71 27.54 -43.00
C GLU B 686 26.17 26.36 -43.84
N CYS B 687 26.33 26.59 -45.15
CA CYS B 687 26.72 25.58 -46.11
C CYS B 687 28.01 26.00 -46.81
N PRO B 688 28.75 25.04 -47.38
CA PRO B 688 29.98 25.40 -48.09
C PRO B 688 29.69 26.27 -49.30
N LYS B 689 30.46 27.35 -49.44
CA LYS B 689 30.26 28.31 -50.50
C LYS B 689 30.96 27.84 -51.79
N GLY B 690 30.63 28.51 -52.89
CA GLY B 690 31.23 28.23 -54.18
C GLY B 690 30.88 26.85 -54.73
N SER C 1 0.91 48.30 13.30
CA SER C 1 2.16 47.95 12.66
C SER C 1 1.93 47.12 11.40
N ASP C 2 0.71 46.60 11.27
CA ASP C 2 0.31 45.83 10.10
C ASP C 2 -0.29 46.70 8.99
N VAL C 3 0.07 47.98 8.97
CA VAL C 3 -0.54 48.94 8.05
C VAL C 3 0.54 49.70 7.30
N PRO C 4 0.42 49.88 5.99
CA PRO C 4 1.35 50.75 5.26
C PRO C 4 1.11 52.21 5.60
N ARG C 5 2.18 53.01 5.51
CA ARG C 5 2.11 54.44 5.85
C ARG C 5 2.59 55.26 4.64
N ASP C 6 1.67 55.49 3.70
CA ASP C 6 1.99 56.12 2.42
C ASP C 6 0.72 56.49 1.68
N LEU C 7 0.81 56.58 0.34
CA LEU C 7 -0.31 56.61 -0.60
C LEU C 7 -0.87 58.00 -0.91
N GLU C 8 -0.15 59.05 -0.55
CA GLU C 8 -0.51 60.36 -1.09
C GLU C 8 -0.46 60.33 -2.62
N VAL C 9 -1.34 61.13 -3.24
CA VAL C 9 -1.71 60.93 -4.64
C VAL C 9 -0.51 61.16 -5.57
N VAL C 10 -0.51 60.43 -6.68
CA VAL C 10 0.50 60.53 -7.73
C VAL C 10 -0.20 60.49 -9.08
N ALA C 11 0.26 61.32 -10.02
CA ALA C 11 -0.22 61.32 -11.41
C ALA C 11 -1.72 61.61 -11.47
N ALA C 12 -2.07 62.83 -11.09
CA ALA C 12 -3.45 63.28 -10.96
C ALA C 12 -4.07 63.74 -12.28
N THR C 13 -3.56 63.29 -13.44
CA THR C 13 -4.11 63.75 -14.71
C THR C 13 -5.50 63.19 -14.98
N PRO C 14 -5.72 61.88 -15.05
CA PRO C 14 -6.99 61.36 -15.58
C PRO C 14 -8.10 61.38 -14.55
N THR C 15 -9.26 60.86 -14.95
CA THR C 15 -10.38 60.63 -14.05
C THR C 15 -10.17 59.31 -13.30
N SER C 16 -9.09 59.29 -12.53
CA SER C 16 -8.63 58.08 -11.85
C SER C 16 -7.70 58.52 -10.71
N LEU C 17 -7.12 57.54 -10.02
CA LEU C 17 -6.12 57.80 -8.99
C LEU C 17 -5.01 56.76 -9.08
N LEU C 18 -3.77 57.20 -8.87
CA LEU C 18 -2.61 56.32 -8.80
C LEU C 18 -1.97 56.50 -7.44
N ILE C 19 -2.25 55.56 -6.53
CA ILE C 19 -1.76 55.62 -5.17
C ILE C 19 -0.62 54.62 -5.02
N SER C 20 0.24 54.87 -4.04
CA SER C 20 1.43 54.05 -3.85
C SER C 20 1.77 53.98 -2.37
N TRP C 21 1.60 52.82 -1.76
CA TRP C 21 1.99 52.58 -0.37
C TRP C 21 3.39 51.95 -0.33
N ASP C 22 3.93 51.84 0.88
CA ASP C 22 5.33 51.47 1.07
C ASP C 22 5.47 50.36 2.11
N ALA C 23 5.69 49.13 1.62
CA ALA C 23 6.36 48.02 2.29
C ALA C 23 6.03 47.85 3.78
N PRO C 24 4.83 47.38 4.13
CA PRO C 24 4.60 46.92 5.50
C PRO C 24 5.60 45.83 5.87
N ALA C 25 6.07 45.87 7.12
CA ALA C 25 7.13 44.96 7.54
C ALA C 25 6.70 43.51 7.47
N VAL C 26 5.45 43.22 7.85
CA VAL C 26 4.94 41.85 7.81
C VAL C 26 4.64 41.46 6.38
N THR C 27 4.68 40.15 6.11
CA THR C 27 4.36 39.64 4.78
C THR C 27 2.92 39.96 4.43
N VAL C 28 2.70 40.42 3.20
CA VAL C 28 1.40 40.87 2.73
C VAL C 28 0.89 39.91 1.66
N ARG C 29 -0.34 39.45 1.82
CA ARG C 29 -0.98 38.57 0.86
C ARG C 29 -1.69 39.34 -0.24
N TYR C 30 -2.52 40.31 0.14
CA TYR C 30 -3.27 41.12 -0.81
C TYR C 30 -3.37 42.55 -0.26
N TYR C 31 -3.92 43.43 -1.09
CA TYR C 31 -4.24 44.79 -0.69
C TYR C 31 -5.66 45.14 -1.13
N ARG C 32 -6.42 45.78 -0.25
CA ARG C 32 -7.81 46.12 -0.49
C ARG C 32 -7.98 47.62 -0.45
N ILE C 33 -8.65 48.17 -1.46
CA ILE C 33 -8.78 49.61 -1.64
C ILE C 33 -10.26 49.96 -1.76
N THR C 34 -10.74 50.88 -0.93
CA THR C 34 -12.11 51.37 -0.97
C THR C 34 -12.10 52.87 -1.25
N TYR C 35 -13.21 53.37 -1.82
CA TYR C 35 -13.26 54.76 -2.23
C TYR C 35 -14.70 55.23 -2.34
N GLY C 36 -14.88 56.55 -2.27
CA GLY C 36 -16.13 57.16 -2.74
C GLY C 36 -16.97 57.95 -1.74
N GLU C 37 -17.28 59.20 -2.13
CA GLU C 37 -18.44 59.95 -1.64
C GLU C 37 -18.39 60.12 -0.12
N THR C 38 -17.42 60.93 0.31
CA THR C 38 -17.20 61.24 1.73
C THR C 38 -18.49 61.50 2.51
N GLY C 39 -19.24 62.53 2.14
CA GLY C 39 -20.35 62.97 2.95
C GLY C 39 -21.74 62.54 2.50
N GLY C 40 -21.84 61.90 1.34
CA GLY C 40 -23.12 61.47 0.79
C GLY C 40 -23.55 60.11 1.29
N ASN C 41 -24.47 59.49 0.54
CA ASN C 41 -24.93 58.14 0.84
C ASN C 41 -23.85 57.09 0.60
N SER C 42 -22.64 57.52 0.21
CA SER C 42 -21.44 56.69 0.12
C SER C 42 -21.57 55.54 -0.87
N PRO C 43 -21.56 55.78 -2.20
CA PRO C 43 -21.32 54.67 -3.12
C PRO C 43 -19.90 54.14 -3.01
N VAL C 44 -19.64 53.37 -1.95
CA VAL C 44 -18.34 52.76 -1.73
C VAL C 44 -18.16 51.57 -2.65
N GLN C 45 -16.90 51.28 -3.00
CA GLN C 45 -16.58 50.17 -3.89
C GLN C 45 -15.10 49.84 -3.69
N GLU C 46 -14.72 48.63 -4.13
CA GLU C 46 -13.39 48.12 -3.85
C GLU C 46 -12.87 47.30 -5.03
N PHE C 47 -11.68 46.74 -4.84
CA PHE C 47 -10.99 45.86 -5.77
C PHE C 47 -9.75 45.31 -5.08
N THR C 48 -9.23 44.21 -5.61
CA THR C 48 -8.14 43.47 -4.99
C THR C 48 -6.84 43.66 -5.76
N VAL C 49 -5.74 43.80 -5.03
CA VAL C 49 -4.41 43.94 -5.63
C VAL C 49 -3.47 42.94 -4.96
N PRO C 50 -2.64 42.22 -5.71
CA PRO C 50 -1.71 41.27 -5.10
C PRO C 50 -0.69 41.98 -4.21
N GLY C 51 -0.21 41.25 -3.21
CA GLY C 51 0.66 41.81 -2.19
C GLY C 51 2.03 42.25 -2.68
N SER C 52 2.43 41.85 -3.89
CA SER C 52 3.71 42.28 -4.44
C SER C 52 3.62 43.64 -5.12
N LYS C 53 2.45 44.04 -5.60
CA LYS C 53 2.28 45.33 -6.25
C LYS C 53 1.99 46.40 -5.19
N SER C 54 2.67 47.54 -5.32
CA SER C 54 2.55 48.65 -4.38
C SER C 54 1.70 49.79 -4.91
N THR C 55 1.06 49.62 -6.07
CA THR C 55 0.25 50.67 -6.68
C THR C 55 -1.07 50.08 -7.16
N ALA C 56 -2.01 50.97 -7.47
CA ALA C 56 -3.34 50.57 -7.93
C ALA C 56 -3.96 51.72 -8.70
N THR C 57 -5.13 51.44 -9.28
CA THR C 57 -5.87 52.43 -10.06
C THR C 57 -7.35 52.28 -9.80
N ILE C 58 -8.07 53.41 -9.78
CA ILE C 58 -9.51 53.44 -9.55
C ILE C 58 -10.17 54.15 -10.72
N SER C 59 -11.48 53.92 -10.87
CA SER C 59 -12.21 54.48 -12.00
C SER C 59 -13.64 54.80 -11.58
N GLY C 60 -14.24 55.74 -12.32
CA GLY C 60 -15.66 56.01 -12.19
C GLY C 60 -16.03 57.09 -11.21
N LEU C 61 -15.24 58.17 -11.15
CA LEU C 61 -15.48 59.24 -10.20
C LEU C 61 -15.83 60.53 -10.93
N LYS C 62 -16.38 61.48 -10.16
CA LYS C 62 -16.76 62.79 -10.66
C LYS C 62 -15.51 63.61 -10.96
N PRO C 63 -15.64 64.73 -11.69
CA PRO C 63 -14.45 65.52 -12.04
C PRO C 63 -13.79 66.15 -10.82
N GLY C 64 -13.07 65.34 -10.05
CA GLY C 64 -12.36 65.82 -8.88
C GLY C 64 -13.28 66.40 -7.81
N VAL C 65 -14.14 65.57 -7.24
CA VAL C 65 -15.10 66.03 -6.25
C VAL C 65 -14.67 65.63 -4.83
N ASP C 66 -13.38 65.40 -4.61
CA ASP C 66 -12.79 65.17 -3.30
C ASP C 66 -13.39 63.93 -2.63
N TYR C 67 -13.09 62.78 -3.22
CA TYR C 67 -13.46 61.49 -2.67
C TYR C 67 -12.67 61.19 -1.39
N THR C 68 -12.90 60.01 -0.83
CA THR C 68 -12.14 59.47 0.30
C THR C 68 -11.65 58.08 -0.07
N ILE C 69 -10.37 57.82 0.17
CA ILE C 69 -9.72 56.58 -0.25
C ILE C 69 -9.12 55.89 0.97
N THR C 70 -9.34 54.57 1.07
CA THR C 70 -8.77 53.76 2.13
C THR C 70 -8.06 52.56 1.53
N VAL C 71 -7.07 52.05 2.26
CA VAL C 71 -6.29 50.88 1.82
C VAL C 71 -6.11 49.94 3.00
N TYR C 72 -6.40 48.66 2.78
CA TYR C 72 -6.24 47.60 3.77
C TYR C 72 -5.09 46.68 3.39
N ALA C 73 -4.52 46.02 4.39
CA ALA C 73 -3.48 45.02 4.21
C ALA C 73 -4.01 43.67 4.67
N VAL C 74 -3.79 42.64 3.88
CA VAL C 74 -4.39 41.34 4.08
C VAL C 74 -3.32 40.39 4.61
N THR C 75 -3.57 39.82 5.79
CA THR C 75 -2.63 38.86 6.36
C THR C 75 -2.72 37.52 5.64
N PRO C 76 -1.58 36.83 5.43
CA PRO C 76 -1.51 35.51 4.81
C PRO C 76 -2.01 34.36 5.70
N GLY C 78 -5.39 32.32 7.68
CA GLY C 78 -6.81 32.03 7.57
C GLY C 78 -7.31 32.25 6.16
N ASP C 79 -8.61 32.46 6.02
CA ASP C 79 -9.18 32.74 4.71
C ASP C 79 -8.93 34.18 4.29
N TRP C 80 -9.44 35.13 5.07
CA TRP C 80 -9.24 36.55 4.77
C TRP C 80 -9.25 37.31 6.08
N ASN C 81 -8.07 37.57 6.63
CA ASN C 81 -7.90 38.42 7.80
C ASN C 81 -7.09 39.65 7.41
N GLU C 82 -7.49 40.81 7.90
CA GLU C 82 -6.85 42.07 7.52
C GLU C 82 -6.92 43.03 8.70
N GLY C 83 -6.51 44.26 8.46
CA GLY C 83 -6.53 45.29 9.48
C GLY C 83 -5.66 46.47 9.08
N GLY C 84 -5.76 47.52 9.88
CA GLY C 84 -5.00 48.73 9.66
C GLY C 84 -5.46 49.52 8.46
N PRO C 85 -6.66 50.13 8.55
CA PRO C 85 -7.19 50.91 7.42
C PRO C 85 -6.68 52.35 7.34
N ILE C 86 -5.51 52.53 6.74
CA ILE C 86 -5.00 53.88 6.49
C ILE C 86 -5.87 54.56 5.44
N SER C 87 -6.21 55.82 5.67
CA SER C 87 -7.16 56.54 4.83
C SER C 87 -6.59 57.89 4.42
N ILE C 88 -7.06 58.39 3.27
CA ILE C 88 -6.74 59.73 2.80
C ILE C 88 -7.99 60.30 2.13
N ASN C 89 -8.14 61.61 2.20
CA ASN C 89 -9.27 62.32 1.61
C ASN C 89 -8.76 63.19 0.47
N TYR C 90 -9.03 62.78 -0.76
CA TYR C 90 -8.60 63.53 -1.94
C TYR C 90 -9.69 63.55 -3.00
#